data_8UX1
#
_entry.id   8UX1
#
_cell.length_a   1.00
_cell.length_b   1.00
_cell.length_c   1.00
_cell.angle_alpha   90.00
_cell.angle_beta   90.00
_cell.angle_gamma   90.00
#
_symmetry.space_group_name_H-M   'P 1'
#
loop_
_entity.id
_entity.type
_entity.pdbx_description
1 polymer 'Histone H3'
2 polymer 'Histone H4'
3 polymer 'Histone H2A'
4 polymer 'Histone H2B'
5 polymer '153-bp Widom 601 DNA forward strand'
6 polymer '153-bp Widom 601 DNA reverse strand'
7 polymer 'GTP-binding nuclear protein Ran'
8 polymer 'Regulator of chromosome condensation'
#
loop_
_entity_poly.entity_id
_entity_poly.type
_entity_poly.pdbx_seq_one_letter_code
_entity_poly.pdbx_strand_id
1 'polypeptide(L)'
;MARTKQTARKSTGGKAPRKQLATKAARKSAPATGGVKKPHRYRPGTVALREIRRYQKSTELLIRKLPFQRLVREIAQDFK
TDLRFQSSAVMALQEASEAYLVGLFEDTNLSAIHAKRVTIMPKDIQLARRIRGERA
;
A,E
2 'polypeptide(L)'
;MITGRGKGGKGLGKGGAKRHRKVLRDNIQGITKPAIRRLARRGGVKRISGLIYEETRGVLKVFLENVIRDAVTYTEHAKR
KTVTAMDVVYALKRQGRTLYGFGG
;
B,F
3 'polypeptide(L)'
;MSGRGKGGKVKGKAKSRSNRAGLQFPVGRIHRLLRKGNYAERVGAGAPVYLAAVMEYLAAEVLELAGNAARDNKKTRIIP
RHLQLAIRNDEELNKLLSGVTIAQGGVLPNIQAVLLPKKTEKKA
;
C,G
4 'polypeptide(L)'
;GMIPPKTSGKAAKKAGKAQKNITKTDKKKKRKRKESYAIYIYKVLKQVHPDTGISSKAMSIMNSFVNDIFERIAAEASRL
AHYNKRSTITSREIQTAVRLLLPGELAKHAVSEGTKAVTKYTSSK
;
D,H
5 'polydeoxyribonucleotide'
;(DA)(DT)(DC)(DA)(DC)(DA)(DG)(DG)(DA)(DT)(DG)(DT)(DA)(DT)(DA)(DT)(DA)(DT)(DC)(DT)
(DG)(DA)(DC)(DA)(DC)(DG)(DT)(DG)(DC)(DC)(DT)(DG)(DG)(DA)(DG)(DA)(DC)(DT)(DA)(DG)
(DG)(DG)(DA)(DG)(DT)(DA)(DA)(DT)(DC)(DC)(DC)(DC)(DT)(DT)(DG)(DG)(DC)(DG)(DG)(DT)
(DT)(DA)(DA)(DA)(DA)(DC)(DG)(DC)(DG)(DG)(DG)(DG)(DG)(DA)(DC)(DA)(DG)(DC)(DG)(DC)
(DG)(DT)(DA)(DC)(DG)(DT)(DG)(DC)(DG)(DT)(DT)(DT)(DA)(DA)(DG)(DC)(DG)(DG)(DT)(DG)
(DC)(DT)(DA)(DG)(DA)(DG)(DC)(DT)(DG)(DT)(DC)(DT)(DA)(DC)(DG)(DA)(DC)(DC)(DA)(DA)
(DT)(DT)(DG)(DA)(DG)(DC)(DG)(DG)(DC)(DC)(DT)(DC)(DG)(DG)(DC)(DA)(DC)(DC)(DG)(DG)
(DG)(DA)(DT)(DT)(DC)(DT)(DC)(DC)(DA)(DG)(DG)(DA)(DT)
;
I
6 'polydeoxyribonucleotide'
;(DA)(DT)(DC)(DC)(DT)(DG)(DG)(DA)(DG)(DA)(DA)(DT)(DC)(DC)(DC)(DG)(DG)(DT)(DG)(DC)
(DC)(DG)(DA)(DG)(DG)(DC)(DC)(DG)(DC)(DT)(DC)(DA)(DA)(DT)(DT)(DG)(DG)(DT)(DC)(DG)
(DT)(DA)(DG)(DA)(DC)(DA)(DG)(DC)(DT)(DC)(DT)(DA)(DG)(DC)(DA)(DC)(DC)(DG)(DC)(DT)
(DT)(DA)(DA)(DA)(DC)(DG)(DC)(DA)(DC)(DG)(DT)(DA)(DC)(DG)(DC)(DG)(DC)(DT)(DG)(DT)
(DC)(DC)(DC)(DC)(DC)(DG)(DC)(DG)(DT)(DT)(DT)(DT)(DA)(DA)(DC)(DC)(DG)(DC)(DC)(DA)
(DA)(DG)(DG)(DG)(DG)(DA)(DT)(DT)(DA)(DC)(DT)(DC)(DC)(DC)(DT)(DA)(DG)(DT)(DC)(DT)
(DC)(DC)(DA)(DG)(DG)(DC)(DA)(DC)(DG)(DT)(DG)(DT)(DC)(DA)(DG)(DA)(DT)(DA)(DT)(DA)
(DT)(DA)(DC)(DA)(DT)(DC)(DC)(DT)(DG)(DT)(DG)(DA)(DT)
;
J
7 'polypeptide(L)'
;MAAQGEPQVQFKLVLVGDGGTGKTTFVKRHLTGEFEKKYVATLGVEVHPLVFHTNRGPIKFNVWDTAGQEKFGGLRDGYY
IQAQCAIIMFDVTSRVTYKNVPNWHRDLVRVCENIPIVLCGNKVDIKDRKVKAKSIVFHRKKNLQYYDISAKSNYNFEKP
FLWLARKLIGDPNLEFVAMPALAPPEVVMDPALAAQYEHDLEVAQTTALPDEDDDL
;
K
8 'polypeptide(L)'
;SPKRIAKRRSPPADAIPKSKKVKVSHRSHSTEPGLVLTLGQGDVGQLGLGENVMERKKPALVSIPEDVVQAEAGGMHTVC
LSKSGQVYSFGCNDEGALGRDTSVEGSEMVPGKVELQEKVVQVSAGDSHTAALTDDGRVFLWGSFRDNNGVIGLLEPMKK
SMVPVQVQLDVPVVKVASGNDHLVMLTADGDLYTLGCGEQGQLGRVPELFANRGGRQGLERLLVPKCVMLKSRGSRGHVR
FQDAFCGAYFTFAISHEGHVYGFGLSNYHQLGTPGTESCFIPQNLTSFKNSTKSWVGFSGGQHHTVCMDSEGKAYSLGRA
EYGRLGLGEGAEEKSIPTLISRLPAVSSVACGASVGYAVTKDGRVFAWGMGTNYQLGTGQDEDAWSPVEMMGKQLENRVV
LSVSSGGQHTVLLVKDKEQS
;
L
#
loop_
_chem_comp.id
_chem_comp.type
_chem_comp.name
_chem_comp.formula
DA DNA linking 2'-DEOXYADENOSINE-5'-MONOPHOSPHATE 'C10 H14 N5 O6 P'
DC DNA linking 2'-DEOXYCYTIDINE-5'-MONOPHOSPHATE 'C9 H14 N3 O7 P'
DG DNA linking 2'-DEOXYGUANOSINE-5'-MONOPHOSPHATE 'C10 H14 N5 O7 P'
DT DNA linking THYMIDINE-5'-MONOPHOSPHATE 'C10 H15 N2 O8 P'
#
# COMPACT_ATOMS: atom_id res chain seq x y z
N LYS A 38 68.57 -7.76 -11.59
CA LYS A 38 67.18 -8.13 -11.16
C LYS A 38 66.16 -7.44 -12.05
N PRO A 39 65.00 -8.07 -12.26
CA PRO A 39 63.96 -7.43 -13.06
C PRO A 39 63.52 -6.11 -12.45
N HIS A 40 63.21 -5.15 -13.31
CA HIS A 40 62.77 -3.84 -12.86
C HIS A 40 61.34 -3.94 -12.32
N ARG A 41 61.10 -3.35 -11.15
CA ARG A 41 59.79 -3.33 -10.52
C ARG A 41 59.46 -1.93 -10.05
N TYR A 42 58.21 -1.52 -10.24
CA TYR A 42 57.71 -0.30 -9.66
C TYR A 42 57.23 -0.54 -8.24
N ARG A 43 57.46 0.43 -7.38
CA ARG A 43 57.04 0.30 -6.00
C ARG A 43 55.52 0.27 -5.91
N PRO A 44 54.95 -0.42 -4.92
CA PRO A 44 53.49 -0.46 -4.81
C PRO A 44 52.90 0.95 -4.71
N GLY A 45 52.01 1.26 -5.63
CA GLY A 45 51.33 2.54 -5.68
C GLY A 45 51.72 3.39 -6.86
N THR A 46 52.87 3.14 -7.49
CA THR A 46 53.25 3.89 -8.67
C THR A 46 52.30 3.59 -9.83
N VAL A 47 52.08 2.31 -10.11
CA VAL A 47 51.17 1.93 -11.19
C VAL A 47 49.75 2.34 -10.84
N ALA A 48 49.39 2.33 -9.56
CA ALA A 48 48.05 2.77 -9.17
C ALA A 48 47.85 4.23 -9.51
N LEU A 49 48.83 5.08 -9.20
CA LEU A 49 48.72 6.49 -9.54
C LEU A 49 48.71 6.69 -11.05
N ARG A 50 49.54 5.93 -11.78
CA ARG A 50 49.53 6.03 -13.22
C ARG A 50 48.16 5.69 -13.78
N GLU A 51 47.53 4.64 -13.26
CA GLU A 51 46.20 4.26 -13.72
C GLU A 51 45.17 5.32 -13.35
N ILE A 52 45.27 5.90 -12.16
CA ILE A 52 44.34 6.96 -11.78
C ILE A 52 44.43 8.10 -12.78
N ARG A 53 45.65 8.51 -13.12
CA ARG A 53 45.82 9.57 -14.11
C ARG A 53 45.27 9.16 -15.46
N ARG A 54 45.48 7.91 -15.84
CA ARG A 54 44.99 7.44 -17.14
C ARG A 54 43.47 7.53 -17.22
N TYR A 55 42.77 6.98 -16.23
CA TYR A 55 41.32 6.87 -16.30
C TYR A 55 40.60 8.15 -15.92
N GLN A 56 41.28 9.12 -15.33
CA GLN A 56 40.68 10.43 -15.11
C GLN A 56 40.88 11.35 -16.30
N LYS A 57 41.62 10.91 -17.31
CA LYS A 57 41.80 11.66 -18.55
C LYS A 57 41.00 11.08 -19.71
N SER A 58 40.69 9.79 -19.66
CA SER A 58 39.89 9.15 -20.70
C SER A 58 38.42 9.24 -20.37
N THR A 59 37.59 8.96 -21.37
CA THR A 59 36.14 8.96 -21.22
C THR A 59 35.52 7.63 -21.63
N GLU A 60 36.32 6.63 -21.95
CA GLU A 60 35.81 5.35 -22.39
C GLU A 60 35.02 4.67 -21.28
N LEU A 61 34.05 3.86 -21.68
CA LEU A 61 33.33 3.03 -20.72
C LEU A 61 34.28 1.96 -20.17
N LEU A 62 34.22 1.75 -18.85
CA LEU A 62 35.19 0.91 -18.18
C LEU A 62 34.70 -0.51 -17.91
N ILE A 63 33.40 -0.75 -17.95
CA ILE A 63 32.86 -2.10 -17.84
C ILE A 63 32.71 -2.67 -19.24
N ARG A 64 33.13 -3.92 -19.41
CA ARG A 64 33.01 -4.56 -20.72
C ARG A 64 31.54 -4.55 -21.16
N LYS A 65 31.33 -4.32 -22.45
CA LYS A 65 29.99 -4.02 -22.93
C LYS A 65 29.06 -5.23 -22.84
N LEU A 66 29.48 -6.39 -23.32
CA LEU A 66 28.60 -7.54 -23.33
C LEU A 66 28.19 -8.00 -21.95
N PRO A 67 29.11 -8.15 -20.99
CA PRO A 67 28.68 -8.55 -19.65
C PRO A 67 27.66 -7.62 -19.03
N PHE A 68 27.80 -6.31 -19.23
CA PHE A 68 26.83 -5.38 -18.66
C PHE A 68 25.47 -5.55 -19.32
N GLN A 69 25.45 -5.79 -20.63
CA GLN A 69 24.19 -6.06 -21.31
C GLN A 69 23.52 -7.31 -20.78
N ARG A 70 24.31 -8.36 -20.54
CA ARG A 70 23.74 -9.58 -19.95
C ARG A 70 23.18 -9.29 -18.56
N LEU A 71 23.89 -8.50 -17.76
CA LEU A 71 23.40 -8.17 -16.43
C LEU A 71 22.09 -7.40 -16.51
N VAL A 72 22.01 -6.44 -17.43
CA VAL A 72 20.78 -5.66 -17.59
C VAL A 72 19.62 -6.56 -17.99
N ARG A 73 19.86 -7.47 -18.95
CA ARG A 73 18.79 -8.36 -19.38
C ARG A 73 18.38 -9.31 -18.26
N GLU A 74 19.32 -9.76 -17.44
CA GLU A 74 18.98 -10.61 -16.32
C GLU A 74 18.13 -9.88 -15.29
N ILE A 75 18.50 -8.63 -14.97
CA ILE A 75 17.72 -7.88 -14.00
C ILE A 75 16.32 -7.59 -14.57
N ALA A 76 16.24 -7.34 -15.87
CA ALA A 76 14.97 -6.93 -16.46
C ALA A 76 13.95 -8.05 -16.43
N GLN A 77 14.36 -9.29 -16.69
CA GLN A 77 13.40 -10.38 -16.81
C GLN A 77 12.67 -10.64 -15.50
N ASP A 78 13.18 -10.11 -14.39
CA ASP A 78 12.46 -10.23 -13.12
C ASP A 78 11.22 -9.34 -13.11
N PHE A 79 11.18 -8.31 -13.95
CA PHE A 79 10.06 -7.38 -14.00
C PHE A 79 9.12 -7.64 -15.16
N LYS A 80 9.62 -8.14 -16.28
CA LYS A 80 8.78 -8.50 -17.42
C LYS A 80 9.55 -9.43 -18.32
N THR A 81 8.93 -10.55 -18.70
CA THR A 81 9.58 -11.52 -19.56
C THR A 81 9.54 -11.06 -21.01
N ASP A 82 10.53 -11.51 -21.77
CA ASP A 82 10.61 -11.22 -23.20
C ASP A 82 10.67 -9.72 -23.46
N LEU A 83 11.48 -9.01 -22.68
CA LEU A 83 11.74 -7.61 -22.95
C LEU A 83 12.78 -7.45 -24.04
N ARG A 84 12.65 -6.37 -24.80
CA ARG A 84 13.64 -5.98 -25.79
C ARG A 84 14.26 -4.65 -25.39
N PHE A 85 15.53 -4.47 -25.74
CA PHE A 85 16.28 -3.28 -25.39
C PHE A 85 16.84 -2.64 -26.64
N GLN A 86 16.62 -1.34 -26.80
CA GLN A 86 17.31 -0.59 -27.83
C GLN A 86 18.80 -0.56 -27.50
N SER A 87 19.63 -0.56 -28.54
CA SER A 87 21.07 -0.52 -28.32
C SER A 87 21.45 0.67 -27.46
N SER A 88 20.77 1.79 -27.65
CA SER A 88 21.02 2.98 -26.85
C SER A 88 20.43 2.89 -25.45
N ALA A 89 19.42 2.04 -25.25
CA ALA A 89 18.86 1.87 -23.92
C ALA A 89 19.88 1.27 -22.97
N VAL A 90 20.62 0.26 -23.42
CA VAL A 90 21.66 -0.35 -22.59
C VAL A 90 22.83 0.60 -22.41
N MET A 91 23.16 1.38 -23.45
CA MET A 91 24.27 2.32 -23.34
C MET A 91 23.97 3.40 -22.31
N ALA A 92 22.74 3.90 -22.30
CA ALA A 92 22.35 4.87 -21.29
C ALA A 92 22.46 4.27 -19.89
N LEU A 93 22.00 3.03 -19.73
CA LEU A 93 22.10 2.37 -18.44
C LEU A 93 23.55 2.23 -18.01
N GLN A 94 24.43 1.89 -18.94
CA GLN A 94 25.84 1.71 -18.59
C GLN A 94 26.50 3.02 -18.24
N GLU A 95 26.20 4.09 -18.99
CA GLU A 95 26.75 5.39 -18.64
C GLU A 95 26.29 5.82 -17.26
N ALA A 96 24.99 5.67 -16.97
CA ALA A 96 24.48 6.02 -15.66
C ALA A 96 25.14 5.18 -14.57
N SER A 97 25.29 3.87 -14.81
CA SER A 97 25.85 2.98 -13.80
C SER A 97 27.30 3.32 -13.51
N GLU A 98 28.10 3.52 -14.55
CA GLU A 98 29.51 3.83 -14.34
C GLU A 98 29.67 5.19 -13.69
N ALA A 99 28.84 6.17 -14.07
CA ALA A 99 28.90 7.46 -13.41
C ALA A 99 28.53 7.34 -11.93
N TYR A 100 27.50 6.55 -11.62
CA TYR A 100 27.10 6.36 -10.24
C TYR A 100 28.19 5.68 -9.43
N LEU A 101 28.81 4.65 -10.00
CA LEU A 101 29.87 3.94 -9.29
C LEU A 101 31.10 4.83 -9.10
N VAL A 102 31.48 5.60 -10.13
CA VAL A 102 32.62 6.48 -10.00
C VAL A 102 32.37 7.53 -8.93
N GLY A 103 31.18 8.13 -8.94
CA GLY A 103 30.85 9.10 -7.91
C GLY A 103 30.82 8.47 -6.53
N LEU A 104 30.39 7.21 -6.45
CA LEU A 104 30.38 6.52 -5.17
C LEU A 104 31.79 6.23 -4.69
N PHE A 105 32.69 5.85 -5.59
CA PHE A 105 34.07 5.58 -5.21
C PHE A 105 34.78 6.86 -4.79
N GLU A 106 34.37 8.01 -5.33
CA GLU A 106 34.93 9.27 -4.88
C GLU A 106 34.57 9.54 -3.42
N ASP A 107 33.32 9.28 -3.03
CA ASP A 107 32.92 9.44 -1.65
C ASP A 107 33.51 8.34 -0.77
N THR A 108 33.68 7.14 -1.31
CA THR A 108 34.34 6.07 -0.58
C THR A 108 35.79 6.44 -0.27
N ASN A 109 36.47 7.05 -1.24
CA ASN A 109 37.85 7.45 -1.04
C ASN A 109 37.95 8.50 0.06
N LEU A 110 37.03 9.45 0.09
CA LEU A 110 37.02 10.45 1.14
C LEU A 110 36.76 9.82 2.50
N SER A 111 35.87 8.83 2.55
CA SER A 111 35.64 8.12 3.80
C SER A 111 36.90 7.41 4.26
N ALA A 112 37.60 6.74 3.35
CA ALA A 112 38.83 6.06 3.72
C ALA A 112 39.88 7.03 4.23
N ILE A 113 40.06 8.15 3.54
CA ILE A 113 41.06 9.13 3.95
C ILE A 113 40.67 9.75 5.28
N HIS A 114 39.37 9.96 5.51
CA HIS A 114 38.90 10.53 6.76
C HIS A 114 39.24 9.64 7.94
N ALA A 115 39.38 8.34 7.72
CA ALA A 115 39.83 7.41 8.75
C ALA A 115 41.34 7.23 8.74
N LYS A 116 42.07 8.02 7.95
CA LYS A 116 43.53 7.97 7.88
C LYS A 116 44.02 6.72 7.17
N ARG A 117 43.22 6.21 6.23
CA ARG A 117 43.58 5.06 5.42
C ARG A 117 43.68 5.48 3.96
N VAL A 118 44.53 4.77 3.21
CA VAL A 118 44.56 4.89 1.76
C VAL A 118 43.83 3.75 1.08
N THR A 119 43.42 2.73 1.82
CA THR A 119 42.70 1.59 1.28
C THR A 119 41.21 1.78 1.49
N ILE A 120 40.42 1.58 0.45
CA ILE A 120 38.97 1.62 0.59
C ILE A 120 38.49 0.24 1.02
N MET A 121 37.55 0.23 1.96
CA MET A 121 37.00 -0.99 2.54
C MET A 121 35.50 -0.95 2.42
N PRO A 122 34.83 -2.08 2.57
CA PRO A 122 33.36 -2.08 2.47
C PRO A 122 32.69 -1.10 3.42
N LYS A 123 33.25 -0.91 4.62
CA LYS A 123 32.67 0.05 5.54
C LYS A 123 32.70 1.46 4.99
N ASP A 124 33.70 1.77 4.14
CA ASP A 124 33.74 3.07 3.50
C ASP A 124 32.57 3.25 2.55
N ILE A 125 32.28 2.23 1.74
CA ILE A 125 31.13 2.30 0.85
C ILE A 125 29.85 2.43 1.65
N GLN A 126 29.75 1.67 2.74
CA GLN A 126 28.56 1.73 3.57
C GLN A 126 28.36 3.13 4.17
N LEU A 127 29.44 3.75 4.65
CA LEU A 127 29.32 5.11 5.17
C LEU A 127 28.90 6.08 4.08
N ALA A 128 29.54 5.99 2.91
CA ALA A 128 29.22 6.91 1.83
C ALA A 128 27.76 6.79 1.43
N ARG A 129 27.25 5.55 1.37
CA ARG A 129 25.86 5.36 0.98
C ARG A 129 24.90 5.80 2.09
N ARG A 130 25.25 5.55 3.35
CA ARG A 130 24.40 5.96 4.45
C ARG A 130 24.28 7.49 4.51
N ILE A 131 25.38 8.19 4.32
CA ILE A 131 25.33 9.65 4.34
C ILE A 131 24.57 10.17 3.13
N ARG A 132 24.75 9.53 1.98
CA ARG A 132 24.05 9.94 0.77
C ARG A 132 22.55 9.76 0.88
N GLY A 133 22.09 8.96 1.84
CA GLY A 133 20.67 8.70 1.98
C GLY A 133 20.17 7.50 1.23
N GLU A 134 21.06 6.60 0.81
CA GLU A 134 20.67 5.40 0.08
C GLU A 134 20.42 4.22 1.01
N ARG A 135 21.06 4.19 2.17
CA ARG A 135 20.84 3.13 3.15
C ARG A 135 19.78 3.55 4.15
N ARG B 21 13.76 -18.21 -25.49
CA ARG B 21 14.89 -17.45 -24.88
C ARG B 21 15.31 -18.06 -23.55
N LYS B 22 16.59 -18.35 -23.43
CA LYS B 22 17.11 -18.95 -22.20
C LYS B 22 17.09 -17.94 -21.06
N VAL B 23 16.95 -18.46 -19.84
CA VAL B 23 16.93 -17.63 -18.65
C VAL B 23 18.36 -17.33 -18.24
N LEU B 24 18.69 -16.04 -18.15
CA LEU B 24 20.03 -15.64 -17.76
C LEU B 24 20.22 -15.81 -16.25
N ARG B 25 21.45 -16.15 -15.86
CA ARG B 25 21.77 -16.34 -14.46
C ARG B 25 23.25 -16.07 -14.22
N ASP B 26 23.55 -15.51 -13.05
CA ASP B 26 24.91 -15.27 -12.59
C ASP B 26 25.65 -14.42 -13.63
N ASN B 27 25.16 -13.19 -13.78
CA ASN B 27 25.80 -12.19 -14.63
C ASN B 27 26.42 -11.06 -13.84
N ILE B 28 26.09 -10.91 -12.56
CA ILE B 28 26.73 -9.88 -11.75
C ILE B 28 28.22 -10.16 -11.63
N GLN B 29 28.63 -11.42 -11.75
CA GLN B 29 30.04 -11.75 -11.80
C GLN B 29 30.69 -11.32 -13.10
N GLY B 30 29.90 -10.91 -14.10
CA GLY B 30 30.47 -10.35 -15.30
C GLY B 30 31.02 -8.96 -15.13
N ILE B 31 30.76 -8.32 -14.00
CA ILE B 31 31.42 -7.09 -13.61
C ILE B 31 32.73 -7.50 -12.95
N THR B 32 33.76 -7.71 -13.76
CA THR B 32 34.96 -8.39 -13.30
C THR B 32 35.69 -7.54 -12.27
N LYS B 33 36.63 -8.18 -11.58
CA LYS B 33 37.46 -7.46 -10.61
C LYS B 33 38.23 -6.30 -11.25
N PRO B 34 38.93 -6.49 -12.37
CA PRO B 34 39.60 -5.35 -12.99
C PRO B 34 38.66 -4.24 -13.42
N ALA B 35 37.44 -4.57 -13.85
CA ALA B 35 36.49 -3.53 -14.23
C ALA B 35 36.16 -2.64 -13.05
N ILE B 36 35.95 -3.22 -11.87
CA ILE B 36 35.65 -2.43 -10.69
C ILE B 36 36.86 -1.58 -10.30
N ARG B 37 38.07 -2.11 -10.47
CA ARG B 37 39.26 -1.35 -10.17
C ARG B 37 39.35 -0.10 -11.06
N ARG B 38 39.08 -0.26 -12.35
CA ARG B 38 39.15 0.89 -13.24
C ARG B 38 38.15 1.96 -12.84
N LEU B 39 36.95 1.55 -12.43
CA LEU B 39 36.00 2.51 -11.88
C LEU B 39 36.56 3.17 -10.63
N ALA B 40 37.26 2.40 -9.81
CA ALA B 40 37.92 2.98 -8.64
C ALA B 40 39.02 3.95 -9.04
N ARG B 41 39.78 3.62 -10.09
CA ARG B 41 40.84 4.51 -10.53
C ARG B 41 40.27 5.83 -11.02
N ARG B 42 39.20 5.78 -11.83
CA ARG B 42 38.55 7.02 -12.24
C ARG B 42 38.00 7.77 -11.04
N GLY B 43 37.67 7.06 -9.98
CA GLY B 43 37.27 7.68 -8.74
C GLY B 43 38.40 8.19 -7.88
N GLY B 44 39.65 7.94 -8.29
CA GLY B 44 40.79 8.41 -7.54
C GLY B 44 41.24 7.53 -6.41
N VAL B 45 40.89 6.24 -6.45
CA VAL B 45 41.27 5.31 -5.38
C VAL B 45 42.61 4.68 -5.73
N LYS B 46 43.53 4.69 -4.76
CA LYS B 46 44.87 4.16 -4.97
C LYS B 46 44.99 2.71 -4.50
N ARG B 47 44.33 2.35 -3.42
CA ARG B 47 44.43 1.01 -2.84
C ARG B 47 43.02 0.51 -2.53
N ILE B 48 42.74 -0.74 -2.89
CA ILE B 48 41.41 -1.33 -2.78
C ILE B 48 41.53 -2.62 -1.99
N SER B 49 40.67 -2.78 -0.99
CA SER B 49 40.62 -4.02 -0.24
C SER B 49 39.92 -5.10 -1.04
N GLY B 50 40.22 -6.36 -0.71
CA GLY B 50 39.68 -7.48 -1.46
C GLY B 50 38.19 -7.67 -1.31
N LEU B 51 37.60 -7.16 -0.23
CA LEU B 51 36.18 -7.28 0.00
C LEU B 51 35.37 -6.22 -0.73
N ILE B 52 36.03 -5.28 -1.39
CA ILE B 52 35.31 -4.19 -2.05
C ILE B 52 34.48 -4.70 -3.21
N TYR B 53 34.97 -5.72 -3.92
CA TYR B 53 34.35 -6.11 -5.18
C TYR B 53 32.93 -6.62 -4.97
N GLU B 54 32.72 -7.47 -3.97
CA GLU B 54 31.37 -7.99 -3.72
C GLU B 54 30.42 -6.88 -3.32
N GLU B 55 30.88 -5.96 -2.46
CA GLU B 55 30.05 -4.83 -2.07
C GLU B 55 29.68 -3.98 -3.28
N THR B 56 30.66 -3.72 -4.15
CA THR B 56 30.39 -2.93 -5.35
C THR B 56 29.37 -3.63 -6.24
N ARG B 57 29.49 -4.94 -6.39
CA ARG B 57 28.53 -5.67 -7.21
C ARG B 57 27.13 -5.57 -6.62
N GLY B 58 27.01 -5.71 -5.30
CA GLY B 58 25.70 -5.54 -4.68
C GLY B 58 25.12 -4.16 -4.89
N VAL B 59 25.96 -3.12 -4.74
CA VAL B 59 25.49 -1.75 -4.93
C VAL B 59 25.03 -1.55 -6.37
N LEU B 60 25.82 -2.02 -7.33
CA LEU B 60 25.46 -1.87 -8.73
C LEU B 60 24.17 -2.60 -9.04
N LYS B 61 23.99 -3.79 -8.48
CA LYS B 61 22.76 -4.53 -8.71
C LYS B 61 21.55 -3.80 -8.14
N VAL B 62 21.68 -3.22 -6.95
CA VAL B 62 20.56 -2.46 -6.38
C VAL B 62 20.23 -1.26 -7.26
N PHE B 63 21.26 -0.53 -7.68
CA PHE B 63 21.05 0.66 -8.51
C PHE B 63 20.37 0.29 -9.82
N LEU B 64 20.84 -0.78 -10.46
CA LEU B 64 20.27 -1.20 -11.73
C LEU B 64 18.85 -1.70 -11.57
N GLU B 65 18.56 -2.42 -10.49
CA GLU B 65 17.18 -2.83 -10.25
C GLU B 65 16.28 -1.62 -10.13
N ASN B 66 16.71 -0.61 -9.37
CA ASN B 66 15.89 0.57 -9.19
C ASN B 66 15.65 1.28 -10.52
N VAL B 67 16.67 1.41 -11.35
CA VAL B 67 16.49 2.12 -12.61
C VAL B 67 15.66 1.31 -13.59
N ILE B 68 15.94 0.01 -13.70
CA ILE B 68 15.28 -0.82 -14.70
C ILE B 68 13.81 -1.03 -14.34
N ARG B 69 13.48 -1.06 -13.06
CA ARG B 69 12.07 -1.19 -12.68
C ARG B 69 11.27 -0.02 -13.25
N ASP B 70 11.78 1.20 -13.08
CA ASP B 70 11.08 2.37 -13.59
C ASP B 70 11.08 2.40 -15.11
N ALA B 71 12.19 2.00 -15.73
CA ALA B 71 12.24 1.96 -17.18
C ALA B 71 11.19 1.00 -17.73
N VAL B 72 11.08 -0.18 -17.13
CA VAL B 72 10.11 -1.17 -17.58
C VAL B 72 8.69 -0.72 -17.26
N THR B 73 8.49 0.01 -16.16
CA THR B 73 7.18 0.57 -15.88
C THR B 73 6.76 1.54 -16.98
N TYR B 74 7.67 2.43 -17.38
CA TYR B 74 7.38 3.36 -18.46
C TYR B 74 7.09 2.60 -19.76
N THR B 75 7.91 1.59 -20.05
CA THR B 75 7.71 0.79 -21.26
C THR B 75 6.34 0.13 -21.26
N GLU B 76 5.98 -0.53 -20.16
CA GLU B 76 4.69 -1.18 -20.09
C GLU B 76 3.54 -0.19 -20.20
N HIS B 77 3.70 1.00 -19.63
CA HIS B 77 2.67 2.01 -19.80
C HIS B 77 2.49 2.37 -21.27
N ALA B 78 3.60 2.54 -21.98
CA ALA B 78 3.51 2.83 -23.40
C ALA B 78 3.05 1.64 -24.22
N LYS B 79 2.81 0.48 -23.60
CA LYS B 79 2.37 -0.72 -24.30
C LYS B 79 3.42 -1.22 -25.27
N ARG B 80 4.68 -0.89 -25.02
CA ARG B 80 5.78 -1.36 -25.83
C ARG B 80 6.38 -2.62 -25.22
N LYS B 81 6.99 -3.43 -26.08
CA LYS B 81 7.81 -4.55 -25.64
C LYS B 81 9.29 -4.22 -25.61
N THR B 82 9.67 -3.02 -26.03
CA THR B 82 11.06 -2.61 -26.16
C THR B 82 11.35 -1.45 -25.21
N VAL B 83 12.38 -1.60 -24.40
CA VAL B 83 12.83 -0.53 -23.51
C VAL B 83 13.68 0.42 -24.33
N THR B 84 13.19 1.64 -24.54
CA THR B 84 13.88 2.61 -25.37
C THR B 84 14.81 3.47 -24.51
N ALA B 85 15.68 4.22 -25.18
CA ALA B 85 16.58 5.11 -24.46
C ALA B 85 15.82 6.15 -23.66
N MET B 86 14.67 6.60 -24.17
CA MET B 86 13.89 7.59 -23.44
C MET B 86 13.31 7.02 -22.17
N ASP B 87 12.93 5.74 -22.16
CA ASP B 87 12.45 5.14 -20.92
C ASP B 87 13.54 5.16 -19.86
N VAL B 88 14.76 4.78 -20.24
CA VAL B 88 15.87 4.81 -19.29
C VAL B 88 16.14 6.22 -18.83
N VAL B 89 16.10 7.19 -19.75
CA VAL B 89 16.38 8.58 -19.38
C VAL B 89 15.34 9.09 -18.41
N TYR B 90 14.06 8.80 -18.66
CA TYR B 90 13.02 9.21 -17.74
C TYR B 90 13.18 8.54 -16.38
N ALA B 91 13.48 7.24 -16.38
CA ALA B 91 13.68 6.54 -15.12
C ALA B 91 14.81 7.16 -14.32
N LEU B 92 15.91 7.51 -14.98
CA LEU B 92 17.00 8.18 -14.29
C LEU B 92 16.59 9.56 -13.80
N LYS B 93 15.85 10.30 -14.63
CA LYS B 93 15.46 11.65 -14.26
C LYS B 93 14.60 11.65 -13.01
N ARG B 94 13.66 10.72 -12.91
CA ARG B 94 12.79 10.70 -11.75
C ARG B 94 13.48 10.19 -10.50
N GLN B 95 14.71 9.72 -10.61
CA GLN B 95 15.54 9.39 -9.46
C GLN B 95 16.58 10.46 -9.17
N GLY B 96 16.43 11.65 -9.74
CA GLY B 96 17.41 12.69 -9.53
C GLY B 96 18.77 12.38 -10.12
N ARG B 97 18.82 11.72 -11.27
CA ARG B 97 20.06 11.34 -11.93
C ARG B 97 19.98 11.68 -13.41
N THR B 98 19.56 12.90 -13.71
CA THR B 98 19.40 13.36 -15.08
C THR B 98 20.62 13.01 -15.92
N LEU B 99 20.35 12.51 -17.13
CA LEU B 99 21.40 12.05 -18.03
C LEU B 99 21.24 12.77 -19.36
N TYR B 100 22.31 13.42 -19.80
CA TYR B 100 22.33 14.13 -21.08
C TYR B 100 23.02 13.28 -22.12
N GLY B 101 22.69 13.56 -23.38
CA GLY B 101 23.34 12.89 -24.50
C GLY B 101 22.63 11.69 -25.06
N PHE B 102 21.37 11.45 -24.67
CA PHE B 102 20.62 10.32 -25.19
C PHE B 102 19.20 10.71 -25.61
N GLY B 103 18.86 11.99 -25.55
CA GLY B 103 17.53 12.46 -25.91
C GLY B 103 16.85 13.16 -24.74
N GLY B 104 15.66 13.66 -25.02
CA GLY B 104 14.89 14.38 -24.03
C GLY B 104 15.35 15.82 -23.89
N LYS C 13 -32.45 11.38 -5.69
CA LYS C 13 -31.65 12.61 -5.41
C LYS C 13 -30.20 12.43 -5.86
N ALA C 14 -29.45 13.53 -5.84
CA ALA C 14 -28.06 13.48 -6.25
C ALA C 14 -27.27 12.49 -5.40
N LYS C 15 -26.43 11.70 -6.05
CA LYS C 15 -25.62 10.69 -5.39
C LYS C 15 -24.15 11.08 -5.48
N SER C 16 -23.44 10.98 -4.37
CA SER C 16 -22.04 11.37 -4.33
C SER C 16 -21.19 10.34 -5.06
N ARG C 17 -20.25 10.83 -5.88
CA ARG C 17 -19.32 9.93 -6.55
C ARG C 17 -18.46 9.18 -5.55
N SER C 18 -18.12 9.80 -4.43
CA SER C 18 -17.37 9.11 -3.39
C SER C 18 -18.15 7.92 -2.86
N ASN C 19 -19.45 8.10 -2.61
CA ASN C 19 -20.25 6.98 -2.14
C ASN C 19 -20.32 5.87 -3.16
N ARG C 20 -20.45 6.22 -4.44
CA ARG C 20 -20.48 5.20 -5.49
C ARG C 20 -19.17 4.43 -5.54
N ALA C 21 -18.05 5.12 -5.38
CA ALA C 21 -16.76 4.46 -5.39
C ALA C 21 -16.43 3.79 -4.07
N GLY C 22 -17.28 3.94 -3.05
CA GLY C 22 -16.99 3.39 -1.73
C GLY C 22 -15.83 4.05 -1.05
N LEU C 23 -15.68 5.36 -1.19
CA LEU C 23 -14.54 6.09 -0.67
C LEU C 23 -15.00 7.17 0.30
N GLN C 24 -14.11 7.55 1.20
CA GLN C 24 -14.34 8.69 2.07
C GLN C 24 -13.84 9.98 1.45
N PHE C 25 -12.82 9.92 0.62
CA PHE C 25 -12.23 11.11 0.04
C PHE C 25 -13.10 11.66 -1.10
N PRO C 26 -13.03 12.97 -1.35
CA PRO C 26 -13.94 13.60 -2.30
C PRO C 26 -13.49 13.39 -3.74
N VAL C 27 -14.25 12.59 -4.48
CA VAL C 27 -13.92 12.35 -5.88
C VAL C 27 -14.16 13.60 -6.72
N GLY C 28 -15.24 14.33 -6.44
CA GLY C 28 -15.52 15.53 -7.20
C GLY C 28 -14.49 16.63 -6.99
N ARG C 29 -14.09 16.84 -5.74
CA ARG C 29 -13.07 17.84 -5.45
C ARG C 29 -11.75 17.49 -6.12
N ILE C 30 -11.37 16.22 -6.07
CA ILE C 30 -10.13 15.80 -6.71
C ILE C 30 -10.24 15.94 -8.22
N HIS C 31 -11.43 15.67 -8.78
CA HIS C 31 -11.61 15.85 -10.22
C HIS C 31 -11.42 17.31 -10.61
N ARG C 32 -12.00 18.22 -9.83
CA ARG C 32 -11.81 19.64 -10.11
C ARG C 32 -10.36 20.04 -9.96
N LEU C 33 -9.68 19.54 -8.93
CA LEU C 33 -8.28 19.89 -8.73
C LEU C 33 -7.44 19.40 -9.89
N LEU C 34 -7.72 18.21 -10.40
CA LEU C 34 -7.00 17.70 -11.57
C LEU C 34 -7.29 18.55 -12.80
N ARG C 35 -8.55 18.93 -12.99
CA ARG C 35 -8.91 19.70 -14.18
C ARG C 35 -8.33 21.11 -14.14
N LYS C 36 -8.12 21.66 -12.95
CA LYS C 36 -7.67 23.04 -12.82
C LYS C 36 -6.17 23.18 -12.60
N GLY C 37 -5.47 22.10 -12.27
CA GLY C 37 -4.07 22.17 -11.93
C GLY C 37 -3.12 22.17 -13.09
N ASN C 38 -3.62 22.32 -14.32
CA ASN C 38 -2.77 22.31 -15.51
C ASN C 38 -1.98 21.01 -15.59
N TYR C 39 -2.61 19.91 -15.21
CA TYR C 39 -1.94 18.62 -15.26
C TYR C 39 -2.08 17.97 -16.64
N ALA C 40 -3.16 18.26 -17.35
CA ALA C 40 -3.41 17.70 -18.67
C ALA C 40 -4.62 18.38 -19.25
N GLU C 41 -4.74 18.33 -20.58
CA GLU C 41 -5.83 19.02 -21.24
C GLU C 41 -7.18 18.44 -20.83
N ARG C 42 -7.26 17.13 -20.66
CA ARG C 42 -8.49 16.47 -20.27
C ARG C 42 -8.21 15.52 -19.11
N VAL C 43 -9.24 15.25 -18.33
CA VAL C 43 -9.16 14.34 -17.20
C VAL C 43 -10.27 13.32 -17.34
N GLY C 44 -9.92 12.04 -17.25
CA GLY C 44 -10.90 10.99 -17.39
C GLY C 44 -11.78 10.86 -16.18
N ALA C 45 -12.81 10.03 -16.31
CA ALA C 45 -13.78 9.87 -15.23
C ALA C 45 -13.20 9.03 -14.10
N GLY C 46 -12.44 7.98 -14.41
CA GLY C 46 -11.90 7.12 -13.38
C GLY C 46 -10.64 7.63 -12.73
N ALA C 47 -10.00 8.64 -13.32
CA ALA C 47 -8.78 9.17 -12.72
C ALA C 47 -9.01 9.74 -11.33
N PRO C 48 -10.00 10.61 -11.11
CA PRO C 48 -10.23 11.10 -9.75
C PRO C 48 -10.58 9.99 -8.78
N VAL C 49 -11.30 8.97 -9.22
CA VAL C 49 -11.67 7.87 -8.33
C VAL C 49 -10.43 7.08 -7.92
N TYR C 50 -9.58 6.73 -8.89
CA TYR C 50 -8.35 6.00 -8.57
C TYR C 50 -7.47 6.83 -7.65
N LEU C 51 -7.30 8.11 -7.95
CA LEU C 51 -6.42 8.95 -7.14
C LEU C 51 -6.97 9.13 -5.73
N ALA C 52 -8.28 9.30 -5.59
CA ALA C 52 -8.88 9.41 -4.28
C ALA C 52 -8.71 8.12 -3.50
N ALA C 53 -8.88 6.98 -4.17
CA ALA C 53 -8.67 5.70 -3.50
C ALA C 53 -7.26 5.58 -2.98
N VAL C 54 -6.27 5.95 -3.80
CA VAL C 54 -4.88 5.85 -3.38
C VAL C 54 -4.59 6.81 -2.23
N MET C 55 -5.09 8.04 -2.33
CA MET C 55 -4.86 9.01 -1.26
C MET C 55 -5.49 8.53 0.04
N GLU C 56 -6.71 8.00 -0.01
CA GLU C 56 -7.35 7.48 1.18
C GLU C 56 -6.59 6.29 1.74
N TYR C 57 -6.10 5.40 0.88
CA TYR C 57 -5.35 4.26 1.36
C TYR C 57 -4.09 4.70 2.08
N LEU C 58 -3.36 5.64 1.50
CA LEU C 58 -2.13 6.11 2.13
C LEU C 58 -2.42 6.83 3.44
N ALA C 59 -3.48 7.64 3.47
CA ALA C 59 -3.85 8.31 4.71
C ALA C 59 -4.19 7.29 5.79
N ALA C 60 -4.97 6.26 5.45
CA ALA C 60 -5.32 5.23 6.41
C ALA C 60 -4.09 4.45 6.85
N GLU C 61 -3.17 4.19 5.93
CA GLU C 61 -1.96 3.45 6.28
C GLU C 61 -1.12 4.24 7.28
N VAL C 62 -0.98 5.55 7.07
CA VAL C 62 -0.23 6.36 8.01
C VAL C 62 -0.98 6.49 9.33
N LEU C 63 -2.30 6.63 9.27
CA LEU C 63 -3.09 6.85 10.48
C LEU C 63 -3.15 5.61 11.36
N GLU C 64 -3.18 4.43 10.77
CA GLU C 64 -3.21 3.21 11.58
C GLU C 64 -1.95 3.13 12.44
N LEU C 65 -0.79 3.36 11.83
CA LEU C 65 0.45 3.34 12.57
C LEU C 65 0.52 4.49 13.57
N ALA C 66 0.03 5.67 13.19
CA ALA C 66 0.02 6.80 14.12
C ALA C 66 -0.83 6.50 15.35
N GLY C 67 -2.01 5.91 15.14
CA GLY C 67 -2.85 5.54 16.26
C GLY C 67 -2.24 4.45 17.11
N ASN C 68 -1.54 3.51 16.47
CA ASN C 68 -0.83 2.49 17.24
C ASN C 68 0.24 3.13 18.12
N ALA C 69 0.98 4.09 17.57
CA ALA C 69 1.99 4.79 18.36
C ALA C 69 1.34 5.55 19.52
N ALA C 70 0.20 6.20 19.25
CA ALA C 70 -0.49 6.92 20.31
C ALA C 70 -0.93 5.97 21.41
N ARG C 71 -1.46 4.81 21.04
CA ARG C 71 -1.87 3.81 22.02
C ARG C 71 -0.67 3.31 22.82
N ASP C 72 0.46 3.06 22.15
CA ASP C 72 1.65 2.64 22.87
C ASP C 72 2.10 3.69 23.85
N ASN C 73 1.91 4.96 23.52
CA ASN C 73 2.24 6.06 24.41
C ASN C 73 1.09 6.36 25.37
N LYS C 74 0.02 5.57 25.35
CA LYS C 74 -1.12 5.74 26.24
C LYS C 74 -1.80 7.09 26.02
N LYS C 75 -1.89 7.49 24.75
CA LYS C 75 -2.55 8.73 24.36
C LYS C 75 -3.74 8.42 23.47
N THR C 76 -4.89 8.99 23.81
CA THR C 76 -6.09 8.80 22.99
C THR C 76 -6.04 9.59 21.70
N ARG C 77 -5.10 10.54 21.57
CA ARG C 77 -5.09 11.49 20.47
C ARG C 77 -3.77 11.41 19.72
N ILE C 78 -3.84 11.58 18.41
CA ILE C 78 -2.64 11.53 17.57
C ILE C 78 -2.04 12.92 17.51
N ILE C 79 -0.74 13.01 17.78
CA ILE C 79 -0.01 14.27 17.71
C ILE C 79 1.14 14.10 16.71
N PRO C 80 1.80 15.18 16.29
CA PRO C 80 2.85 15.05 15.28
C PRO C 80 3.95 14.08 15.67
N ARG C 81 4.24 13.96 16.96
CA ARG C 81 5.24 12.99 17.39
C ARG C 81 4.85 11.58 17.00
N HIS C 82 3.57 11.24 17.16
CA HIS C 82 3.10 9.91 16.79
C HIS C 82 3.20 9.69 15.29
N LEU C 83 2.90 10.71 14.49
CA LEU C 83 3.06 10.59 13.05
C LEU C 83 4.51 10.36 12.68
N GLN C 84 5.43 11.08 13.32
CA GLN C 84 6.85 10.89 13.05
C GLN C 84 7.28 9.47 13.39
N LEU C 85 6.87 8.98 14.57
CA LEU C 85 7.23 7.62 14.94
C LEU C 85 6.67 6.61 13.95
N ALA C 86 5.40 6.77 13.57
CA ALA C 86 4.78 5.85 12.64
C ALA C 86 5.50 5.85 11.31
N ILE C 87 5.85 7.02 10.80
CA ILE C 87 6.49 7.10 9.49
C ILE C 87 7.90 6.54 9.54
N ARG C 88 8.67 6.88 10.57
CA ARG C 88 10.08 6.51 10.60
C ARG C 88 10.31 5.07 11.05
N ASN C 89 9.35 4.47 11.76
CA ASN C 89 9.48 3.07 12.12
C ASN C 89 8.95 2.13 11.05
N ASP C 90 8.36 2.66 9.98
CA ASP C 90 7.88 1.86 8.86
C ASP C 90 8.81 2.09 7.68
N GLU C 91 9.38 1.01 7.16
CA GLU C 91 10.39 1.13 6.12
C GLU C 91 9.82 1.77 4.86
N GLU C 92 8.65 1.28 4.42
CA GLU C 92 8.10 1.75 3.16
C GLU C 92 7.63 3.20 3.25
N LEU C 93 6.93 3.54 4.34
CA LEU C 93 6.52 4.94 4.52
C LEU C 93 7.72 5.84 4.71
N ASN C 94 8.76 5.34 5.39
CA ASN C 94 9.98 6.13 5.54
C ASN C 94 10.60 6.43 4.18
N LYS C 95 10.66 5.43 3.30
CA LYS C 95 11.21 5.67 1.98
C LYS C 95 10.33 6.60 1.17
N LEU C 96 9.01 6.49 1.32
CA LEU C 96 8.09 7.37 0.61
C LEU C 96 8.27 8.82 1.03
N LEU C 97 8.54 9.05 2.31
CA LEU C 97 8.66 10.39 2.87
C LEU C 97 10.09 10.67 3.33
N SER C 98 11.07 10.25 2.54
CA SER C 98 12.46 10.39 2.95
C SER C 98 12.86 11.85 3.10
N GLY C 99 12.43 12.70 2.17
CA GLY C 99 12.81 14.10 2.18
C GLY C 99 11.74 15.01 2.75
N VAL C 100 11.04 14.52 3.78
CA VAL C 100 9.97 15.28 4.42
C VAL C 100 10.33 15.50 5.88
N THR C 101 10.05 16.69 6.37
CA THR C 101 10.24 17.05 7.77
C THR C 101 8.88 17.28 8.40
N ILE C 102 8.58 16.56 9.48
CA ILE C 102 7.31 16.69 10.18
C ILE C 102 7.52 17.67 11.32
N ALA C 103 6.82 18.80 11.26
CA ALA C 103 6.98 19.82 12.29
C ALA C 103 6.62 19.24 13.65
N GLN C 104 7.48 19.50 14.64
CA GLN C 104 7.28 19.00 16.00
C GLN C 104 7.27 17.47 16.04
N GLY C 105 7.96 16.84 15.10
CA GLY C 105 7.98 15.39 15.03
C GLY C 105 9.09 14.76 15.86
N GLY C 106 10.24 15.42 15.93
CA GLY C 106 11.37 14.84 16.64
C GLY C 106 12.09 13.80 15.80
N VAL C 107 12.88 12.97 16.48
CA VAL C 107 13.66 11.93 15.84
C VAL C 107 13.48 10.63 16.59
N LEU C 108 13.76 9.52 15.91
CA LEU C 108 13.69 8.22 16.55
C LEU C 108 14.81 8.07 17.56
N PRO C 109 14.56 7.50 18.74
CA PRO C 109 15.65 7.19 19.66
C PRO C 109 16.66 6.25 19.02
N ASN C 110 17.92 6.67 19.01
CA ASN C 110 18.98 5.88 18.39
C ASN C 110 20.32 6.33 18.93
N ILE C 111 21.00 5.44 19.65
CA ILE C 111 22.35 5.68 20.14
C ILE C 111 23.26 4.61 19.57
N GLN C 112 24.33 5.02 18.91
CA GLN C 112 25.25 4.06 18.32
C GLN C 112 25.82 3.16 19.40
N ALA C 113 25.90 1.87 19.11
CA ALA C 113 26.31 0.90 20.12
C ALA C 113 27.69 1.22 20.69
N VAL C 114 28.56 1.84 19.89
CA VAL C 114 29.90 2.15 20.38
C VAL C 114 29.84 3.20 21.48
N LEU C 115 28.85 4.10 21.44
CA LEU C 115 28.78 5.17 22.41
C LEU C 115 28.27 4.71 23.77
N LEU C 116 27.59 3.58 23.83
CA LEU C 116 27.06 3.10 25.10
C LEU C 116 28.21 2.64 26.00
N PRO C 117 28.01 2.64 27.32
CA PRO C 117 29.09 2.24 28.22
C PRO C 117 29.47 0.79 28.05
N LYS C 118 30.71 0.49 28.44
CA LYS C 118 31.28 -0.83 28.15
C LYS C 118 30.47 -1.94 28.80
N LYS C 119 30.05 -1.75 30.05
CA LYS C 119 29.27 -2.75 30.75
C LYS C 119 30.05 -4.06 30.86
N LYS D 29 -19.25 39.50 8.69
CA LYS D 29 -19.44 38.47 7.62
C LYS D 29 -18.40 37.38 7.72
N LYS D 30 -18.76 36.18 7.29
CA LYS D 30 -17.84 35.04 7.35
C LYS D 30 -16.71 35.23 6.35
N ARG D 31 -15.53 34.73 6.71
CA ARG D 31 -14.39 34.78 5.83
C ARG D 31 -14.58 33.85 4.63
N LYS D 32 -13.76 34.07 3.60
CA LYS D 32 -13.84 33.24 2.42
C LYS D 32 -13.48 31.79 2.76
N ARG D 33 -14.19 30.86 2.14
CA ARG D 33 -14.01 29.44 2.45
C ARG D 33 -12.64 28.95 1.99
N LYS D 34 -12.01 28.14 2.83
CA LYS D 34 -10.72 27.52 2.53
C LYS D 34 -10.88 26.01 2.65
N GLU D 35 -10.74 25.31 1.53
CA GLU D 35 -10.96 23.87 1.52
C GLU D 35 -9.79 23.13 2.16
N SER D 36 -10.07 21.92 2.61
CA SER D 36 -9.07 21.09 3.26
C SER D 36 -9.58 19.65 3.31
N TYR D 37 -8.65 18.72 3.48
CA TYR D 37 -8.99 17.31 3.62
C TYR D 37 -9.22 16.92 5.08
N ALA D 38 -9.56 17.87 5.93
CA ALA D 38 -9.65 17.59 7.35
C ALA D 38 -10.78 16.60 7.65
N ILE D 39 -11.97 16.84 7.09
CA ILE D 39 -13.10 16.00 7.44
C ILE D 39 -12.93 14.58 6.87
N TYR D 40 -12.39 14.48 5.66
CA TYR D 40 -12.16 13.16 5.08
C TYR D 40 -11.07 12.41 5.83
N ILE D 41 -10.01 13.09 6.23
CA ILE D 41 -8.98 12.45 7.03
C ILE D 41 -9.56 11.96 8.34
N TYR D 42 -10.43 12.77 8.95
CA TYR D 42 -11.05 12.37 10.21
C TYR D 42 -11.93 11.15 10.03
N LYS D 43 -12.68 11.09 8.93
CA LYS D 43 -13.53 9.93 8.68
C LYS D 43 -12.69 8.68 8.47
N VAL D 44 -11.58 8.80 7.74
CA VAL D 44 -10.68 7.67 7.56
C VAL D 44 -10.13 7.22 8.91
N LEU D 45 -9.72 8.17 9.74
CA LEU D 45 -9.20 7.83 11.05
C LEU D 45 -10.23 7.08 11.87
N LYS D 46 -11.46 7.59 11.89
CA LYS D 46 -12.53 6.91 12.62
C LYS D 46 -12.72 5.50 12.09
N GLN D 47 -12.56 5.31 10.79
CA GLN D 47 -12.65 3.97 10.23
C GLN D 47 -11.55 3.06 10.76
N VAL D 48 -10.31 3.57 10.82
CA VAL D 48 -9.20 2.70 11.21
C VAL D 48 -9.06 2.62 12.73
N HIS D 49 -9.33 3.72 13.44
CA HIS D 49 -9.22 3.77 14.89
C HIS D 49 -10.47 4.43 15.45
N PRO D 50 -11.52 3.67 15.71
CA PRO D 50 -12.78 4.30 16.14
C PRO D 50 -12.65 5.11 17.42
N ASP D 51 -11.75 4.75 18.32
CA ASP D 51 -11.66 5.42 19.62
C ASP D 51 -10.66 6.57 19.63
N THR D 52 -9.62 6.52 18.82
CA THR D 52 -8.58 7.52 18.86
C THR D 52 -9.03 8.81 18.20
N GLY D 53 -8.46 9.92 18.65
CA GLY D 53 -8.66 11.22 18.04
C GLY D 53 -7.41 11.72 17.35
N ILE D 54 -7.43 13.01 17.01
CA ILE D 54 -6.29 13.64 16.37
C ILE D 54 -6.31 15.13 16.71
N SER D 55 -5.12 15.71 16.82
CA SER D 55 -4.99 17.11 17.19
C SER D 55 -4.99 17.99 15.94
N SER D 56 -4.87 19.29 16.15
CA SER D 56 -4.90 20.23 15.03
C SER D 56 -3.60 20.19 14.24
N LYS D 57 -2.47 20.14 14.94
CA LYS D 57 -1.18 20.08 14.25
C LYS D 57 -1.04 18.78 13.46
N ALA D 58 -1.50 17.66 14.05
CA ALA D 58 -1.47 16.40 13.33
C ALA D 58 -2.40 16.45 12.12
N MET D 59 -3.54 17.11 12.26
CA MET D 59 -4.43 17.28 11.11
C MET D 59 -3.76 18.08 10.01
N SER D 60 -3.03 19.15 10.37
CA SER D 60 -2.32 19.92 9.37
C SER D 60 -1.26 19.09 8.68
N ILE D 61 -0.53 18.28 9.45
CA ILE D 61 0.50 17.43 8.84
C ILE D 61 -0.13 16.41 7.90
N MET D 62 -1.27 15.84 8.30
CA MET D 62 -1.94 14.87 7.44
C MET D 62 -2.50 15.54 6.19
N ASN D 63 -3.00 16.76 6.32
CA ASN D 63 -3.48 17.50 5.16
C ASN D 63 -2.35 17.79 4.19
N SER D 64 -1.20 18.21 4.71
CA SER D 64 -0.04 18.44 3.86
C SER D 64 0.43 17.15 3.21
N PHE D 65 0.38 16.04 3.95
CA PHE D 65 0.79 14.76 3.39
C PHE D 65 -0.12 14.35 2.24
N VAL D 66 -1.44 14.49 2.43
CA VAL D 66 -2.38 14.15 1.37
C VAL D 66 -2.16 15.04 0.16
N ASN D 67 -1.95 16.34 0.38
CA ASN D 67 -1.69 17.24 -0.73
C ASN D 67 -0.41 16.86 -1.47
N ASP D 68 0.63 16.51 -0.73
CA ASP D 68 1.89 16.12 -1.35
C ASP D 68 1.71 14.87 -2.20
N ILE D 69 0.97 13.89 -1.68
CA ILE D 69 0.73 12.67 -2.45
C ILE D 69 -0.05 12.98 -3.71
N PHE D 70 -1.11 13.80 -3.58
CA PHE D 70 -1.89 14.18 -4.75
C PHE D 70 -1.01 14.86 -5.79
N GLU D 71 -0.20 15.82 -5.36
CA GLU D 71 0.62 16.57 -6.31
C GLU D 71 1.64 15.66 -6.98
N ARG D 72 2.29 14.78 -6.22
CA ARG D 72 3.25 13.87 -6.81
C ARG D 72 2.61 13.00 -7.87
N ILE D 73 1.49 12.36 -7.52
CA ILE D 73 0.85 11.44 -8.47
C ILE D 73 0.34 12.18 -9.68
N ALA D 74 -0.25 13.36 -9.48
CA ALA D 74 -0.76 14.12 -10.61
C ALA D 74 0.36 14.57 -11.53
N ALA D 75 1.47 15.04 -10.97
CA ALA D 75 2.59 15.47 -11.81
C ALA D 75 3.19 14.30 -12.57
N GLU D 76 3.35 13.15 -11.92
CA GLU D 76 3.89 12.00 -12.61
C GLU D 76 2.94 11.53 -13.71
N ALA D 77 1.64 11.55 -13.47
CA ALA D 77 0.68 11.20 -14.51
C ALA D 77 0.73 12.18 -15.66
N SER D 78 0.91 13.47 -15.35
CA SER D 78 1.05 14.47 -16.40
C SER D 78 2.26 14.19 -17.27
N ARG D 79 3.39 13.86 -16.65
CA ARG D 79 4.56 13.48 -17.43
C ARG D 79 4.30 12.24 -18.25
N LEU D 80 3.63 11.25 -17.68
CA LEU D 80 3.34 10.04 -18.43
C LEU D 80 2.47 10.30 -19.65
N ALA D 81 1.48 11.18 -19.53
CA ALA D 81 0.65 11.57 -20.66
C ALA D 81 1.41 12.39 -21.69
N HIS D 82 2.31 13.28 -21.26
CA HIS D 82 3.07 14.08 -22.21
C HIS D 82 4.07 13.22 -22.97
N TYR D 83 4.73 12.29 -22.29
CA TYR D 83 5.70 11.42 -22.95
C TYR D 83 5.04 10.59 -24.04
N ASN D 84 3.85 10.06 -23.77
CA ASN D 84 3.14 9.20 -24.70
C ASN D 84 2.26 9.99 -25.65
N LYS D 85 2.35 11.31 -25.63
CA LYS D 85 1.61 12.18 -26.54
C LYS D 85 0.10 11.97 -26.39
N ARG D 86 -0.35 12.01 -25.15
CA ARG D 86 -1.76 11.87 -24.81
C ARG D 86 -2.25 13.15 -24.16
N SER D 87 -3.52 13.48 -24.40
CA SER D 87 -4.13 14.68 -23.86
C SER D 87 -4.97 14.40 -22.61
N THR D 88 -5.02 13.16 -22.14
CA THR D 88 -5.91 12.77 -21.07
C THR D 88 -5.12 12.11 -19.94
N ILE D 89 -5.56 12.36 -18.72
CA ILE D 89 -5.06 11.66 -17.54
C ILE D 89 -6.15 10.68 -17.14
N THR D 90 -5.94 9.41 -17.46
CA THR D 90 -6.90 8.35 -17.21
C THR D 90 -6.49 7.58 -15.96
N SER D 91 -7.19 6.48 -15.70
CA SER D 91 -6.84 5.65 -14.55
C SER D 91 -5.55 4.86 -14.81
N ARG D 92 -5.24 4.58 -16.08
CA ARG D 92 -3.95 3.95 -16.39
C ARG D 92 -2.79 4.83 -15.99
N GLU D 93 -2.88 6.12 -16.29
CA GLU D 93 -1.82 7.04 -15.92
C GLU D 93 -1.65 7.13 -14.42
N ILE D 94 -2.77 7.20 -13.68
CA ILE D 94 -2.69 7.28 -12.24
C ILE D 94 -2.09 5.99 -11.67
N GLN D 95 -2.46 4.85 -12.24
CA GLN D 95 -1.92 3.59 -11.76
C GLN D 95 -0.42 3.50 -12.01
N THR D 96 0.03 3.89 -13.20
CA THR D 96 1.45 3.85 -13.49
C THR D 96 2.21 4.82 -12.60
N ALA D 97 1.65 6.00 -12.36
CA ALA D 97 2.28 6.93 -11.44
C ALA D 97 2.39 6.34 -10.04
N VAL D 98 1.34 5.68 -9.58
CA VAL D 98 1.38 5.06 -8.27
C VAL D 98 2.48 4.02 -8.20
N ARG D 99 2.59 3.19 -9.24
CA ARG D 99 3.65 2.19 -9.26
C ARG D 99 5.03 2.83 -9.31
N LEU D 100 5.16 3.98 -9.96
CA LEU D 100 6.46 4.65 -10.04
C LEU D 100 6.82 5.36 -8.74
N LEU D 101 5.84 5.77 -7.95
CA LEU D 101 6.07 6.62 -6.78
C LEU D 101 6.17 5.83 -5.48
N LEU D 102 5.19 4.99 -5.20
CA LEU D 102 5.16 4.30 -3.91
C LEU D 102 6.16 3.14 -3.90
N PRO D 103 6.80 2.85 -2.76
CA PRO D 103 7.75 1.74 -2.70
C PRO D 103 7.05 0.41 -2.43
N GLY D 104 7.29 -0.56 -3.31
CA GLY D 104 6.93 -1.95 -3.06
C GLY D 104 5.52 -2.22 -2.60
N GLU D 105 5.39 -2.68 -1.35
CA GLU D 105 4.10 -3.13 -0.87
C GLU D 105 3.08 -2.00 -0.85
N LEU D 106 3.53 -0.78 -0.56
CA LEU D 106 2.61 0.35 -0.66
C LEU D 106 2.07 0.47 -2.07
N ALA D 107 2.94 0.34 -3.06
CA ALA D 107 2.49 0.43 -4.45
C ALA D 107 1.48 -0.66 -4.76
N LYS D 108 1.78 -1.90 -4.35
CA LYS D 108 0.88 -3.01 -4.65
C LYS D 108 -0.49 -2.79 -4.02
N HIS D 109 -0.51 -2.48 -2.72
CA HIS D 109 -1.78 -2.33 -2.02
C HIS D 109 -2.55 -1.12 -2.52
N ALA D 110 -1.86 -0.01 -2.80
CA ALA D 110 -2.54 1.16 -3.32
C ALA D 110 -3.12 0.89 -4.70
N VAL D 111 -2.39 0.16 -5.55
CA VAL D 111 -2.92 -0.20 -6.85
C VAL D 111 -4.18 -1.04 -6.67
N SER D 112 -4.15 -1.99 -5.75
CA SER D 112 -5.33 -2.83 -5.51
C SER D 112 -6.51 -1.98 -5.06
N GLU D 113 -6.28 -1.06 -4.12
CA GLU D 113 -7.36 -0.21 -3.63
C GLU D 113 -7.92 0.67 -4.74
N GLY D 114 -7.04 1.25 -5.56
CA GLY D 114 -7.52 2.10 -6.64
C GLY D 114 -8.33 1.33 -7.67
N THR D 115 -7.86 0.14 -8.04
CA THR D 115 -8.62 -0.68 -8.98
C THR D 115 -9.97 -1.06 -8.40
N LYS D 116 -10.01 -1.43 -7.12
CA LYS D 116 -11.28 -1.76 -6.48
C LYS D 116 -12.21 -0.57 -6.50
N ALA D 117 -11.70 0.63 -6.20
CA ALA D 117 -12.54 1.82 -6.18
C ALA D 117 -13.11 2.12 -7.57
N VAL D 118 -12.26 2.03 -8.60
CA VAL D 118 -12.74 2.33 -9.95
C VAL D 118 -13.76 1.30 -10.39
N THR D 119 -13.52 0.02 -10.08
CA THR D 119 -14.50 -1.02 -10.44
C THR D 119 -15.83 -0.79 -9.74
N LYS D 120 -15.78 -0.45 -8.45
CA LYS D 120 -17.02 -0.17 -7.72
C LYS D 120 -17.74 1.02 -8.32
N TYR D 121 -16.99 2.07 -8.67
CA TYR D 121 -17.60 3.26 -9.25
C TYR D 121 -18.27 2.97 -10.58
N THR D 122 -17.59 2.21 -11.44
CA THR D 122 -18.12 1.95 -12.77
C THR D 122 -19.37 1.07 -12.71
N SER D 123 -19.38 0.08 -11.80
CA SER D 123 -20.49 -0.85 -11.74
C SER D 123 -21.79 -0.19 -11.30
N SER D 124 -21.72 0.92 -10.58
CA SER D 124 -22.91 1.59 -10.07
C SER D 124 -23.54 2.54 -11.08
N LYS D 125 -22.95 2.70 -12.26
CA LYS D 125 -23.50 3.58 -13.27
C LYS D 125 -23.58 2.88 -14.63
N LYS E 38 34.74 13.34 47.35
CA LYS E 38 33.62 12.86 48.20
C LYS E 38 32.25 13.23 47.62
N PRO E 39 32.09 14.46 47.11
CA PRO E 39 30.82 14.81 46.47
C PRO E 39 30.54 13.91 45.28
N HIS E 40 29.26 13.60 45.08
CA HIS E 40 28.87 12.72 43.99
C HIS E 40 29.09 13.40 42.65
N ARG E 41 29.77 12.72 41.74
CA ARG E 41 29.95 13.17 40.37
C ARG E 41 29.71 12.00 39.44
N TYR E 42 29.10 12.27 38.30
CA TYR E 42 28.95 11.25 37.27
C TYR E 42 30.19 11.22 36.39
N ARG E 43 30.58 10.02 35.98
CA ARG E 43 31.75 9.88 35.15
C ARG E 43 31.47 10.44 33.76
N PRO E 44 32.50 10.96 33.07
CA PRO E 44 32.26 11.61 31.78
C PRO E 44 31.58 10.68 30.79
N GLY E 45 30.64 11.24 30.04
CA GLY E 45 29.86 10.47 29.09
C GLY E 45 28.55 9.95 29.64
N THR E 46 28.28 10.09 30.93
CA THR E 46 27.03 9.61 31.50
C THR E 46 25.91 10.62 31.27
N VAL E 47 26.11 11.86 31.70
CA VAL E 47 25.10 12.88 31.49
C VAL E 47 24.90 13.12 30.01
N ALA E 48 25.93 12.88 29.20
CA ALA E 48 25.78 13.02 27.76
C ALA E 48 24.77 12.01 27.21
N LEU E 49 24.86 10.76 27.64
CA LEU E 49 23.90 9.75 27.20
C LEU E 49 22.52 10.05 27.76
N ARG E 50 22.45 10.51 29.01
CA ARG E 50 21.17 10.92 29.57
C ARG E 50 20.53 12.00 28.71
N GLU E 51 21.31 12.99 28.28
CA GLU E 51 20.78 14.04 27.41
C GLU E 51 20.36 13.48 26.05
N ILE E 52 21.17 12.59 25.47
CA ILE E 52 20.80 11.99 24.19
C ILE E 52 19.43 11.35 24.31
N ARG E 53 19.17 10.66 25.42
CA ARG E 53 17.85 10.10 25.64
C ARG E 53 16.80 11.19 25.81
N ARG E 54 17.12 12.24 26.57
CA ARG E 54 16.13 13.28 26.84
C ARG E 54 15.69 13.97 25.57
N TYR E 55 16.64 14.32 24.70
CA TYR E 55 16.34 15.12 23.52
C TYR E 55 15.91 14.30 22.33
N GLN E 56 16.01 12.97 22.40
CA GLN E 56 15.44 12.11 21.39
C GLN E 56 14.03 11.64 21.75
N LYS E 57 13.54 12.02 22.92
CA LYS E 57 12.17 11.76 23.33
C LYS E 57 11.27 12.96 23.10
N SER E 58 11.82 14.16 23.24
CA SER E 58 11.03 15.38 23.13
C SER E 58 10.96 15.84 21.67
N THR E 59 10.02 16.74 21.42
CA THR E 59 9.85 17.35 20.10
C THR E 59 9.99 18.86 20.15
N GLU E 60 10.31 19.43 21.30
CA GLU E 60 10.41 20.87 21.43
C GLU E 60 11.57 21.42 20.59
N LEU E 61 11.44 22.66 20.17
CA LEU E 61 12.53 23.33 19.50
C LEU E 61 13.68 23.54 20.47
N LEU E 62 14.90 23.28 20.01
CA LEU E 62 16.08 23.31 20.86
C LEU E 62 16.82 24.65 20.83
N ILE E 63 16.66 25.42 19.78
CA ILE E 63 17.21 26.78 19.73
C ILE E 63 16.20 27.73 20.35
N ARG E 64 16.70 28.78 20.98
CA ARG E 64 15.82 29.77 21.59
C ARG E 64 15.18 30.63 20.49
N LYS E 65 13.91 30.99 20.71
CA LYS E 65 13.11 31.54 19.62
C LYS E 65 13.56 32.93 19.22
N LEU E 66 13.75 33.83 20.19
CA LEU E 66 14.09 35.21 19.85
C LEU E 66 15.43 35.32 19.17
N PRO E 67 16.51 34.69 19.65
CA PRO E 67 17.77 34.74 18.90
C PRO E 67 17.63 34.24 17.48
N PHE E 68 16.87 33.18 17.26
CA PHE E 68 16.69 32.66 15.91
C PHE E 68 15.92 33.66 15.06
N GLN E 69 14.89 34.29 15.62
CA GLN E 69 14.15 35.29 14.87
C GLN E 69 15.05 36.45 14.48
N ARG E 70 15.91 36.89 15.40
CA ARG E 70 16.84 37.96 15.07
C ARG E 70 17.79 37.53 13.96
N LEU E 71 18.27 36.30 14.02
CA LEU E 71 19.15 35.80 12.97
C LEU E 71 18.44 35.78 11.62
N VAL E 72 17.18 35.34 11.61
CA VAL E 72 16.43 35.29 10.36
C VAL E 72 16.26 36.69 9.79
N ARG E 73 15.90 37.65 10.63
CA ARG E 73 15.69 39.01 10.14
C ARG E 73 17.00 39.63 9.65
N GLU E 74 18.11 39.36 10.33
CA GLU E 74 19.39 39.90 9.89
C GLU E 74 19.76 39.35 8.52
N ILE E 75 19.61 38.04 8.32
CA ILE E 75 19.92 37.46 7.02
C ILE E 75 19.02 38.03 5.95
N ALA E 76 17.73 38.20 6.26
CA ALA E 76 16.78 38.63 5.25
C ALA E 76 17.02 40.07 4.81
N GLN E 77 17.58 40.91 5.69
CA GLN E 77 17.74 42.31 5.35
C GLN E 77 18.77 42.52 4.24
N ASP E 78 19.56 41.51 3.90
CA ASP E 78 20.48 41.62 2.79
C ASP E 78 19.81 41.38 1.45
N PHE E 79 18.60 40.83 1.45
CA PHE E 79 17.88 40.53 0.22
C PHE E 79 16.78 41.54 -0.08
N LYS E 80 16.10 42.04 0.94
CA LYS E 80 15.10 43.08 0.77
C LYS E 80 15.00 43.86 2.07
N THR E 81 14.69 45.15 1.95
CA THR E 81 14.70 46.07 3.07
C THR E 81 13.30 46.29 3.61
N ASP E 82 13.21 46.42 4.93
CA ASP E 82 11.93 46.60 5.61
C ASP E 82 10.97 45.45 5.31
N LEU E 83 11.43 44.23 5.60
CA LEU E 83 10.59 43.06 5.46
C LEU E 83 9.84 42.78 6.75
N ARG E 84 8.63 42.25 6.60
CA ARG E 84 7.82 41.78 7.71
C ARG E 84 7.73 40.27 7.63
N PHE E 85 7.74 39.60 8.77
CA PHE E 85 7.71 38.15 8.86
C PHE E 85 6.49 37.73 9.65
N GLN E 86 5.75 36.76 9.13
CA GLN E 86 4.70 36.13 9.91
C GLN E 86 5.30 35.36 11.07
N SER E 87 4.51 35.16 12.11
CA SER E 87 4.98 34.34 13.22
C SER E 87 5.26 32.92 12.76
N SER E 88 4.40 32.36 11.93
CA SER E 88 4.57 31.00 11.45
C SER E 88 5.66 30.88 10.39
N ALA E 89 6.03 31.98 9.75
CA ALA E 89 7.15 31.94 8.82
C ALA E 89 8.47 31.71 9.56
N VAL E 90 8.68 32.42 10.66
CA VAL E 90 9.87 32.20 11.46
C VAL E 90 9.83 30.83 12.12
N MET E 91 8.65 30.39 12.55
CA MET E 91 8.54 29.06 13.15
C MET E 91 8.84 27.97 12.12
N ALA E 92 8.35 28.12 10.90
CA ALA E 92 8.67 27.15 9.85
C ALA E 92 10.16 27.13 9.58
N LEU E 93 10.79 28.31 9.51
CA LEU E 93 12.23 28.36 9.29
C LEU E 93 12.98 27.68 10.41
N GLN E 94 12.54 27.87 11.67
CA GLN E 94 13.21 27.24 12.79
C GLN E 94 13.04 25.73 12.75
N GLU E 95 11.85 25.25 12.42
CA GLU E 95 11.65 23.81 12.30
C GLU E 95 12.57 23.22 11.24
N ALA E 96 12.62 23.86 10.07
CA ALA E 96 13.47 23.37 9.01
C ALA E 96 14.94 23.39 9.41
N SER E 97 15.38 24.48 10.04
CA SER E 97 16.78 24.60 10.44
C SER E 97 17.15 23.55 11.47
N GLU E 98 16.30 23.35 12.48
CA GLU E 98 16.58 22.35 13.50
C GLU E 98 16.63 20.96 12.89
N ALA E 99 15.69 20.63 12.01
CA ALA E 99 15.72 19.32 11.37
C ALA E 99 16.99 19.15 10.56
N TYR E 100 17.38 20.18 9.81
CA TYR E 100 18.59 20.10 9.00
C TYR E 100 19.81 19.87 9.87
N LEU E 101 19.93 20.62 10.97
CA LEU E 101 21.12 20.51 11.81
C LEU E 101 21.15 19.18 12.54
N VAL E 102 19.98 18.67 12.95
CA VAL E 102 19.95 17.37 13.62
C VAL E 102 20.35 16.27 12.64
N GLY E 103 19.86 16.32 11.40
CA GLY E 103 20.29 15.34 10.42
C GLY E 103 21.77 15.44 10.12
N LEU E 104 22.28 16.67 10.02
CA LEU E 104 23.70 16.86 9.77
C LEU E 104 24.53 16.33 10.92
N PHE E 105 24.05 16.48 12.15
CA PHE E 105 24.79 15.95 13.29
C PHE E 105 24.72 14.44 13.36
N GLU E 106 23.61 13.85 12.91
CA GLU E 106 23.56 12.39 12.78
C GLU E 106 24.65 11.92 11.82
N ASP E 107 24.75 12.58 10.66
CA ASP E 107 25.77 12.19 9.69
C ASP E 107 27.18 12.43 10.23
N THR E 108 27.37 13.55 10.94
CA THR E 108 28.67 13.84 11.53
C THR E 108 29.05 12.79 12.55
N ASN E 109 28.10 12.37 13.37
CA ASN E 109 28.36 11.34 14.36
C ASN E 109 28.73 10.02 13.69
N LEU E 110 28.05 9.69 12.58
CA LEU E 110 28.44 8.49 11.85
C LEU E 110 29.85 8.60 11.31
N SER E 111 30.22 9.78 10.79
CA SER E 111 31.57 9.96 10.26
C SER E 111 32.62 9.84 11.36
N ALA E 112 32.35 10.45 12.51
CA ALA E 112 33.33 10.41 13.61
C ALA E 112 33.58 8.99 14.07
N ILE E 113 32.51 8.20 14.24
CA ILE E 113 32.66 6.81 14.65
C ILE E 113 33.44 6.04 13.60
N HIS E 114 33.21 6.35 12.32
CA HIS E 114 33.93 5.70 11.25
C HIS E 114 35.44 5.85 11.41
N ALA E 115 35.88 6.99 11.94
CA ALA E 115 37.30 7.24 12.18
C ALA E 115 37.76 6.73 13.53
N LYS E 116 37.01 5.81 14.14
CA LYS E 116 37.34 5.29 15.46
C LYS E 116 37.46 6.41 16.48
N ARG E 117 36.51 7.35 16.44
CA ARG E 117 36.42 8.43 17.40
C ARG E 117 34.99 8.52 17.91
N VAL E 118 34.85 8.93 19.17
CA VAL E 118 33.53 9.25 19.72
C VAL E 118 33.28 10.75 19.78
N THR E 119 34.23 11.56 19.35
CA THR E 119 34.13 13.01 19.38
C THR E 119 33.99 13.52 17.95
N ILE E 120 32.99 14.35 17.72
CA ILE E 120 32.80 14.96 16.41
C ILE E 120 33.64 16.22 16.32
N MET E 121 34.28 16.40 15.17
CA MET E 121 35.15 17.53 14.90
C MET E 121 34.72 18.20 13.61
N PRO E 122 35.20 19.41 13.34
CA PRO E 122 34.83 20.09 12.09
C PRO E 122 35.08 19.25 10.85
N LYS E 123 36.17 18.49 10.83
CA LYS E 123 36.44 17.63 9.68
C LYS E 123 35.35 16.59 9.49
N ASP E 124 34.59 16.28 10.55
CA ASP E 124 33.49 15.35 10.41
C ASP E 124 32.29 16.00 9.74
N ILE E 125 31.99 17.25 10.08
CA ILE E 125 30.92 17.97 9.41
C ILE E 125 31.27 18.18 7.94
N GLN E 126 32.53 18.52 7.67
CA GLN E 126 32.93 18.76 6.29
C GLN E 126 32.76 17.49 5.45
N LEU E 127 33.12 16.33 6.01
CA LEU E 127 32.91 15.08 5.28
C LEU E 127 31.43 14.85 5.02
N ALA E 128 30.59 15.04 6.03
CA ALA E 128 29.17 14.80 5.86
C ALA E 128 28.60 15.70 4.78
N ARG E 129 28.96 16.98 4.81
CA ARG E 129 28.44 17.92 3.82
C ARG E 129 28.98 17.62 2.43
N ARG E 130 30.26 17.29 2.32
CA ARG E 130 30.85 16.98 1.02
C ARG E 130 30.21 15.75 0.41
N ILE E 131 29.95 14.72 1.22
CA ILE E 131 29.32 13.52 0.70
C ILE E 131 27.87 13.77 0.34
N ARG E 132 27.17 14.58 1.16
CA ARG E 132 25.78 14.90 0.87
C ARG E 132 25.61 15.65 -0.44
N GLY E 133 26.68 16.25 -0.95
CA GLY E 133 26.58 17.11 -2.11
C GLY E 133 26.40 18.58 -1.80
N GLU E 134 26.51 18.96 -0.54
CA GLU E 134 26.38 20.36 -0.15
C GLU E 134 27.68 21.09 -0.46
N ARG E 135 27.80 22.32 0.03
CA ARG E 135 28.99 23.15 -0.20
C ARG E 135 29.37 23.16 -1.67
N ARG F 21 13.63 51.15 10.36
CA ARG F 21 13.99 50.62 11.71
C ARG F 21 15.48 50.30 11.80
N LYS F 22 15.91 49.81 12.95
CA LYS F 22 17.32 49.56 13.19
C LYS F 22 17.81 48.36 12.38
N VAL F 23 19.11 48.31 12.15
CA VAL F 23 19.76 47.22 11.42
C VAL F 23 20.40 46.28 12.43
N LEU F 24 20.22 44.98 12.20
CA LEU F 24 20.71 43.96 13.11
C LEU F 24 22.12 43.55 12.73
N ARG F 25 22.88 43.09 13.73
CA ARG F 25 24.27 42.69 13.52
C ARG F 25 24.66 41.62 14.52
N ASP F 26 25.50 40.70 14.06
CA ASP F 26 26.12 39.68 14.90
C ASP F 26 25.04 39.01 15.75
N ASN F 27 24.14 38.32 15.04
CA ASN F 27 23.10 37.53 15.68
C ASN F 27 23.34 36.03 15.54
N ILE F 28 24.29 35.61 14.72
CA ILE F 28 24.62 34.19 14.64
C ILE F 28 25.16 33.71 15.98
N GLN F 29 25.74 34.60 16.77
CA GLN F 29 26.15 34.26 18.12
C GLN F 29 24.97 33.99 19.04
N GLY F 30 23.75 34.33 18.61
CA GLY F 30 22.57 33.93 19.36
C GLY F 30 22.28 32.45 19.31
N ILE F 31 22.89 31.74 18.36
CA ILE F 31 22.84 30.28 18.34
C ILE F 31 23.93 29.78 19.29
N THR F 32 23.57 29.63 20.56
CA THR F 32 24.55 29.52 21.61
C THR F 32 25.18 28.13 21.63
N LYS F 33 26.26 27.99 22.40
CA LYS F 33 26.97 26.70 22.54
C LYS F 33 26.03 25.68 23.18
N PRO F 34 25.27 25.98 24.25
CA PRO F 34 24.29 24.99 24.73
C PRO F 34 23.27 24.59 23.69
N ALA F 35 22.79 25.54 22.87
CA ALA F 35 21.78 25.20 21.88
C ALA F 35 22.33 24.22 20.85
N ILE F 36 23.56 24.44 20.39
CA ILE F 36 24.16 23.53 19.42
C ILE F 36 24.37 22.15 20.05
N ARG F 37 24.69 22.11 21.34
CA ARG F 37 24.85 20.82 22.00
C ARG F 37 23.54 20.05 22.01
N ARG F 38 22.43 20.72 22.29
CA ARG F 38 21.14 20.03 22.31
C ARG F 38 20.80 19.46 20.95
N LEU F 39 21.06 20.21 19.89
CA LEU F 39 20.88 19.67 18.56
C LEU F 39 21.81 18.48 18.33
N ALA F 40 23.00 18.54 18.90
CA ALA F 40 23.93 17.42 18.79
C ALA F 40 23.42 16.20 19.54
N ARG F 41 22.92 16.39 20.75
CA ARG F 41 22.40 15.25 21.52
C ARG F 41 21.22 14.61 20.80
N ARG F 42 20.29 15.42 20.30
CA ARG F 42 19.18 14.87 19.53
C ARG F 42 19.68 14.15 18.29
N GLY F 43 20.85 14.51 17.79
CA GLY F 43 21.48 13.80 16.70
C GLY F 43 22.30 12.61 17.11
N GLY F 44 22.35 12.30 18.40
CA GLY F 44 23.05 11.12 18.87
C GLY F 44 24.51 11.32 19.20
N VAL F 45 24.96 12.55 19.39
CA VAL F 45 26.35 12.85 19.64
C VAL F 45 26.62 12.84 21.13
N LYS F 46 27.72 12.20 21.52
CA LYS F 46 28.10 12.05 22.93
C LYS F 46 29.18 13.02 23.35
N ARG F 47 30.20 13.23 22.52
CA ARG F 47 31.31 14.11 22.82
C ARG F 47 31.44 15.11 21.67
N ILE F 48 31.54 16.39 22.00
CA ILE F 48 31.54 17.47 21.02
C ILE F 48 32.85 18.21 21.11
N SER F 49 33.49 18.43 19.96
CA SER F 49 34.72 19.18 19.91
C SER F 49 34.45 20.67 20.07
N GLY F 50 35.44 21.39 20.60
CA GLY F 50 35.28 22.80 20.87
C GLY F 50 35.16 23.65 19.63
N LEU F 51 35.63 23.15 18.49
CA LEU F 51 35.57 23.89 17.24
C LEU F 51 34.29 23.63 16.46
N ILE F 52 33.42 22.75 16.95
CA ILE F 52 32.19 22.44 16.23
C ILE F 52 31.23 23.62 16.28
N TYR F 53 31.25 24.39 17.38
CA TYR F 53 30.26 25.44 17.56
C TYR F 53 30.41 26.52 16.49
N GLU F 54 31.64 26.89 16.17
CA GLU F 54 31.85 27.89 15.12
C GLU F 54 31.65 27.31 13.73
N GLU F 55 31.87 26.00 13.57
CA GLU F 55 31.61 25.37 12.28
C GLU F 55 30.12 25.18 12.04
N THR F 56 29.37 24.87 13.10
CA THR F 56 27.93 24.67 12.96
C THR F 56 27.23 25.99 12.63
N ARG F 57 27.69 27.09 13.21
CA ARG F 57 27.07 28.38 12.94
C ARG F 57 27.21 28.76 11.47
N GLY F 58 28.36 28.47 10.87
CA GLY F 58 28.52 28.74 9.44
C GLY F 58 27.58 27.92 8.59
N VAL F 59 27.42 26.65 8.91
CA VAL F 59 26.50 25.79 8.17
C VAL F 59 25.08 26.32 8.27
N LEU F 60 24.68 26.68 9.49
CA LEU F 60 23.33 27.21 9.69
C LEU F 60 23.14 28.52 8.94
N LYS F 61 24.15 29.39 8.94
CA LYS F 61 24.05 30.64 8.19
C LYS F 61 23.88 30.37 6.70
N VAL F 62 24.65 29.43 6.16
CA VAL F 62 24.53 29.11 4.73
C VAL F 62 23.14 28.57 4.43
N PHE F 63 22.66 27.66 5.25
CA PHE F 63 21.35 27.05 5.01
C PHE F 63 20.26 28.11 5.05
N LEU F 64 20.31 29.01 6.04
CA LEU F 64 19.28 30.03 6.15
C LEU F 64 19.39 31.07 5.06
N GLU F 65 20.61 31.35 4.58
CA GLU F 65 20.74 32.25 3.44
C GLU F 65 20.11 31.64 2.20
N ASN F 66 20.33 30.35 1.98
CA ASN F 66 19.72 29.71 0.81
C ASN F 66 18.21 29.68 0.93
N VAL F 67 17.68 29.38 2.11
CA VAL F 67 16.23 29.24 2.26
C VAL F 67 15.56 30.61 2.19
N ILE F 68 16.11 31.60 2.89
CA ILE F 68 15.46 32.89 3.00
C ILE F 68 15.52 33.65 1.69
N ARG F 69 16.55 33.42 0.88
CA ARG F 69 16.63 34.08 -0.42
C ARG F 69 15.45 33.67 -1.29
N ASP F 70 15.14 32.37 -1.32
CA ASP F 70 14.01 31.90 -2.12
C ASP F 70 12.68 32.36 -1.55
N ALA F 71 12.55 32.37 -0.22
CA ALA F 71 11.33 32.85 0.39
C ALA F 71 11.11 34.33 0.07
N VAL F 72 12.18 35.13 0.14
CA VAL F 72 12.06 36.54 -0.18
C VAL F 72 11.75 36.72 -1.66
N THR F 73 12.31 35.87 -2.52
CA THR F 73 11.97 35.94 -3.94
C THR F 73 10.49 35.66 -4.18
N TYR F 74 9.96 34.64 -3.51
CA TYR F 74 8.54 34.34 -3.65
C TYR F 74 7.69 35.50 -3.15
N THR F 75 8.07 36.08 -2.01
CA THR F 75 7.34 37.24 -1.50
C THR F 75 7.39 38.41 -2.48
N GLU F 76 8.56 38.67 -3.07
CA GLU F 76 8.68 39.77 -4.01
C GLU F 76 7.83 39.53 -5.24
N HIS F 77 7.81 38.30 -5.75
CA HIS F 77 6.97 37.99 -6.90
C HIS F 77 5.51 38.19 -6.57
N ALA F 78 5.09 37.79 -5.37
CA ALA F 78 3.72 38.03 -4.95
C ALA F 78 3.42 39.50 -4.77
N LYS F 79 4.44 40.35 -4.79
CA LYS F 79 4.29 41.79 -4.57
C LYS F 79 3.86 42.09 -3.14
N ARG F 80 4.25 41.21 -2.21
CA ARG F 80 3.99 41.39 -0.80
C ARG F 80 5.23 41.93 -0.11
N LYS F 81 5.04 42.44 1.11
CA LYS F 81 6.13 42.85 1.97
C LYS F 81 6.23 42.00 3.22
N THR F 82 5.34 41.01 3.38
CA THR F 82 5.35 40.11 4.51
C THR F 82 5.73 38.72 4.00
N VAL F 83 6.78 38.14 4.56
CA VAL F 83 7.15 36.76 4.24
C VAL F 83 6.19 35.85 4.99
N THR F 84 5.52 34.96 4.27
CA THR F 84 4.50 34.10 4.85
C THR F 84 5.03 32.69 5.03
N ALA F 85 4.30 31.90 5.82
CA ALA F 85 4.69 30.52 6.03
C ALA F 85 4.70 29.73 4.74
N MET F 86 3.79 30.06 3.82
CA MET F 86 3.75 29.36 2.53
C MET F 86 4.97 29.71 1.69
N ASP F 87 5.44 30.95 1.78
CA ASP F 87 6.68 31.31 1.08
C ASP F 87 7.83 30.45 1.56
N VAL F 88 7.95 30.27 2.88
CA VAL F 88 9.02 29.46 3.44
C VAL F 88 8.85 28.01 3.02
N VAL F 89 7.63 27.51 3.04
CA VAL F 89 7.39 26.12 2.66
C VAL F 89 7.78 25.89 1.21
N TYR F 90 7.39 26.80 0.32
CA TYR F 90 7.78 26.67 -1.08
C TYR F 90 9.29 26.74 -1.25
N ALA F 91 9.94 27.66 -0.52
CA ALA F 91 11.39 27.75 -0.61
C ALA F 91 12.05 26.45 -0.16
N LEU F 92 11.56 25.88 0.95
CA LEU F 92 12.10 24.61 1.41
C LEU F 92 11.83 23.50 0.42
N LYS F 93 10.61 23.45 -0.13
CA LYS F 93 10.27 22.40 -1.08
C LYS F 93 11.11 22.51 -2.34
N ARG F 94 11.48 23.74 -2.72
CA ARG F 94 12.30 23.92 -3.91
C ARG F 94 13.71 23.39 -3.72
N GLN F 95 14.09 23.05 -2.48
CA GLN F 95 15.40 22.51 -2.18
C GLN F 95 15.35 21.07 -1.72
N GLY F 96 14.26 20.36 -2.01
CA GLY F 96 14.13 18.98 -1.58
C GLY F 96 14.06 18.81 -0.09
N ARG F 97 13.46 19.77 0.62
CA ARG F 97 13.33 19.73 2.06
C ARG F 97 11.90 20.01 2.47
N THR F 98 10.97 19.29 1.85
CA THR F 98 9.54 19.45 2.12
C THR F 98 9.28 19.50 3.62
N LEU F 99 8.37 20.40 4.01
CA LEU F 99 8.05 20.63 5.41
C LEU F 99 6.54 20.56 5.59
N TYR F 100 6.08 19.53 6.31
CA TYR F 100 4.68 19.39 6.65
C TYR F 100 4.39 20.11 7.96
N GLY F 101 3.13 20.51 8.12
CA GLY F 101 2.66 21.10 9.36
C GLY F 101 2.53 22.61 9.36
N PHE F 102 2.71 23.27 8.22
CA PHE F 102 2.57 24.72 8.13
C PHE F 102 1.70 25.13 6.96
N GLY F 103 0.83 24.23 6.50
CA GLY F 103 -0.08 24.53 5.43
C GLY F 103 0.41 24.16 4.05
N GLY F 104 1.45 23.36 3.94
CA GLY F 104 1.98 22.95 2.65
C GLY F 104 0.92 22.45 1.68
N GLY G 12 4.38 43.10 -47.19
CA GLY G 12 5.69 43.14 -46.45
C GLY G 12 6.10 41.78 -45.93
N LYS G 13 7.37 41.45 -46.09
CA LYS G 13 7.88 40.16 -45.64
C LYS G 13 7.66 40.01 -44.13
N ALA G 14 7.22 38.83 -43.72
CA ALA G 14 7.00 38.57 -42.31
C ALA G 14 8.32 38.62 -41.53
N LYS G 15 8.28 39.21 -40.35
CA LYS G 15 9.44 39.32 -39.48
C LYS G 15 9.37 38.27 -38.38
N SER G 16 10.43 37.49 -38.22
CA SER G 16 10.49 36.53 -37.13
C SER G 16 10.57 37.26 -35.80
N ARG G 17 9.87 36.72 -34.80
CA ARG G 17 9.91 37.33 -33.47
C ARG G 17 11.31 37.26 -32.88
N SER G 18 12.10 36.25 -33.28
CA SER G 18 13.48 36.18 -32.82
C SER G 18 14.28 37.39 -33.28
N ASN G 19 14.12 37.77 -34.56
CA ASN G 19 14.84 38.93 -35.06
C ASN G 19 14.41 40.19 -34.33
N ARG G 20 13.12 40.34 -34.06
CA ARG G 20 12.65 41.49 -33.30
C ARG G 20 13.28 41.51 -31.92
N ALA G 21 13.36 40.37 -31.26
CA ALA G 21 13.98 40.29 -29.94
C ALA G 21 15.49 40.34 -30.00
N GLY G 22 16.09 40.22 -31.19
CA GLY G 22 17.53 40.17 -31.30
C GLY G 22 18.14 38.88 -30.80
N LEU G 23 17.43 37.76 -30.96
CA LEU G 23 17.85 36.48 -30.45
C LEU G 23 18.10 35.52 -31.61
N GLN G 24 18.78 34.41 -31.29
CA GLN G 24 18.95 33.31 -32.21
C GLN G 24 17.97 32.18 -31.97
N PHE G 25 17.58 31.95 -30.73
CA PHE G 25 16.68 30.86 -30.41
C PHE G 25 15.27 31.17 -30.88
N PRO G 26 14.45 30.15 -31.10
CA PRO G 26 13.13 30.36 -31.71
C PRO G 26 12.10 30.82 -30.69
N VAL G 27 11.68 32.07 -30.81
CA VAL G 27 10.67 32.60 -29.90
C VAL G 27 9.31 31.98 -30.18
N GLY G 28 8.96 31.80 -31.46
CA GLY G 28 7.68 31.21 -31.78
C GLY G 28 7.56 29.77 -31.32
N ARG G 29 8.62 28.98 -31.54
CA ARG G 29 8.60 27.60 -31.10
C ARG G 29 8.51 27.50 -29.59
N ILE G 30 9.27 28.34 -28.87
CA ILE G 30 9.21 28.31 -27.42
C ILE G 30 7.84 28.74 -26.92
N HIS G 31 7.22 29.71 -27.60
CA HIS G 31 5.87 30.10 -27.24
C HIS G 31 4.90 28.96 -27.42
N ARG G 32 5.03 28.22 -28.52
CA ARG G 32 4.13 27.10 -28.76
C ARG G 32 4.34 26.00 -27.74
N LEU G 33 5.60 25.72 -27.37
CA LEU G 33 5.87 24.73 -26.35
C LEU G 33 5.31 25.15 -25.00
N LEU G 34 5.43 26.43 -24.66
CA LEU G 34 4.83 26.92 -23.42
C LEU G 34 3.32 26.78 -23.45
N ARG G 35 2.69 27.13 -24.57
CA ARG G 35 1.24 27.05 -24.67
C ARG G 35 0.75 25.61 -24.57
N LYS G 36 1.47 24.68 -25.18
CA LYS G 36 1.03 23.30 -25.28
C LYS G 36 1.63 22.41 -24.20
N GLY G 37 2.42 22.96 -23.29
CA GLY G 37 3.07 22.19 -22.26
C GLY G 37 2.32 22.05 -20.96
N ASN G 38 1.07 22.50 -20.89
CA ASN G 38 0.28 22.41 -19.68
C ASN G 38 0.98 23.10 -18.51
N TYR G 39 1.34 24.36 -18.72
CA TYR G 39 1.99 25.16 -17.69
C TYR G 39 1.06 26.20 -17.09
N ALA G 40 0.24 26.85 -17.91
CA ALA G 40 -0.74 27.80 -17.42
C ALA G 40 -1.84 27.92 -18.46
N GLU G 41 -2.97 28.47 -18.02
CA GLU G 41 -4.09 28.64 -18.94
C GLU G 41 -3.71 29.56 -20.10
N ARG G 42 -3.00 30.65 -19.82
CA ARG G 42 -2.59 31.60 -20.82
C ARG G 42 -1.09 31.83 -20.73
N VAL G 43 -0.50 32.26 -21.83
CA VAL G 43 0.93 32.53 -21.91
C VAL G 43 1.12 33.95 -22.44
N GLY G 44 1.89 34.75 -21.72
CA GLY G 44 2.09 36.13 -22.12
C GLY G 44 2.97 36.25 -23.35
N ALA G 45 2.85 37.42 -24.00
CA ALA G 45 3.64 37.67 -25.20
C ALA G 45 5.13 37.72 -24.89
N GLY G 46 5.51 38.35 -23.77
CA GLY G 46 6.90 38.48 -23.43
C GLY G 46 7.52 37.29 -22.74
N ALA G 47 6.72 36.32 -22.31
CA ALA G 47 7.28 35.12 -21.68
C ALA G 47 8.18 34.34 -22.62
N PRO G 48 7.74 33.99 -23.84
CA PRO G 48 8.66 33.27 -24.72
C PRO G 48 9.92 34.04 -25.05
N VAL G 49 9.84 35.36 -25.17
CA VAL G 49 11.04 36.15 -25.49
C VAL G 49 12.04 36.04 -24.34
N TYR G 50 11.56 36.23 -23.11
CA TYR G 50 12.43 36.14 -21.95
C TYR G 50 13.03 34.76 -21.82
N LEU G 51 12.21 33.72 -22.00
CA LEU G 51 12.70 32.36 -21.86
C LEU G 51 13.73 32.03 -22.92
N ALA G 52 13.49 32.46 -24.16
CA ALA G 52 14.46 32.23 -25.23
C ALA G 52 15.75 32.96 -24.95
N ALA G 53 15.67 34.19 -24.45
CA ALA G 53 16.88 34.93 -24.14
C ALA G 53 17.69 34.24 -23.05
N VAL G 54 17.02 33.74 -22.03
CA VAL G 54 17.73 33.05 -20.94
C VAL G 54 18.36 31.77 -21.44
N MET G 55 17.62 30.98 -22.23
CA MET G 55 18.17 29.75 -22.76
C MET G 55 19.37 30.03 -23.66
N GLU G 56 19.27 31.04 -24.50
CA GLU G 56 20.39 31.40 -25.37
C GLU G 56 21.60 31.84 -24.56
N TYR G 57 21.37 32.62 -23.50
CA TYR G 57 22.50 33.08 -22.68
C TYR G 57 23.20 31.91 -22.02
N LEU G 58 22.43 30.97 -21.47
CA LEU G 58 23.05 29.82 -20.81
C LEU G 58 23.79 28.96 -21.82
N ALA G 59 23.20 28.74 -22.99
CA ALA G 59 23.88 27.98 -24.02
C ALA G 59 25.16 28.66 -24.46
N ALA G 60 25.13 29.99 -24.58
CA ALA G 60 26.33 30.73 -24.96
C ALA G 60 27.43 30.57 -23.91
N GLU G 61 27.06 30.67 -22.63
CA GLU G 61 28.06 30.47 -21.57
C GLU G 61 28.71 29.09 -21.68
N VAL G 62 27.88 28.06 -21.75
CA VAL G 62 28.40 26.69 -21.79
C VAL G 62 29.25 26.49 -23.04
N LEU G 63 28.81 27.02 -24.17
CA LEU G 63 29.53 26.82 -25.42
C LEU G 63 30.85 27.57 -25.41
N GLU G 64 30.89 28.77 -24.82
CA GLU G 64 32.14 29.51 -24.76
C GLU G 64 33.16 28.76 -23.90
N LEU G 65 32.72 28.27 -22.73
CA LEU G 65 33.65 27.51 -21.90
C LEU G 65 34.08 26.22 -22.58
N ALA G 66 33.16 25.55 -23.28
CA ALA G 66 33.51 24.33 -23.99
C ALA G 66 34.50 24.60 -25.12
N GLY G 67 34.33 25.72 -25.83
CA GLY G 67 35.27 26.07 -26.88
C GLY G 67 36.64 26.40 -26.33
N ASN G 68 36.69 27.08 -25.19
CA ASN G 68 37.98 27.30 -24.54
C ASN G 68 38.63 25.98 -24.17
N ALA G 69 37.86 25.05 -23.62
CA ALA G 69 38.41 23.75 -23.27
C ALA G 69 38.92 23.02 -24.50
N ALA G 70 38.17 23.10 -25.61
CA ALA G 70 38.60 22.46 -26.84
C ALA G 70 39.90 23.07 -27.34
N ARG G 71 40.02 24.39 -27.27
CA ARG G 71 41.26 25.05 -27.67
C ARG G 71 42.42 24.59 -26.80
N ASP G 72 42.20 24.44 -25.49
CA ASP G 72 43.25 23.95 -24.61
C ASP G 72 43.72 22.57 -25.04
N ASN G 73 42.78 21.71 -25.42
CA ASN G 73 43.10 20.36 -25.84
C ASN G 73 43.51 20.32 -27.32
N LYS G 74 43.69 21.47 -27.94
CA LYS G 74 44.14 21.60 -29.33
C LYS G 74 43.14 21.03 -30.32
N LYS G 75 41.86 21.01 -29.97
CA LYS G 75 40.81 20.50 -30.84
C LYS G 75 39.96 21.64 -31.38
N THR G 76 39.62 21.56 -32.67
CA THR G 76 38.76 22.55 -33.31
C THR G 76 37.29 22.28 -33.06
N ARG G 77 36.94 21.14 -32.48
CA ARG G 77 35.56 20.67 -32.38
C ARG G 77 35.24 20.32 -30.94
N ILE G 78 34.05 20.68 -30.50
CA ILE G 78 33.60 20.42 -29.13
C ILE G 78 33.08 18.99 -29.06
N ILE G 79 33.56 18.24 -28.07
CA ILE G 79 33.06 16.89 -27.80
C ILE G 79 32.57 16.84 -26.36
N PRO G 80 31.84 15.80 -25.96
CA PRO G 80 31.28 15.79 -24.60
C PRO G 80 32.31 16.00 -23.51
N ARG G 81 33.55 15.57 -23.74
CA ARG G 81 34.60 15.79 -22.75
C ARG G 81 34.78 17.26 -22.47
N HIS G 82 34.76 18.10 -23.51
CA HIS G 82 34.94 19.53 -23.31
C HIS G 82 33.74 20.14 -22.61
N LEU G 83 32.54 19.67 -22.91
CA LEU G 83 31.36 20.14 -22.19
C LEU G 83 31.47 19.81 -20.71
N GLN G 84 31.91 18.59 -20.40
CA GLN G 84 32.07 18.20 -19.01
C GLN G 84 33.12 19.05 -18.31
N LEU G 85 34.26 19.27 -18.95
CA LEU G 85 35.30 20.09 -18.35
C LEU G 85 34.80 21.50 -18.10
N ALA G 86 34.11 22.09 -19.08
CA ALA G 86 33.59 23.44 -18.93
C ALA G 86 32.58 23.52 -17.80
N ILE G 87 31.70 22.53 -17.70
CA ILE G 87 30.64 22.58 -16.70
C ILE G 87 31.21 22.39 -15.31
N ARG G 88 32.16 21.45 -15.15
CA ARG G 88 32.65 21.14 -13.81
C ARG G 88 33.72 22.12 -13.35
N ASN G 89 34.43 22.77 -14.26
CA ASN G 89 35.43 23.75 -13.85
C ASN G 89 34.83 25.12 -13.59
N ASP G 90 33.53 25.31 -13.83
CA ASP G 90 32.85 26.55 -13.52
C ASP G 90 31.95 26.31 -12.31
N GLU G 91 32.14 27.11 -11.26
CA GLU G 91 31.41 26.89 -10.02
C GLU G 91 29.92 27.04 -10.23
N GLU G 92 29.50 28.07 -10.96
CA GLU G 92 28.08 28.35 -11.09
C GLU G 92 27.40 27.33 -11.99
N LEU G 93 27.99 27.01 -13.14
CA LEU G 93 27.42 25.98 -14.00
C LEU G 93 27.43 24.63 -13.30
N ASN G 94 28.51 24.33 -12.57
CA ASN G 94 28.57 23.07 -11.83
C ASN G 94 27.45 22.99 -10.80
N LYS G 95 27.16 24.09 -10.11
CA LYS G 95 26.02 24.11 -9.21
C LYS G 95 24.72 23.90 -9.97
N LEU G 96 24.58 24.55 -11.13
CA LEU G 96 23.34 24.43 -11.89
C LEU G 96 23.10 23.00 -12.36
N LEU G 97 24.15 22.34 -12.86
CA LEU G 97 24.05 20.98 -13.38
C LEU G 97 24.63 19.96 -12.43
N SER G 98 24.42 20.14 -11.13
CA SER G 98 25.03 19.25 -10.15
C SER G 98 24.46 17.85 -10.25
N GLY G 99 23.18 17.72 -10.56
CA GLY G 99 22.54 16.43 -10.61
C GLY G 99 22.50 15.81 -11.99
N VAL G 100 23.38 16.28 -12.88
CA VAL G 100 23.36 15.89 -14.29
C VAL G 100 24.60 15.06 -14.59
N THR G 101 24.41 13.95 -15.29
CA THR G 101 25.49 13.15 -15.82
C THR G 101 25.60 13.37 -17.32
N ILE G 102 26.78 13.74 -17.78
CA ILE G 102 27.04 14.00 -19.20
C ILE G 102 27.68 12.75 -19.79
N ALA G 103 26.99 12.12 -20.74
CA ALA G 103 27.51 10.90 -21.34
C ALA G 103 28.85 11.17 -22.01
N GLN G 104 29.78 10.24 -21.84
CA GLN G 104 31.12 10.34 -22.42
C GLN G 104 31.84 11.60 -21.96
N GLY G 105 31.65 11.99 -20.70
CA GLY G 105 32.23 13.21 -20.19
C GLY G 105 33.46 12.98 -19.34
N GLY G 106 33.54 11.83 -18.68
CA GLY G 106 34.66 11.59 -17.81
C GLY G 106 34.53 12.38 -16.52
N VAL G 107 35.68 12.56 -15.86
CA VAL G 107 35.76 13.27 -14.59
C VAL G 107 36.93 14.23 -14.64
N LEU G 108 36.87 15.23 -13.78
CA LEU G 108 37.99 16.16 -13.66
C LEU G 108 39.19 15.42 -13.09
N PRO G 109 40.39 15.61 -13.64
CA PRO G 109 41.57 15.02 -13.00
C PRO G 109 41.75 15.55 -11.59
N ASN G 110 41.63 14.68 -10.59
CA ASN G 110 41.69 15.10 -9.20
C ASN G 110 42.19 13.93 -8.35
N ILE G 111 43.43 14.01 -7.89
CA ILE G 111 44.03 13.02 -7.00
C ILE G 111 44.20 13.67 -5.64
N GLN G 112 43.70 13.01 -4.60
CA GLN G 112 43.85 13.53 -3.25
C GLN G 112 45.31 13.64 -2.87
N ALA G 113 45.66 14.72 -2.17
CA ALA G 113 47.06 14.98 -1.87
C ALA G 113 47.67 13.89 -1.00
N VAL G 114 46.87 13.25 -0.15
CA VAL G 114 47.41 12.23 0.74
C VAL G 114 47.88 11.01 -0.04
N LEU G 115 47.35 10.81 -1.25
CA LEU G 115 47.72 9.65 -2.05
C LEU G 115 48.96 9.86 -2.88
N LEU G 116 49.43 11.09 -3.05
CA LEU G 116 50.62 11.32 -3.84
C LEU G 116 51.85 10.78 -3.10
N PRO G 117 52.89 10.40 -3.83
CA PRO G 117 54.05 9.79 -3.19
C PRO G 117 54.85 10.80 -2.37
N LYS G 118 55.65 10.26 -1.45
CA LYS G 118 56.50 11.07 -0.59
C LYS G 118 55.65 11.94 0.33
N LYS H 29 9.03 8.24 -49.17
CA LYS H 29 8.39 8.91 -48.02
C LYS H 29 9.42 9.29 -46.96
N LYS H 30 9.50 10.58 -46.65
CA LYS H 30 10.43 11.05 -45.65
C LYS H 30 9.93 10.73 -44.24
N ARG H 31 10.86 10.68 -43.29
CA ARG H 31 10.49 10.37 -41.89
C ARG H 31 9.81 11.61 -41.32
N LYS H 32 9.01 11.44 -40.28
CA LYS H 32 8.28 12.53 -39.64
C LYS H 32 9.26 13.55 -39.07
N ARG H 33 8.93 14.82 -39.24
CA ARG H 33 9.85 15.89 -38.82
C ARG H 33 9.98 15.91 -37.31
N LYS H 34 11.22 15.89 -36.83
CA LYS H 34 11.53 15.87 -35.41
C LYS H 34 12.31 17.14 -35.09
N GLU H 35 11.79 17.93 -34.16
CA GLU H 35 12.31 19.26 -33.91
C GLU H 35 13.38 19.23 -32.82
N SER H 36 14.38 20.10 -32.99
CA SER H 36 15.50 20.18 -32.07
C SER H 36 16.03 21.61 -32.06
N TYR H 37 16.82 21.91 -31.03
CA TYR H 37 17.49 23.20 -30.92
C TYR H 37 18.86 23.20 -31.55
N ALA H 38 19.10 22.30 -32.52
CA ALA H 38 20.44 22.14 -33.06
C ALA H 38 20.89 23.37 -33.83
N ILE H 39 20.06 23.87 -34.74
CA ILE H 39 20.50 24.97 -35.59
C ILE H 39 20.74 26.23 -34.77
N TYR H 40 19.93 26.45 -33.74
CA TYR H 40 20.11 27.63 -32.91
C TYR H 40 21.33 27.53 -32.03
N ILE H 41 21.57 26.35 -31.46
CA ILE H 41 22.80 26.13 -30.71
C ILE H 41 24.01 26.34 -31.60
N TYR H 42 23.91 25.89 -32.86
CA TYR H 42 25.02 26.09 -33.80
C TYR H 42 25.24 27.57 -34.08
N LYS H 43 24.16 28.33 -34.24
CA LYS H 43 24.31 29.77 -34.47
C LYS H 43 24.96 30.45 -33.28
N VAL H 44 24.56 30.08 -32.07
CA VAL H 44 25.18 30.66 -30.88
C VAL H 44 26.65 30.29 -30.82
N LEU H 45 26.97 29.04 -31.13
CA LEU H 45 28.37 28.61 -31.13
C LEU H 45 29.18 29.43 -32.12
N LYS H 46 28.67 29.60 -33.33
CA LYS H 46 29.38 30.41 -34.32
C LYS H 46 29.52 31.85 -33.86
N GLN H 47 28.59 32.34 -33.05
CA GLN H 47 28.74 33.68 -32.49
C GLN H 47 29.88 33.73 -31.48
N VAL H 48 29.91 32.79 -30.54
CA VAL H 48 30.92 32.83 -29.48
C VAL H 48 32.28 32.39 -30.00
N HIS H 49 32.32 31.31 -30.79
CA HIS H 49 33.57 30.75 -31.30
C HIS H 49 33.45 30.58 -32.81
N PRO H 50 33.80 31.60 -33.59
CA PRO H 50 33.54 31.53 -35.03
C PRO H 50 34.16 30.34 -35.73
N ASP H 51 35.34 29.90 -35.30
CA ASP H 51 36.08 28.85 -35.98
C ASP H 51 35.93 27.48 -35.34
N THR H 52 35.09 27.35 -34.32
CA THR H 52 34.93 26.08 -33.61
C THR H 52 33.70 25.33 -34.12
N GLY H 53 33.79 24.01 -34.11
CA GLY H 53 32.69 23.15 -34.45
C GLY H 53 32.12 22.44 -33.23
N ILE H 54 31.27 21.46 -33.50
CA ILE H 54 30.66 20.66 -32.45
C ILE H 54 30.31 19.30 -33.03
N SER H 55 30.52 18.25 -32.25
CA SER H 55 30.20 16.90 -32.69
C SER H 55 28.72 16.61 -32.47
N SER H 56 28.26 15.51 -33.06
CA SER H 56 26.85 15.16 -32.95
C SER H 56 26.48 14.82 -31.51
N LYS H 57 27.37 14.14 -30.80
CA LYS H 57 27.07 13.79 -29.41
C LYS H 57 27.11 15.02 -28.51
N ALA H 58 28.07 15.91 -28.73
CA ALA H 58 28.07 17.17 -27.98
C ALA H 58 26.83 17.99 -28.30
N MET H 59 26.40 17.98 -29.57
CA MET H 59 25.18 18.69 -29.92
C MET H 59 23.97 18.08 -29.22
N SER H 60 23.93 16.75 -29.11
CA SER H 60 22.84 16.10 -28.39
C SER H 60 22.85 16.49 -26.93
N ILE H 61 24.03 16.53 -26.31
CA ILE H 61 24.13 16.93 -24.91
C ILE H 61 23.64 18.35 -24.74
N MET H 62 24.02 19.24 -25.65
CA MET H 62 23.60 20.64 -25.57
C MET H 62 22.10 20.78 -25.77
N ASN H 63 21.54 19.99 -26.68
CA ASN H 63 20.09 20.00 -26.88
C ASN H 63 19.37 19.54 -25.62
N SER H 64 19.86 18.47 -25.00
CA SER H 64 19.26 18.03 -23.74
C SER H 64 19.37 19.10 -22.67
N PHE H 65 20.51 19.80 -22.63
CA PHE H 65 20.70 20.85 -21.65
C PHE H 65 19.69 21.98 -21.84
N VAL H 66 19.49 22.39 -23.09
CA VAL H 66 18.54 23.46 -23.38
C VAL H 66 17.13 23.02 -23.03
N ASN H 67 16.77 21.79 -23.36
CA ASN H 67 15.44 21.29 -23.01
C ASN H 67 15.25 21.23 -21.51
N ASP H 68 16.28 20.80 -20.78
CA ASP H 68 16.19 20.74 -19.32
C ASP H 68 16.00 22.12 -18.73
N ILE H 69 16.73 23.11 -19.23
CA ILE H 69 16.58 24.47 -18.73
C ILE H 69 15.18 24.99 -19.03
N PHE H 70 14.69 24.73 -20.24
CA PHE H 70 13.32 25.12 -20.57
C PHE H 70 12.33 24.50 -19.60
N GLU H 71 12.47 23.20 -19.35
CA GLU H 71 11.53 22.51 -18.47
C GLU H 71 11.60 23.06 -17.06
N ARG H 72 12.81 23.29 -16.54
CA ARG H 72 12.94 23.82 -15.19
C ARG H 72 12.28 25.18 -15.07
N ILE H 73 12.61 26.10 -15.97
CA ILE H 73 12.08 27.44 -15.86
C ILE H 73 10.58 27.45 -16.05
N ALA H 74 10.08 26.67 -17.02
CA ALA H 74 8.64 26.64 -17.26
C ALA H 74 7.90 26.05 -16.07
N ALA H 75 8.45 25.00 -15.46
CA ALA H 75 7.81 24.40 -14.30
C ALA H 75 7.78 25.36 -13.12
N GLU H 76 8.88 26.08 -12.88
CA GLU H 76 8.87 27.04 -11.79
C GLU H 76 7.90 28.19 -12.07
N ALA H 77 7.84 28.65 -13.33
CA ALA H 77 6.89 29.69 -13.67
C ALA H 77 5.46 29.22 -13.48
N SER H 78 5.18 27.96 -13.84
CA SER H 78 3.85 27.40 -13.65
C SER H 78 3.50 27.35 -12.17
N ARG H 79 4.44 26.91 -11.33
CA ARG H 79 4.20 26.90 -9.90
C ARG H 79 3.97 28.30 -9.36
N LEU H 80 4.73 29.28 -9.86
CA LEU H 80 4.54 30.65 -9.41
C LEU H 80 3.15 31.16 -9.79
N ALA H 81 2.70 30.86 -11.00
CA ALA H 81 1.37 31.27 -11.40
C ALA H 81 0.31 30.61 -10.54
N HIS H 82 0.48 29.31 -10.25
CA HIS H 82 -0.51 28.61 -9.44
C HIS H 82 -0.53 29.13 -8.01
N TYR H 83 0.64 29.39 -7.43
CA TYR H 83 0.71 29.86 -6.05
C TYR H 83 0.00 31.20 -5.89
N ASN H 84 0.15 32.08 -6.87
CA ASN H 84 -0.46 33.40 -6.82
C ASN H 84 -1.83 33.43 -7.48
N LYS H 85 -2.38 32.28 -7.85
CA LYS H 85 -3.71 32.19 -8.44
C LYS H 85 -3.79 33.06 -9.70
N ARG H 86 -2.77 32.92 -10.55
CA ARG H 86 -2.70 33.63 -11.81
C ARG H 86 -2.81 32.62 -12.95
N SER H 87 -3.64 32.94 -13.93
CA SER H 87 -3.85 32.06 -15.06
C SER H 87 -2.83 32.23 -16.17
N THR H 88 -1.91 33.18 -16.06
CA THR H 88 -0.98 33.52 -17.12
C THR H 88 0.45 33.35 -16.66
N ILE H 89 1.31 32.92 -17.57
CA ILE H 89 2.75 32.88 -17.36
C ILE H 89 3.32 34.07 -18.12
N THR H 90 3.59 35.16 -17.40
CA THR H 90 4.14 36.36 -18.00
C THR H 90 5.65 36.35 -17.86
N SER H 91 6.32 37.37 -18.41
CA SER H 91 7.76 37.47 -18.28
C SER H 91 8.17 37.69 -16.82
N ARG H 92 7.26 38.20 -15.99
CA ARG H 92 7.55 38.32 -14.57
C ARG H 92 7.76 36.94 -13.94
N GLU H 93 6.88 36.00 -14.28
CA GLU H 93 7.04 34.63 -13.78
C GLU H 93 8.34 34.02 -14.25
N ILE H 94 8.69 34.24 -15.53
CA ILE H 94 9.93 33.68 -16.05
C ILE H 94 11.13 34.28 -15.34
N GLN H 95 11.11 35.60 -15.10
CA GLN H 95 12.21 36.24 -14.40
C GLN H 95 12.36 35.70 -12.99
N THR H 96 11.24 35.52 -12.28
CA THR H 96 11.31 34.96 -10.94
C THR H 96 11.82 33.53 -10.95
N ALA H 97 11.39 32.73 -11.94
CA ALA H 97 11.89 31.37 -12.06
C ALA H 97 13.39 31.36 -12.32
N VAL H 98 13.87 32.29 -13.14
CA VAL H 98 15.30 32.39 -13.40
C VAL H 98 16.04 32.73 -12.12
N ARG H 99 15.51 33.66 -11.34
CA ARG H 99 16.16 34.02 -10.09
C ARG H 99 16.15 32.86 -9.10
N LEU H 100 15.12 32.02 -9.14
CA LEU H 100 15.04 30.90 -8.22
C LEU H 100 15.97 29.75 -8.64
N LEU H 101 16.10 29.52 -9.95
CA LEU H 101 16.80 28.34 -10.43
C LEU H 101 18.29 28.57 -10.66
N LEU H 102 18.64 29.59 -11.43
CA LEU H 102 20.05 29.82 -11.73
C LEU H 102 20.75 30.39 -10.49
N PRO H 103 21.99 29.98 -10.23
CA PRO H 103 22.71 30.50 -9.06
C PRO H 103 23.60 31.70 -9.36
N GLY H 104 23.76 32.52 -8.33
CA GLY H 104 24.81 33.54 -8.34
C GLY H 104 24.72 34.49 -9.51
N GLU H 105 25.88 34.76 -10.10
CA GLU H 105 25.96 35.70 -11.21
C GLU H 105 25.25 35.20 -12.45
N LEU H 106 25.07 33.89 -12.56
CA LEU H 106 24.34 33.34 -13.70
C LEU H 106 22.93 33.90 -13.73
N ALA H 107 22.27 33.97 -12.58
CA ALA H 107 20.93 34.53 -12.52
C ALA H 107 20.92 36.00 -12.90
N LYS H 108 21.89 36.77 -12.41
CA LYS H 108 21.93 38.19 -12.73
C LYS H 108 22.07 38.40 -14.23
N HIS H 109 23.00 37.69 -14.85
CA HIS H 109 23.22 37.87 -16.28
C HIS H 109 22.06 37.36 -17.11
N ALA H 110 21.43 36.26 -16.68
CA ALA H 110 20.25 35.77 -17.38
C ALA H 110 19.12 36.79 -17.32
N VAL H 111 18.90 37.39 -16.15
CA VAL H 111 17.86 38.38 -16.02
C VAL H 111 18.16 39.61 -16.87
N SER H 112 19.43 40.02 -16.89
CA SER H 112 19.81 41.17 -17.72
C SER H 112 19.53 40.88 -19.20
N GLU H 113 19.96 39.71 -19.68
CA GLU H 113 19.73 39.37 -21.07
C GLU H 113 18.25 39.28 -21.39
N GLY H 114 17.45 38.70 -20.48
CA GLY H 114 16.03 38.60 -20.72
C GLY H 114 15.35 39.95 -20.77
N THR H 115 15.71 40.85 -19.85
CA THR H 115 15.13 42.18 -19.86
C THR H 115 15.51 42.91 -21.14
N LYS H 116 16.77 42.77 -21.57
CA LYS H 116 17.19 43.38 -22.83
C LYS H 116 16.37 42.85 -23.99
N ALA H 117 16.17 41.53 -24.04
CA ALA H 117 15.43 40.94 -25.15
C ALA H 117 13.99 41.42 -25.16
N VAL H 118 13.33 41.45 -24.00
CA VAL H 118 11.95 41.87 -23.96
C VAL H 118 11.82 43.35 -24.32
N THR H 119 12.76 44.18 -23.87
CA THR H 119 12.71 45.59 -24.24
C THR H 119 12.86 45.76 -25.74
N LYS H 120 13.81 45.05 -26.35
CA LYS H 120 13.99 45.15 -27.78
C LYS H 120 12.75 44.66 -28.52
N TYR H 121 12.16 43.55 -28.06
CA TYR H 121 10.97 43.01 -28.71
C TYR H 121 9.81 43.98 -28.64
N THR H 122 9.60 44.60 -27.48
CA THR H 122 8.51 45.56 -27.34
C THR H 122 8.76 46.81 -28.15
N SER H 123 10.02 47.22 -28.30
CA SER H 123 10.33 48.39 -29.10
C SER H 123 9.93 48.19 -30.55
N SER H 124 10.26 47.04 -31.13
CA SER H 124 9.95 46.78 -32.53
C SER H 124 8.48 46.47 -32.75
N LYS H 125 7.75 46.09 -31.71
CA LYS H 125 6.33 45.77 -31.85
C LYS H 125 5.54 47.00 -32.26
N PRO K 7 -20.11 -19.15 -38.00
CA PRO K 7 -21.03 -18.92 -36.90
C PRO K 7 -20.57 -19.60 -35.61
N GLN K 8 -19.65 -18.94 -34.90
CA GLN K 8 -19.09 -19.52 -33.69
C GLN K 8 -20.16 -19.68 -32.62
N VAL K 9 -20.17 -20.84 -31.98
CA VAL K 9 -21.05 -21.08 -30.84
C VAL K 9 -20.36 -20.55 -29.59
N GLN K 10 -21.07 -19.75 -28.82
CA GLN K 10 -20.46 -19.15 -27.62
C GLN K 10 -21.45 -19.35 -26.48
N PHE K 11 -20.97 -19.41 -25.24
CA PHE K 11 -21.77 -19.66 -24.05
C PHE K 11 -21.23 -18.86 -22.88
N LYS K 12 -22.09 -18.64 -21.90
CA LYS K 12 -21.76 -17.86 -20.71
C LYS K 12 -21.83 -18.79 -19.52
N LEU K 13 -20.67 -19.10 -18.94
CA LEU K 13 -20.54 -20.05 -17.85
C LEU K 13 -20.16 -19.29 -16.60
N VAL K 14 -20.88 -19.55 -15.52
CA VAL K 14 -20.65 -18.92 -14.23
C VAL K 14 -20.01 -19.95 -13.32
N LEU K 15 -18.87 -19.60 -12.74
CA LEU K 15 -18.06 -20.50 -11.93
C LEU K 15 -18.18 -20.09 -10.48
N VAL K 16 -18.89 -20.89 -9.69
CA VAL K 16 -19.23 -20.55 -8.32
C VAL K 16 -18.58 -21.58 -7.40
N GLY K 17 -17.85 -21.10 -6.40
CA GLY K 17 -17.23 -21.99 -5.44
C GLY K 17 -16.54 -21.20 -4.37
N ASP K 18 -16.13 -21.90 -3.32
CA ASP K 18 -15.42 -21.26 -2.23
C ASP K 18 -13.98 -20.98 -2.64
N GLY K 19 -13.40 -19.96 -2.02
CA GLY K 19 -12.08 -19.53 -2.40
C GLY K 19 -11.02 -20.59 -2.11
N GLY K 20 -9.87 -20.42 -2.77
CA GLY K 20 -8.79 -21.35 -2.57
C GLY K 20 -9.10 -22.76 -2.99
N THR K 21 -10.02 -22.93 -3.94
CA THR K 21 -10.39 -24.24 -4.45
C THR K 21 -9.80 -24.53 -5.81
N GLY K 22 -8.99 -23.65 -6.36
CA GLY K 22 -8.39 -23.85 -7.66
C GLY K 22 -9.07 -23.16 -8.82
N LYS K 23 -10.05 -22.29 -8.56
CA LYS K 23 -10.78 -21.65 -9.65
C LYS K 23 -9.86 -20.80 -10.51
N THR K 24 -9.03 -19.98 -9.88
CA THR K 24 -8.13 -19.12 -10.65
C THR K 24 -7.13 -19.95 -11.45
N THR K 25 -6.62 -21.02 -10.87
CA THR K 25 -5.72 -21.93 -11.57
C THR K 25 -6.47 -22.94 -12.42
N PHE K 26 -7.81 -22.91 -12.40
CA PHE K 26 -8.63 -23.79 -13.21
C PHE K 26 -9.11 -23.15 -14.50
N VAL K 27 -9.42 -21.86 -14.47
CA VAL K 27 -9.71 -21.12 -15.70
C VAL K 27 -8.43 -20.91 -16.50
N LYS K 28 -7.34 -20.58 -15.81
CA LYS K 28 -6.10 -20.22 -16.50
C LYS K 28 -5.50 -21.40 -17.24
N ARG K 29 -5.66 -22.62 -16.71
CA ARG K 29 -5.06 -23.77 -17.37
C ARG K 29 -5.71 -24.08 -18.72
N HIS K 30 -6.85 -23.47 -19.04
CA HIS K 30 -7.43 -23.54 -20.37
C HIS K 30 -7.42 -22.19 -21.08
N LEU K 31 -7.07 -21.12 -20.38
CA LEU K 31 -7.01 -19.79 -20.98
C LEU K 31 -5.80 -19.71 -21.91
N THR K 32 -6.02 -19.90 -23.21
CA THR K 32 -4.96 -19.98 -24.19
C THR K 32 -4.00 -18.80 -24.09
N GLY K 33 -4.54 -17.58 -24.05
CA GLY K 33 -3.70 -16.39 -23.93
C GLY K 33 -3.98 -15.34 -24.99
N LYS K 38 -11.29 -9.29 -21.65
CA LYS K 38 -12.62 -8.64 -21.80
C LYS K 38 -13.11 -8.28 -20.39
N TYR K 39 -14.41 -8.07 -20.20
CA TYR K 39 -14.90 -7.61 -18.90
C TYR K 39 -16.43 -7.72 -18.80
N VAL K 40 -16.92 -8.20 -17.66
CA VAL K 40 -18.34 -8.16 -17.35
C VAL K 40 -18.62 -6.84 -16.64
N ALA K 41 -18.86 -5.78 -17.41
CA ALA K 41 -19.08 -4.47 -16.81
C ALA K 41 -20.24 -4.47 -15.82
N THR K 42 -21.27 -5.26 -16.08
CA THR K 42 -22.40 -5.33 -15.16
C THR K 42 -21.97 -5.87 -13.79
N LEU K 43 -21.12 -6.90 -13.79
CA LEU K 43 -20.68 -7.54 -12.56
C LEU K 43 -19.43 -6.89 -11.98
N GLY K 44 -18.34 -6.87 -12.76
CA GLY K 44 -17.07 -6.38 -12.27
C GLY K 44 -16.01 -7.46 -12.23
N VAL K 45 -16.18 -8.50 -13.06
CA VAL K 45 -15.28 -9.63 -13.11
C VAL K 45 -14.93 -9.89 -14.57
N GLU K 46 -13.71 -10.36 -14.81
CA GLU K 46 -13.18 -10.49 -16.16
C GLU K 46 -13.73 -11.76 -16.80
N VAL K 47 -14.40 -11.61 -17.94
CA VAL K 47 -14.77 -12.76 -18.76
C VAL K 47 -13.49 -13.41 -19.26
N HIS K 48 -13.25 -14.65 -18.86
CA HIS K 48 -12.09 -15.39 -19.32
C HIS K 48 -12.51 -16.29 -20.47
N PRO K 49 -12.08 -16.02 -21.70
CA PRO K 49 -12.51 -16.83 -22.85
C PRO K 49 -11.76 -18.16 -23.03
N LEU K 50 -12.24 -19.19 -22.35
CA LEU K 50 -11.83 -20.54 -22.65
C LEU K 50 -12.31 -20.94 -24.04
N VAL K 51 -11.57 -21.82 -24.71
CA VAL K 51 -11.92 -22.30 -26.03
C VAL K 51 -11.80 -23.82 -26.08
N PHE K 52 -12.80 -24.47 -26.65
CA PHE K 52 -12.80 -25.92 -26.86
C PHE K 52 -13.36 -26.19 -28.24
N HIS K 53 -12.55 -26.78 -29.12
CA HIS K 53 -12.93 -26.85 -30.53
C HIS K 53 -14.13 -27.75 -30.77
N THR K 54 -14.09 -28.98 -30.24
CA THR K 54 -15.17 -29.94 -30.46
C THR K 54 -15.38 -30.26 -31.94
N ASN K 55 -15.77 -31.49 -32.22
CA ASN K 55 -16.02 -31.91 -33.60
C ASN K 55 -17.22 -31.18 -34.20
N ARG K 56 -18.22 -30.86 -33.40
CA ARG K 56 -19.39 -30.14 -33.88
C ARG K 56 -19.09 -28.71 -34.27
N GLY K 57 -17.95 -28.17 -33.84
CA GLY K 57 -17.59 -26.80 -34.12
C GLY K 57 -17.17 -26.08 -32.86
N PRO K 58 -16.46 -24.95 -33.00
CA PRO K 58 -15.89 -24.30 -31.82
C PRO K 58 -16.96 -23.89 -30.83
N ILE K 59 -16.61 -23.97 -29.55
CA ILE K 59 -17.41 -23.44 -28.47
C ILE K 59 -16.48 -22.64 -27.56
N LYS K 60 -16.90 -21.45 -27.19
CA LYS K 60 -16.07 -20.53 -26.41
C LYS K 60 -16.80 -20.20 -25.12
N PHE K 61 -16.44 -20.90 -24.05
CA PHE K 61 -17.04 -20.68 -22.75
C PHE K 61 -16.51 -19.37 -22.17
N ASN K 62 -17.29 -18.32 -22.28
CA ASN K 62 -16.91 -17.06 -21.63
C ASN K 62 -17.18 -17.27 -20.16
N VAL K 63 -16.16 -17.40 -19.33
CA VAL K 63 -16.23 -17.77 -17.92
C VAL K 63 -15.94 -16.53 -17.09
N TRP K 64 -16.87 -16.20 -16.18
CA TRP K 64 -16.63 -15.15 -15.19
C TRP K 64 -16.80 -15.76 -13.82
N ASP K 65 -15.78 -15.63 -12.99
CA ASP K 65 -15.81 -16.12 -11.62
C ASP K 65 -16.53 -15.10 -10.75
N THR K 66 -17.58 -15.53 -10.06
CA THR K 66 -18.29 -14.63 -9.17
C THR K 66 -17.41 -14.17 -8.01
N ALA K 67 -16.32 -14.87 -7.72
CA ALA K 67 -15.41 -14.51 -6.65
C ALA K 67 -16.11 -14.50 -5.30
N GLY K 68 -17.12 -15.35 -5.15
CA GLY K 68 -17.88 -15.42 -3.92
C GLY K 68 -18.87 -14.29 -3.71
N GLN K 69 -19.01 -13.38 -4.68
CA GLN K 69 -19.91 -12.26 -4.51
C GLN K 69 -21.37 -12.69 -4.45
N GLU K 70 -21.69 -13.91 -4.88
CA GLU K 70 -23.06 -14.38 -4.73
C GLU K 70 -23.47 -14.47 -3.27
N LYS K 71 -22.51 -14.60 -2.36
CA LYS K 71 -22.77 -14.59 -0.93
C LYS K 71 -22.63 -13.20 -0.34
N PHE K 72 -21.54 -12.52 -0.66
CA PHE K 72 -21.19 -11.25 -0.05
C PHE K 72 -21.55 -10.05 -0.91
N GLY K 73 -22.26 -10.26 -2.02
CA GLY K 73 -22.54 -9.20 -2.97
C GLY K 73 -23.98 -8.73 -2.94
N GLY K 74 -24.24 -7.73 -3.77
CA GLY K 74 -25.53 -7.05 -3.74
C GLY K 74 -26.30 -7.10 -5.04
N LEU K 75 -25.72 -7.66 -6.10
CA LEU K 75 -26.41 -7.70 -7.38
C LEU K 75 -27.57 -8.67 -7.40
N ARG K 76 -27.73 -9.50 -6.36
CA ARG K 76 -28.84 -10.45 -6.26
C ARG K 76 -28.80 -11.35 -7.50
N ASP K 77 -29.84 -11.36 -8.34
CA ASP K 77 -29.90 -12.26 -9.48
C ASP K 77 -28.91 -11.91 -10.58
N GLY K 78 -28.25 -10.76 -10.50
CA GLY K 78 -27.40 -10.33 -11.58
C GLY K 78 -26.26 -11.28 -11.87
N TYR K 79 -25.75 -11.96 -10.84
CA TYR K 79 -24.60 -12.83 -11.04
C TYR K 79 -24.93 -13.98 -11.98
N TYR K 80 -26.09 -14.61 -11.81
CA TYR K 80 -26.45 -15.79 -12.58
C TYR K 80 -27.28 -15.49 -13.81
N ILE K 81 -27.94 -14.33 -13.87
CA ILE K 81 -29.03 -14.14 -14.81
C ILE K 81 -28.54 -14.29 -16.25
N GLN K 82 -27.33 -13.82 -16.53
CA GLN K 82 -26.76 -13.99 -17.87
C GLN K 82 -26.19 -15.38 -18.10
N ALA K 83 -26.06 -16.18 -17.06
CA ALA K 83 -25.44 -17.49 -17.19
C ALA K 83 -26.30 -18.42 -18.02
N GLN K 84 -25.65 -19.27 -18.82
CA GLN K 84 -26.30 -20.36 -19.51
C GLN K 84 -25.83 -21.73 -19.02
N CYS K 85 -24.82 -21.77 -18.16
CA CYS K 85 -24.34 -23.00 -17.57
C CYS K 85 -23.55 -22.63 -16.33
N ALA K 86 -23.30 -23.61 -15.47
CA ALA K 86 -22.61 -23.33 -14.22
C ALA K 86 -21.72 -24.49 -13.82
N ILE K 87 -20.67 -24.18 -13.07
CA ILE K 87 -19.78 -25.16 -12.47
C ILE K 87 -19.64 -24.84 -10.99
N ILE K 88 -19.91 -25.81 -10.13
CA ILE K 88 -19.74 -25.66 -8.70
C ILE K 88 -18.47 -26.41 -8.29
N MET K 89 -17.49 -25.68 -7.78
CA MET K 89 -16.16 -26.21 -7.50
C MET K 89 -15.92 -26.21 -6.00
N PHE K 90 -15.30 -27.28 -5.50
CA PHE K 90 -14.92 -27.33 -4.10
C PHE K 90 -13.66 -28.18 -3.96
N ASP K 91 -12.99 -28.01 -2.82
CA ASP K 91 -11.72 -28.68 -2.55
C ASP K 91 -11.97 -29.95 -1.76
N VAL K 92 -11.66 -31.09 -2.35
CA VAL K 92 -11.97 -32.38 -1.75
C VAL K 92 -10.90 -32.75 -0.74
N THR K 93 -9.84 -31.94 -0.65
CA THR K 93 -8.89 -32.03 0.44
C THR K 93 -9.23 -31.11 1.61
N SER K 94 -10.18 -30.19 1.41
CA SER K 94 -10.76 -29.40 2.49
C SER K 94 -12.27 -29.48 2.27
N ARG K 95 -12.89 -30.52 2.83
CA ARG K 95 -14.30 -30.81 2.56
C ARG K 95 -15.23 -29.75 3.09
N VAL K 96 -14.75 -28.84 3.93
CA VAL K 96 -15.58 -27.75 4.42
C VAL K 96 -16.19 -26.97 3.25
N THR K 97 -15.54 -27.01 2.09
CA THR K 97 -15.99 -26.25 0.93
C THR K 97 -17.14 -26.93 0.18
N TYR K 98 -17.76 -27.95 0.75
CA TYR K 98 -19.02 -28.48 0.25
C TYR K 98 -20.22 -27.87 0.96
N LYS K 99 -19.99 -26.94 1.88
CA LYS K 99 -21.07 -26.47 2.74
C LYS K 99 -22.17 -25.80 1.92
N ASN K 100 -21.79 -24.99 0.93
CA ASN K 100 -22.71 -24.10 0.24
C ASN K 100 -23.25 -24.68 -1.06
N VAL K 101 -22.95 -25.93 -1.38
CA VAL K 101 -23.34 -26.47 -2.69
C VAL K 101 -24.86 -26.48 -2.86
N PRO K 102 -25.66 -26.99 -1.91
CA PRO K 102 -27.11 -26.91 -2.10
C PRO K 102 -27.64 -25.49 -2.23
N ASN K 103 -27.08 -24.52 -1.51
CA ASN K 103 -27.54 -23.14 -1.66
C ASN K 103 -27.27 -22.62 -3.07
N TRP K 104 -26.06 -22.86 -3.59
CA TRP K 104 -25.75 -22.46 -4.95
C TRP K 104 -26.67 -23.15 -5.94
N HIS K 105 -26.93 -24.43 -5.72
CA HIS K 105 -27.78 -25.18 -6.64
C HIS K 105 -29.19 -24.60 -6.67
N ARG K 106 -29.74 -24.30 -5.50
CA ARG K 106 -31.07 -23.70 -5.45
C ARG K 106 -31.08 -22.33 -6.09
N ASP K 107 -30.07 -21.50 -5.81
CA ASP K 107 -30.03 -20.16 -6.41
C ASP K 107 -29.94 -20.24 -7.92
N LEU K 108 -29.11 -21.16 -8.44
CA LEU K 108 -29.00 -21.32 -9.89
C LEU K 108 -30.32 -21.76 -10.49
N VAL K 109 -30.92 -22.82 -9.94
CA VAL K 109 -32.16 -23.33 -10.50
C VAL K 109 -33.27 -22.29 -10.39
N ARG K 110 -33.16 -21.38 -9.43
CA ARG K 110 -34.17 -20.34 -9.28
C ARG K 110 -33.97 -19.24 -10.31
N VAL K 111 -32.80 -18.59 -10.28
CA VAL K 111 -32.56 -17.44 -11.14
C VAL K 111 -32.60 -17.85 -12.61
N CYS K 112 -31.87 -18.90 -12.97
CA CYS K 112 -31.68 -19.29 -14.36
C CYS K 112 -32.62 -20.39 -14.82
N GLU K 113 -33.44 -20.93 -13.92
CA GLU K 113 -34.31 -22.05 -14.27
C GLU K 113 -33.44 -23.27 -14.56
N ASN K 114 -33.76 -24.04 -15.60
CA ASN K 114 -33.06 -25.30 -15.87
C ASN K 114 -31.82 -25.00 -16.70
N ILE K 115 -30.72 -24.76 -16.00
CA ILE K 115 -29.41 -24.67 -16.63
C ILE K 115 -28.56 -25.83 -16.14
N PRO K 116 -27.71 -26.44 -16.98
CA PRO K 116 -26.85 -27.52 -16.47
C PRO K 116 -25.85 -27.00 -15.46
N ILE K 117 -25.60 -27.81 -14.44
CA ILE K 117 -24.62 -27.48 -13.40
C ILE K 117 -23.76 -28.71 -13.18
N VAL K 118 -22.49 -28.48 -12.84
CA VAL K 118 -21.52 -29.55 -12.62
C VAL K 118 -20.83 -29.28 -11.29
N LEU K 119 -20.68 -30.33 -10.47
CA LEU K 119 -19.94 -30.25 -9.23
C LEU K 119 -18.56 -30.85 -9.46
N CYS K 120 -17.52 -30.03 -9.32
CA CYS K 120 -16.15 -30.45 -9.60
C CYS K 120 -15.35 -30.50 -8.32
N GLY K 121 -14.71 -31.63 -8.07
CA GLY K 121 -13.86 -31.77 -6.90
C GLY K 121 -12.41 -31.49 -7.22
N ASN K 122 -11.90 -30.35 -6.76
CA ASN K 122 -10.55 -29.93 -7.10
C ASN K 122 -9.55 -30.38 -6.03
N LYS K 123 -8.26 -30.27 -6.37
CA LYS K 123 -7.17 -30.53 -5.43
C LYS K 123 -7.15 -31.99 -5.02
N VAL K 124 -8.03 -32.80 -5.61
CA VAL K 124 -7.93 -34.24 -5.45
C VAL K 124 -6.61 -34.73 -6.03
N ASP K 125 -5.93 -35.60 -5.30
CA ASP K 125 -4.67 -36.15 -5.78
C ASP K 125 -4.45 -37.56 -5.24
N VAL K 131 -5.59 -40.14 0.24
CA VAL K 131 -6.17 -41.47 0.25
C VAL K 131 -7.26 -41.59 -0.82
N LYS K 132 -7.94 -40.47 -1.07
CA LYS K 132 -9.01 -40.42 -2.10
C LYS K 132 -10.29 -41.04 -1.55
N ALA K 133 -10.27 -41.63 -0.35
CA ALA K 133 -11.50 -42.13 0.24
C ALA K 133 -12.48 -40.99 0.53
N LYS K 134 -11.98 -39.76 0.57
CA LYS K 134 -12.83 -38.59 0.81
C LYS K 134 -13.82 -38.39 -0.33
N SER K 135 -13.37 -38.58 -1.57
CA SER K 135 -14.18 -38.21 -2.72
C SER K 135 -15.32 -39.18 -3.00
N ILE K 136 -15.35 -40.33 -2.33
CA ILE K 136 -16.35 -41.34 -2.65
C ILE K 136 -17.75 -40.84 -2.31
N VAL K 137 -17.88 -40.06 -1.24
CA VAL K 137 -19.20 -39.68 -0.74
C VAL K 137 -19.96 -38.89 -1.80
N PHE K 138 -19.30 -37.90 -2.41
CA PHE K 138 -20.03 -36.99 -3.30
C PHE K 138 -20.37 -37.68 -4.62
N HIS K 139 -19.56 -38.64 -5.05
CA HIS K 139 -19.84 -39.43 -6.27
C HIS K 139 -21.20 -40.08 -6.16
N ARG K 140 -21.66 -40.39 -4.94
CA ARG K 140 -22.90 -41.13 -4.73
C ARG K 140 -24.11 -40.20 -4.65
N LYS K 141 -23.90 -38.92 -4.33
CA LYS K 141 -25.02 -37.99 -4.29
C LYS K 141 -25.59 -37.79 -5.69
N LYS K 142 -26.92 -37.82 -5.78
CA LYS K 142 -27.60 -37.85 -7.06
C LYS K 142 -28.13 -36.49 -7.50
N ASN K 143 -27.90 -35.43 -6.73
CA ASN K 143 -28.41 -34.12 -7.12
C ASN K 143 -27.56 -33.51 -8.23
N LEU K 144 -26.25 -33.41 -8.02
CA LEU K 144 -25.34 -32.80 -8.97
C LEU K 144 -24.34 -33.83 -9.49
N GLN K 145 -24.00 -33.71 -10.77
CA GLN K 145 -22.92 -34.51 -11.33
C GLN K 145 -21.60 -34.15 -10.65
N TYR K 146 -20.81 -35.18 -10.31
CA TYR K 146 -19.56 -34.97 -9.61
C TYR K 146 -18.41 -35.47 -10.48
N TYR K 147 -17.40 -34.61 -10.65
CA TYR K 147 -16.20 -34.93 -11.42
C TYR K 147 -14.98 -34.58 -10.59
N ASP K 148 -14.02 -35.51 -10.52
CA ASP K 148 -12.72 -35.19 -9.93
C ASP K 148 -11.84 -34.55 -10.98
N ILE K 149 -11.41 -33.32 -10.74
CA ILE K 149 -10.63 -32.57 -11.72
C ILE K 149 -9.16 -32.43 -11.32
N SER K 150 -8.81 -32.72 -10.08
CA SER K 150 -7.41 -32.84 -9.68
C SER K 150 -6.65 -31.53 -9.79
N ALA K 151 -6.36 -31.14 -11.03
CA ALA K 151 -5.58 -29.91 -11.29
C ALA K 151 -4.14 -30.20 -10.87
N LYS K 152 -3.19 -29.38 -11.31
CA LYS K 152 -1.81 -29.75 -10.96
C LYS K 152 -1.70 -31.27 -11.18
N SER K 153 -2.16 -31.74 -12.33
CA SER K 153 -2.10 -33.18 -12.68
C SER K 153 -2.85 -33.35 -14.00
N ASN K 154 -3.51 -32.28 -14.46
CA ASN K 154 -4.22 -32.29 -15.73
C ASN K 154 -5.07 -33.54 -15.90
N TYR K 155 -5.56 -34.09 -14.79
CA TYR K 155 -6.42 -35.27 -14.81
C TYR K 155 -7.86 -34.79 -14.80
N ASN K 156 -8.54 -34.94 -15.94
CA ASN K 156 -9.92 -34.53 -16.09
C ASN K 156 -10.10 -33.02 -15.86
N PHE K 157 -9.52 -32.21 -16.74
CA PHE K 157 -9.78 -30.78 -16.76
C PHE K 157 -10.62 -30.36 -17.96
N GLU K 158 -10.98 -31.29 -18.83
CA GLU K 158 -11.97 -31.05 -19.87
C GLU K 158 -13.26 -31.80 -19.62
N LYS K 159 -13.28 -32.72 -18.66
CA LYS K 159 -14.46 -33.50 -18.32
C LYS K 159 -15.60 -32.60 -17.84
N PRO K 160 -15.34 -31.61 -16.98
CA PRO K 160 -16.42 -30.70 -16.56
C PRO K 160 -17.09 -30.01 -17.73
N PHE K 161 -16.31 -29.28 -18.53
CA PHE K 161 -16.88 -28.49 -19.61
C PHE K 161 -17.48 -29.35 -20.70
N LEU K 162 -16.99 -30.57 -20.87
CA LEU K 162 -17.57 -31.47 -21.87
C LEU K 162 -19.02 -31.77 -21.56
N TRP K 163 -19.32 -32.02 -20.28
CA TRP K 163 -20.69 -32.30 -19.88
C TRP K 163 -21.60 -31.10 -20.10
N LEU K 164 -21.13 -29.89 -19.76
CA LEU K 164 -21.92 -28.69 -19.98
C LEU K 164 -22.17 -28.45 -21.46
N ALA K 165 -21.14 -28.64 -22.31
CA ALA K 165 -21.35 -28.48 -23.75
C ALA K 165 -22.32 -29.50 -24.28
N ARG K 166 -22.20 -30.76 -23.83
CA ARG K 166 -23.14 -31.79 -24.26
C ARG K 166 -24.57 -31.39 -23.93
N LYS K 167 -24.79 -30.86 -22.73
CA LYS K 167 -26.15 -30.50 -22.35
C LYS K 167 -26.63 -29.25 -23.09
N LEU K 168 -25.79 -28.22 -23.18
CA LEU K 168 -26.21 -26.96 -23.79
C LEU K 168 -26.49 -27.11 -25.27
N ILE K 169 -25.54 -27.69 -26.02
CA ILE K 169 -25.77 -27.88 -27.46
C ILE K 169 -26.79 -28.98 -27.71
N GLY K 170 -27.00 -29.88 -26.74
CA GLY K 170 -28.01 -30.91 -26.88
C GLY K 170 -27.56 -32.14 -27.63
N ASP K 171 -26.26 -32.30 -27.86
CA ASP K 171 -25.76 -33.45 -28.61
C ASP K 171 -25.17 -34.45 -27.65
N PRO K 172 -25.74 -35.66 -27.51
CA PRO K 172 -25.20 -36.62 -26.53
C PRO K 172 -23.82 -37.15 -26.88
N ASN K 173 -23.19 -36.71 -27.97
CA ASN K 173 -21.92 -37.31 -28.40
C ASN K 173 -20.89 -36.25 -28.77
N LEU K 174 -20.93 -35.09 -28.14
CA LEU K 174 -19.91 -34.07 -28.39
C LEU K 174 -18.56 -34.54 -27.85
N GLU K 175 -17.52 -34.28 -28.63
CA GLU K 175 -16.14 -34.51 -28.22
C GLU K 175 -15.39 -33.18 -28.25
N PHE K 176 -14.13 -33.21 -27.84
CA PHE K 176 -13.34 -32.00 -27.62
C PHE K 176 -12.02 -32.05 -28.39
N VAL K 177 -12.06 -32.48 -29.65
CA VAL K 177 -10.89 -32.51 -30.53
C VAL K 177 -9.82 -31.49 -30.15
N LYS L 21 -8.41 -19.95 41.76
CA LYS L 21 -8.92 -19.33 40.51
C LYS L 21 -10.45 -19.30 40.51
N VAL L 22 -11.02 -18.41 39.71
CA VAL L 22 -12.47 -18.29 39.63
C VAL L 22 -13.02 -19.29 38.62
N LYS L 23 -14.27 -19.67 38.80
CA LYS L 23 -14.98 -20.55 37.89
C LYS L 23 -15.96 -19.72 37.07
N VAL L 24 -15.86 -19.82 35.74
CA VAL L 24 -16.66 -18.98 34.87
C VAL L 24 -18.07 -19.53 34.77
N SER L 25 -19.05 -18.64 34.75
CA SER L 25 -20.45 -19.02 34.61
C SER L 25 -21.15 -18.03 33.70
N HIS L 26 -22.02 -18.53 32.84
CA HIS L 26 -22.79 -17.69 31.92
C HIS L 26 -24.16 -18.31 31.72
N ARG L 27 -25.10 -17.49 31.27
CA ARG L 27 -26.46 -17.97 31.07
C ARG L 27 -26.57 -18.94 29.91
N SER L 28 -25.55 -19.04 29.07
CA SER L 28 -25.56 -19.96 27.94
C SER L 28 -24.91 -21.30 28.26
N HIS L 29 -24.41 -21.51 29.48
CA HIS L 29 -23.76 -22.76 29.85
C HIS L 29 -24.83 -23.79 30.16
N SER L 30 -25.20 -24.56 29.14
CA SER L 30 -26.18 -25.62 29.35
C SER L 30 -25.62 -26.68 30.30
N THR L 31 -26.44 -27.09 31.26
CA THR L 31 -26.04 -28.07 32.26
C THR L 31 -27.09 -29.15 32.49
N GLU L 32 -28.06 -29.29 31.61
CA GLU L 32 -29.07 -30.32 31.74
C GLU L 32 -28.68 -31.54 30.91
N PRO L 33 -28.37 -32.68 31.53
CA PRO L 33 -27.97 -33.85 30.73
C PRO L 33 -29.08 -34.31 29.81
N GLY L 34 -28.69 -34.79 28.63
CA GLY L 34 -29.67 -35.22 27.65
C GLY L 34 -29.02 -36.02 26.55
N LEU L 35 -29.85 -36.55 25.67
CA LEU L 35 -29.42 -37.39 24.56
C LEU L 35 -29.28 -36.56 23.30
N VAL L 36 -28.37 -36.99 22.42
CA VAL L 36 -28.07 -36.29 21.19
C VAL L 36 -28.75 -37.02 20.04
N LEU L 37 -29.52 -36.29 19.25
CA LEU L 37 -30.14 -36.81 18.04
C LEU L 37 -29.75 -35.93 16.87
N THR L 38 -29.64 -36.54 15.69
CA THR L 38 -29.16 -35.84 14.51
C THR L 38 -30.03 -36.19 13.31
N LEU L 39 -30.19 -35.21 12.42
CA LEU L 39 -30.91 -35.41 11.17
C LEU L 39 -30.33 -34.50 10.11
N GLY L 40 -30.36 -34.97 8.87
CA GLY L 40 -29.80 -34.22 7.76
C GLY L 40 -28.73 -35.02 7.04
N GLN L 41 -27.74 -34.29 6.51
CA GLN L 41 -26.70 -34.88 5.69
C GLN L 41 -25.49 -35.26 6.53
N GLY L 42 -25.03 -36.50 6.37
CA GLY L 42 -23.87 -36.99 7.09
C GLY L 42 -22.76 -37.44 6.17
N ASP L 43 -22.57 -36.70 5.08
CA ASP L 43 -21.59 -37.10 4.07
C ASP L 43 -20.19 -37.18 4.68
N VAL L 44 -19.81 -36.20 5.48
CA VAL L 44 -18.46 -36.14 6.03
C VAL L 44 -18.49 -36.43 7.52
N GLY L 45 -19.45 -37.23 7.96
CA GLY L 45 -19.45 -37.72 9.32
C GLY L 45 -20.04 -36.81 10.37
N GLN L 46 -20.81 -35.80 9.98
CA GLN L 46 -21.34 -34.85 10.95
C GLN L 46 -22.59 -35.36 11.66
N LEU L 47 -23.15 -36.49 11.25
CA LEU L 47 -24.32 -37.03 11.93
C LEU L 47 -23.94 -37.79 13.20
N GLY L 48 -22.85 -38.56 13.14
CA GLY L 48 -22.37 -39.28 14.30
C GLY L 48 -22.78 -40.72 14.41
N LEU L 49 -23.36 -41.30 13.36
CA LEU L 49 -23.79 -42.68 13.39
C LEU L 49 -22.89 -43.59 12.55
N GLY L 50 -21.74 -43.10 12.10
CA GLY L 50 -20.79 -43.93 11.39
C GLY L 50 -20.86 -43.77 9.90
N GLU L 51 -20.23 -44.72 9.21
CA GLU L 51 -20.20 -44.72 7.75
C GLU L 51 -21.51 -45.20 7.16
N ASN L 52 -22.26 -46.04 7.88
CA ASN L 52 -23.47 -46.63 7.34
C ASN L 52 -24.64 -45.64 7.29
N VAL L 53 -24.49 -44.47 7.90
CA VAL L 53 -25.59 -43.50 8.00
C VAL L 53 -25.10 -42.20 7.39
N MET L 54 -25.57 -41.89 6.19
CA MET L 54 -25.22 -40.66 5.49
C MET L 54 -26.34 -39.62 5.54
N GLU L 55 -27.59 -40.05 5.53
CA GLU L 55 -28.73 -39.15 5.55
C GLU L 55 -29.74 -39.65 6.57
N ARG L 56 -30.21 -38.77 7.45
CA ARG L 56 -31.28 -39.09 8.38
C ARG L 56 -32.33 -37.99 8.29
N LYS L 57 -33.51 -38.34 7.77
CA LYS L 57 -34.56 -37.35 7.57
C LYS L 57 -35.22 -36.95 8.89
N LYS L 58 -35.49 -37.92 9.74
CA LYS L 58 -35.97 -37.65 11.09
C LYS L 58 -34.81 -37.74 12.08
N PRO L 59 -34.97 -37.16 13.27
CA PRO L 59 -33.89 -37.27 14.27
C PRO L 59 -33.60 -38.71 14.62
N ALA L 60 -32.32 -39.01 14.81
CA ALA L 60 -31.86 -40.36 15.13
C ALA L 60 -30.88 -40.30 16.29
N LEU L 61 -30.94 -41.31 17.15
CA LEU L 61 -30.15 -41.30 18.37
C LEU L 61 -28.67 -41.42 18.06
N VAL L 62 -27.85 -40.66 18.79
CA VAL L 62 -26.39 -40.69 18.67
C VAL L 62 -25.82 -41.18 19.98
N SER L 63 -24.95 -42.19 19.92
CA SER L 63 -24.47 -42.87 21.12
C SER L 63 -23.21 -42.19 21.62
N ILE L 64 -23.31 -41.53 22.77
CA ILE L 64 -22.17 -40.92 23.45
C ILE L 64 -22.00 -41.64 24.77
N PRO L 65 -20.80 -42.08 25.14
CA PRO L 65 -20.66 -42.90 26.37
C PRO L 65 -21.16 -42.22 27.62
N GLU L 66 -21.16 -40.89 27.68
CA GLU L 66 -21.62 -40.17 28.86
C GLU L 66 -22.66 -39.14 28.46
N ASP L 67 -23.52 -38.79 29.42
CA ASP L 67 -24.61 -37.87 29.13
C ASP L 67 -24.08 -36.52 28.67
N VAL L 68 -24.72 -35.98 27.65
CA VAL L 68 -24.27 -34.76 26.97
C VAL L 68 -25.08 -33.58 27.49
N VAL L 69 -24.39 -32.50 27.82
CA VAL L 69 -25.03 -31.27 28.28
C VAL L 69 -24.92 -30.15 27.27
N GLN L 70 -24.38 -30.43 26.08
CA GLN L 70 -24.45 -29.47 24.98
C GLN L 70 -23.99 -30.17 23.71
N ALA L 71 -24.72 -29.92 22.62
CA ALA L 71 -24.42 -30.51 21.33
C ALA L 71 -24.45 -29.40 20.29
N GLU L 72 -23.27 -29.00 19.81
CA GLU L 72 -23.14 -27.89 18.88
C GLU L 72 -22.79 -28.43 17.50
N ALA L 73 -23.43 -27.89 16.48
CA ALA L 73 -23.15 -28.25 15.10
C ALA L 73 -22.34 -27.15 14.44
N GLY L 74 -21.23 -27.52 13.82
CA GLY L 74 -20.43 -26.60 13.05
C GLY L 74 -20.84 -26.61 11.59
N GLY L 75 -19.97 -26.02 10.78
CA GLY L 75 -20.25 -26.01 9.35
C GLY L 75 -20.38 -27.41 8.78
N MET L 76 -19.40 -28.28 9.11
CA MET L 76 -19.42 -29.65 8.63
C MET L 76 -18.95 -30.62 9.70
N HIS L 77 -19.13 -30.28 10.97
CA HIS L 77 -18.74 -31.16 12.06
C HIS L 77 -19.58 -30.84 13.28
N THR L 78 -19.59 -31.79 14.22
CA THR L 78 -20.42 -31.69 15.41
C THR L 78 -19.55 -31.93 16.65
N VAL L 79 -19.77 -31.12 17.68
CA VAL L 79 -19.06 -31.24 18.94
C VAL L 79 -20.08 -31.39 20.05
N CYS L 80 -19.98 -32.48 20.80
CA CYS L 80 -20.87 -32.77 21.91
C CYS L 80 -20.10 -32.68 23.22
N LEU L 81 -20.63 -31.93 24.17
CA LEU L 81 -19.98 -31.70 25.45
C LEU L 81 -20.69 -32.50 26.54
N SER L 82 -19.92 -33.30 27.27
CA SER L 82 -20.45 -34.23 28.25
C SER L 82 -20.81 -33.52 29.55
N LYS L 83 -21.35 -34.29 30.49
CA LYS L 83 -21.67 -33.75 31.80
C LYS L 83 -20.43 -33.62 32.67
N SER L 84 -19.46 -34.52 32.51
CA SER L 84 -18.25 -34.52 33.32
C SER L 84 -17.17 -33.60 32.76
N GLY L 85 -17.36 -33.02 31.59
CA GLY L 85 -16.45 -32.03 31.04
C GLY L 85 -15.70 -32.48 29.80
N GLN L 86 -15.85 -33.72 29.37
CA GLN L 86 -15.08 -34.22 28.24
C GLN L 86 -15.77 -33.86 26.93
N VAL L 87 -15.04 -33.17 26.05
CA VAL L 87 -15.59 -32.74 24.77
C VAL L 87 -15.48 -33.89 23.78
N TYR L 88 -16.62 -34.32 23.26
CA TYR L 88 -16.67 -35.31 22.18
C TYR L 88 -16.87 -34.58 20.86
N SER L 89 -16.36 -35.18 19.79
CA SER L 89 -16.41 -34.54 18.48
C SER L 89 -16.52 -35.59 17.41
N PHE L 90 -17.06 -35.18 16.27
CA PHE L 90 -17.19 -36.04 15.10
C PHE L 90 -17.53 -35.17 13.90
N GLY L 91 -16.98 -35.56 12.74
CA GLY L 91 -17.22 -34.88 11.50
C GLY L 91 -15.95 -34.74 10.70
N CYS L 92 -15.97 -33.81 9.75
CA CYS L 92 -14.86 -33.62 8.82
C CYS L 92 -13.62 -33.14 9.55
N ASN L 93 -12.52 -33.88 9.39
CA ASN L 93 -11.26 -33.58 10.04
C ASN L 93 -10.19 -33.15 9.04
N ASP L 94 -10.59 -32.54 7.92
CA ASP L 94 -9.61 -32.10 6.93
C ASP L 94 -8.75 -30.96 7.46
N GLU L 95 -9.35 -29.99 8.13
CA GLU L 95 -8.63 -28.86 8.69
C GLU L 95 -8.50 -28.97 10.20
N GLY L 96 -8.69 -30.16 10.75
CA GLY L 96 -8.51 -30.36 12.18
C GLY L 96 -9.65 -29.88 13.04
N ALA L 97 -10.85 -29.74 12.49
CA ALA L 97 -11.97 -29.27 13.28
C ALA L 97 -12.28 -30.20 14.45
N LEU L 98 -11.98 -31.48 14.31
CA LEU L 98 -12.30 -32.43 15.36
C LEU L 98 -11.29 -32.41 16.51
N GLY L 99 -10.10 -31.87 16.29
CA GLY L 99 -9.13 -31.73 17.37
C GLY L 99 -8.77 -33.04 18.03
N ARG L 100 -8.56 -34.08 17.25
CA ARG L 100 -8.17 -35.37 17.80
C ARG L 100 -7.56 -36.20 16.68
N ASP L 101 -6.84 -37.24 17.07
CA ASP L 101 -6.11 -38.07 16.11
C ASP L 101 -7.11 -38.90 15.31
N THR L 102 -7.40 -38.46 14.10
CA THR L 102 -8.36 -39.11 13.21
C THR L 102 -7.65 -39.91 12.13
N SER L 103 -6.49 -40.50 12.47
CA SER L 103 -5.74 -41.26 11.48
C SER L 103 -6.51 -42.50 11.03
N VAL L 104 -7.10 -43.24 11.96
CA VAL L 104 -7.82 -44.46 11.62
C VAL L 104 -9.02 -44.11 10.76
N GLU L 105 -9.19 -44.83 9.65
CA GLU L 105 -10.32 -44.57 8.77
C GLU L 105 -11.62 -44.86 9.51
N GLY L 106 -12.58 -43.94 9.36
CA GLY L 106 -13.90 -44.10 9.94
C GLY L 106 -14.07 -43.50 11.32
N SER L 107 -12.97 -43.11 11.99
CA SER L 107 -13.09 -42.48 13.29
C SER L 107 -13.65 -41.07 13.20
N GLU L 108 -13.72 -40.49 12.02
CA GLU L 108 -14.31 -39.18 11.84
C GLU L 108 -15.84 -39.23 11.90
N MET L 109 -16.45 -40.38 11.64
CA MET L 109 -17.89 -40.52 11.58
C MET L 109 -18.49 -41.13 12.83
N VAL L 110 -17.73 -41.18 13.91
CA VAL L 110 -18.23 -41.67 15.21
C VAL L 110 -17.62 -40.79 16.29
N PRO L 111 -18.38 -40.36 17.29
CA PRO L 111 -17.82 -39.42 18.27
C PRO L 111 -16.65 -40.04 19.03
N GLY L 112 -15.55 -39.29 19.07
CA GLY L 112 -14.39 -39.69 19.83
C GLY L 112 -13.97 -38.59 20.78
N LYS L 113 -13.40 -39.01 21.91
CA LYS L 113 -13.06 -38.07 22.97
C LYS L 113 -11.93 -37.15 22.52
N VAL L 114 -12.14 -35.85 22.68
CA VAL L 114 -11.08 -34.88 22.37
C VAL L 114 -10.12 -34.84 23.54
N GLU L 115 -8.84 -35.06 23.26
CA GLU L 115 -7.84 -35.20 24.31
C GLU L 115 -7.42 -33.82 24.81
N LEU L 116 -8.27 -33.29 25.69
CA LEU L 116 -8.03 -32.02 26.37
C LEU L 116 -8.26 -32.29 27.85
N GLN L 117 -7.16 -32.37 28.61
CA GLN L 117 -7.23 -32.81 30.00
C GLN L 117 -7.95 -31.81 30.91
N GLU L 118 -8.23 -30.62 30.41
CA GLU L 118 -8.99 -29.65 31.21
C GLU L 118 -10.46 -30.04 31.20
N LYS L 119 -11.22 -29.53 32.15
CA LYS L 119 -12.65 -29.79 32.26
C LYS L 119 -13.41 -28.71 31.51
N VAL L 120 -14.10 -29.10 30.43
CA VAL L 120 -14.74 -28.15 29.54
C VAL L 120 -16.18 -27.92 29.98
N VAL L 121 -16.65 -26.68 29.85
CA VAL L 121 -18.03 -26.35 30.16
C VAL L 121 -18.81 -25.82 28.97
N GLN L 122 -18.14 -25.39 27.91
CA GLN L 122 -18.85 -24.88 26.74
C GLN L 122 -18.00 -25.12 25.50
N VAL L 123 -18.68 -25.40 24.37
CA VAL L 123 -18.04 -25.58 23.08
C VAL L 123 -18.79 -24.74 22.06
N SER L 124 -18.11 -24.47 20.94
CA SER L 124 -18.72 -23.73 19.83
C SER L 124 -18.01 -24.14 18.55
N ALA L 125 -18.77 -24.62 17.58
CA ALA L 125 -18.22 -25.11 16.33
C ALA L 125 -18.47 -24.09 15.24
N GLY L 126 -17.41 -23.66 14.58
CA GLY L 126 -17.52 -22.77 13.45
C GLY L 126 -17.69 -23.55 12.17
N ASP L 127 -16.76 -23.37 11.24
CA ASP L 127 -16.83 -24.04 9.94
C ASP L 127 -15.72 -25.07 9.78
N SER L 128 -14.47 -24.67 10.01
CA SER L 128 -13.35 -25.59 10.02
C SER L 128 -12.59 -25.55 11.35
N HIS L 129 -13.18 -24.98 12.39
CA HIS L 129 -12.55 -24.87 13.69
C HIS L 129 -13.56 -25.21 14.77
N THR L 130 -13.07 -25.33 15.99
CA THR L 130 -13.92 -25.47 17.16
C THR L 130 -13.24 -24.81 18.34
N ALA L 131 -14.03 -24.18 19.19
CA ALA L 131 -13.54 -23.59 20.42
C ALA L 131 -14.18 -24.32 21.59
N ALA L 132 -13.34 -24.76 22.52
CA ALA L 132 -13.79 -25.30 23.79
C ALA L 132 -13.38 -24.34 24.89
N LEU L 133 -14.27 -24.11 25.83
CA LEU L 133 -14.02 -23.20 26.94
C LEU L 133 -13.95 -24.00 28.23
N THR L 134 -12.94 -23.70 29.04
CA THR L 134 -12.68 -24.44 30.27
C THR L 134 -13.40 -23.78 31.45
N ASP L 135 -13.55 -24.56 32.52
CA ASP L 135 -14.17 -24.03 33.73
C ASP L 135 -13.43 -22.80 34.25
N ASP L 136 -12.10 -22.81 34.14
CA ASP L 136 -11.30 -21.68 34.63
C ASP L 136 -11.57 -20.42 33.82
N GLY L 137 -11.82 -20.55 32.53
CA GLY L 137 -11.98 -19.42 31.66
C GLY L 137 -10.99 -19.35 30.52
N ARG L 138 -10.38 -20.47 30.18
CA ARG L 138 -9.36 -20.54 29.11
C ARG L 138 -9.97 -21.18 27.87
N VAL L 139 -9.75 -20.58 26.71
CA VAL L 139 -10.34 -21.05 25.47
C VAL L 139 -9.35 -21.98 24.79
N PHE L 140 -9.83 -23.16 24.41
CA PHE L 140 -9.06 -24.11 23.61
C PHE L 140 -9.64 -24.11 22.21
N LEU L 141 -8.79 -23.87 21.23
CA LEU L 141 -9.22 -23.52 19.89
C LEU L 141 -8.42 -24.35 18.90
N TRP L 142 -9.11 -25.20 18.14
CA TRP L 142 -8.45 -26.08 17.20
C TRP L 142 -9.15 -26.03 15.84
N GLY L 143 -8.40 -26.40 14.82
CA GLY L 143 -8.86 -26.34 13.45
C GLY L 143 -8.12 -25.30 12.65
N SER L 144 -8.86 -24.46 11.93
CA SER L 144 -8.27 -23.41 11.14
C SER L 144 -9.36 -22.42 10.79
N PHE L 145 -8.95 -21.31 10.19
CA PHE L 145 -9.87 -20.31 9.67
C PHE L 145 -9.71 -20.21 8.16
N ARG L 146 -10.81 -19.93 7.47
CA ARG L 146 -10.82 -19.77 6.03
C ARG L 146 -11.36 -18.40 5.67
N ASP L 147 -10.66 -17.72 4.77
CA ASP L 147 -11.15 -16.51 4.14
C ASP L 147 -11.66 -16.86 2.74
N ASN L 148 -11.94 -15.84 1.96
CA ASN L 148 -12.42 -16.08 0.60
C ASN L 148 -11.31 -16.45 -0.35
N ASN L 149 -10.12 -16.77 0.13
CA ASN L 149 -8.98 -17.12 -0.73
C ASN L 149 -8.22 -18.34 -0.27
N GLY L 150 -8.68 -19.04 0.76
CA GLY L 150 -8.03 -20.25 1.22
C GLY L 150 -8.01 -20.27 2.73
N VAL L 151 -7.02 -20.97 3.26
CA VAL L 151 -6.82 -21.10 4.70
C VAL L 151 -5.84 -20.02 5.15
N ILE L 152 -6.09 -19.43 6.31
CA ILE L 152 -5.20 -18.42 6.87
C ILE L 152 -4.64 -18.83 8.21
N GLY L 153 -4.89 -20.04 8.68
CA GLY L 153 -4.35 -20.53 9.93
C GLY L 153 -5.33 -20.39 11.08
N LEU L 154 -4.84 -20.72 12.27
CA LEU L 154 -5.66 -20.66 13.48
C LEU L 154 -5.16 -19.61 14.46
N LEU L 155 -3.89 -19.68 14.86
CA LEU L 155 -3.31 -18.67 15.74
C LEU L 155 -2.01 -18.16 15.13
N GLU L 156 -1.33 -19.00 14.38
CA GLU L 156 -0.18 -18.61 13.59
C GLU L 156 -0.59 -18.49 12.14
N PRO L 157 -0.26 -17.40 11.44
CA PRO L 157 -0.72 -17.25 10.07
C PRO L 157 -0.29 -18.42 9.19
N MET L 158 -1.28 -19.05 8.57
CA MET L 158 -1.10 -20.10 7.58
C MET L 158 -0.73 -21.45 8.21
N LYS L 159 -0.97 -21.63 9.51
CA LYS L 159 -0.75 -22.91 10.16
C LYS L 159 -1.96 -23.25 11.02
N LYS L 160 -2.38 -24.51 10.95
CA LYS L 160 -3.62 -24.97 11.57
C LYS L 160 -3.31 -25.94 12.70
N SER L 161 -4.00 -25.75 13.83
CA SER L 161 -3.79 -26.57 15.02
C SER L 161 -4.64 -27.82 14.90
N MET L 162 -3.97 -28.96 14.73
CA MET L 162 -4.68 -30.24 14.69
C MET L 162 -5.07 -30.73 16.06
N VAL L 163 -4.61 -30.06 17.12
CA VAL L 163 -4.94 -30.44 18.49
C VAL L 163 -5.33 -29.17 19.25
N PRO L 164 -5.98 -29.32 20.39
CA PRO L 164 -6.40 -28.13 21.15
C PRO L 164 -5.21 -27.25 21.48
N VAL L 165 -5.43 -25.93 21.35
CA VAL L 165 -4.41 -24.93 21.64
C VAL L 165 -5.06 -23.83 22.46
N GLN L 166 -4.34 -23.33 23.45
CA GLN L 166 -4.88 -22.29 24.32
C GLN L 166 -4.69 -20.93 23.67
N VAL L 167 -5.79 -20.19 23.54
CA VAL L 167 -5.76 -18.83 23.01
C VAL L 167 -5.25 -17.92 24.12
N GLN L 168 -4.12 -17.29 23.89
CA GLN L 168 -3.49 -16.48 24.93
C GLN L 168 -4.34 -15.24 25.19
N LEU L 169 -4.98 -15.21 26.35
CA LEU L 169 -5.82 -14.08 26.75
C LEU L 169 -5.45 -13.67 28.16
N ASP L 170 -5.40 -12.35 28.39
CA ASP L 170 -5.18 -11.82 29.72
C ASP L 170 -6.42 -11.87 30.59
N VAL L 171 -7.58 -12.23 30.03
CA VAL L 171 -8.84 -12.23 30.76
C VAL L 171 -9.51 -13.58 30.56
N PRO L 172 -10.25 -14.10 31.54
CA PRO L 172 -11.00 -15.33 31.32
C PRO L 172 -12.18 -15.11 30.39
N VAL L 173 -12.63 -16.21 29.78
CA VAL L 173 -13.70 -16.18 28.79
C VAL L 173 -14.92 -16.87 29.41
N VAL L 174 -16.07 -16.20 29.35
CA VAL L 174 -17.31 -16.75 29.88
C VAL L 174 -18.20 -17.34 28.79
N LYS L 175 -17.90 -17.09 27.53
CA LYS L 175 -18.69 -17.65 26.44
C LYS L 175 -17.87 -17.56 25.16
N VAL L 176 -18.07 -18.55 24.30
CA VAL L 176 -17.48 -18.56 22.97
C VAL L 176 -18.57 -18.85 21.96
N ALA L 177 -18.70 -17.99 20.97
CA ALA L 177 -19.65 -18.16 19.88
C ALA L 177 -18.90 -18.11 18.57
N SER L 178 -19.17 -19.08 17.70
CA SER L 178 -18.43 -19.23 16.45
C SER L 178 -19.40 -19.05 15.29
N GLY L 179 -19.04 -18.17 14.37
CA GLY L 179 -19.63 -18.15 13.06
C GLY L 179 -18.86 -19.07 12.15
N ASN L 180 -18.97 -18.82 10.85
CA ASN L 180 -18.27 -19.67 9.91
C ASN L 180 -16.75 -19.53 10.05
N ASP L 181 -16.25 -18.30 10.03
CA ASP L 181 -14.81 -18.08 9.94
C ASP L 181 -14.36 -17.00 10.92
N HIS L 182 -15.02 -16.90 12.06
CA HIS L 182 -14.55 -16.04 13.13
C HIS L 182 -15.04 -16.59 14.45
N LEU L 183 -14.38 -16.16 15.53
CA LEU L 183 -14.65 -16.66 16.87
C LEU L 183 -14.79 -15.47 17.80
N VAL L 184 -15.96 -15.31 18.40
CA VAL L 184 -16.25 -14.19 19.28
C VAL L 184 -16.21 -14.71 20.71
N MET L 185 -15.24 -14.23 21.48
CA MET L 185 -15.03 -14.64 22.87
C MET L 185 -15.49 -13.52 23.78
N LEU L 186 -16.43 -13.83 24.67
CA LEU L 186 -16.99 -12.85 25.59
C LEU L 186 -16.34 -13.04 26.95
N THR L 187 -15.64 -12.02 27.42
CA THR L 187 -14.88 -12.10 28.66
C THR L 187 -15.78 -11.83 29.85
N ALA L 188 -15.29 -12.18 31.04
CA ALA L 188 -16.07 -11.99 32.25
C ALA L 188 -16.39 -10.52 32.49
N ASP L 189 -15.55 -9.62 32.00
CA ASP L 189 -15.78 -8.19 32.15
C ASP L 189 -16.73 -7.62 31.11
N GLY L 190 -17.02 -8.37 30.05
CA GLY L 190 -17.95 -7.93 29.03
C GLY L 190 -17.33 -7.59 27.70
N ASP L 191 -16.01 -7.57 27.60
CA ASP L 191 -15.37 -7.25 26.33
C ASP L 191 -15.68 -8.33 25.30
N LEU L 192 -15.22 -8.11 24.08
CA LEU L 192 -15.51 -9.00 22.96
C LEU L 192 -14.24 -9.18 22.17
N TYR L 193 -13.74 -10.42 22.12
CA TYR L 193 -12.52 -10.75 21.40
C TYR L 193 -12.86 -11.55 20.16
N THR L 194 -12.22 -11.19 19.05
CA THR L 194 -12.54 -11.73 17.75
C THR L 194 -11.27 -12.13 17.03
N LEU L 195 -11.34 -13.19 16.24
CA LEU L 195 -10.23 -13.62 15.40
C LEU L 195 -10.77 -14.52 14.29
N GLY L 196 -10.11 -14.50 13.15
CA GLY L 196 -10.50 -15.27 11.99
C GLY L 196 -10.56 -14.38 10.78
N CYS L 197 -11.34 -14.81 9.79
CA CYS L 197 -11.55 -13.99 8.61
C CYS L 197 -12.34 -12.74 8.96
N GLY L 198 -11.95 -11.61 8.38
CA GLY L 198 -12.64 -10.36 8.61
C GLY L 198 -12.99 -9.64 7.33
N GLU L 199 -13.12 -10.40 6.24
CA GLU L 199 -13.33 -9.79 4.93
C GLU L 199 -14.66 -9.08 4.83
N GLN L 200 -15.70 -9.60 5.49
CA GLN L 200 -17.03 -9.02 5.45
C GLN L 200 -17.39 -8.28 6.73
N GLY L 201 -16.38 -7.89 7.51
CA GLY L 201 -16.60 -7.12 8.72
C GLY L 201 -16.96 -7.92 9.95
N GLN L 202 -16.95 -9.25 9.89
CA GLN L 202 -17.43 -10.04 11.01
C GLN L 202 -16.61 -9.81 12.27
N LEU L 203 -15.31 -9.60 12.14
CA LEU L 203 -14.49 -9.35 13.32
C LEU L 203 -14.89 -8.06 14.02
N GLY L 204 -15.28 -7.05 13.26
CA GLY L 204 -15.72 -5.81 13.85
C GLY L 204 -14.62 -4.87 14.24
N ARG L 205 -13.37 -5.18 13.90
CA ARG L 205 -12.24 -4.33 14.25
C ARG L 205 -11.23 -4.16 13.14
N VAL L 206 -11.42 -4.79 11.98
CA VAL L 206 -10.50 -4.68 10.86
C VAL L 206 -11.19 -3.90 9.75
N PRO L 207 -10.70 -2.72 9.36
CA PRO L 207 -11.37 -1.96 8.29
C PRO L 207 -11.37 -2.71 6.98
N GLU L 208 -12.09 -2.15 6.01
CA GLU L 208 -12.18 -2.78 4.70
C GLU L 208 -10.87 -2.69 3.94
N LEU L 209 -10.12 -1.60 4.13
CA LEU L 209 -8.82 -1.47 3.47
C LEU L 209 -7.88 -2.59 3.89
N PHE L 210 -8.04 -3.10 5.11
CA PHE L 210 -7.15 -4.09 5.68
C PHE L 210 -7.79 -5.44 5.85
N ALA L 211 -9.05 -5.61 5.47
CA ALA L 211 -9.73 -6.87 5.68
C ALA L 211 -9.14 -7.98 4.83
N ASN L 212 -8.45 -7.64 3.74
CA ASN L 212 -7.84 -8.64 2.87
C ASN L 212 -6.52 -9.09 3.50
N ARG L 213 -6.65 -9.97 4.48
CA ARG L 213 -5.49 -10.57 5.16
C ARG L 213 -4.62 -9.50 5.82
N GLY L 214 -5.26 -8.52 6.44
CA GLY L 214 -4.53 -7.55 7.22
C GLY L 214 -3.66 -6.62 6.40
N GLY L 215 -3.73 -6.67 5.08
CA GLY L 215 -2.90 -5.80 4.28
C GLY L 215 -1.43 -6.05 4.54
N ARG L 216 -0.69 -4.97 4.78
CA ARG L 216 0.76 -5.08 4.96
C ARG L 216 1.11 -5.71 6.29
N GLN L 217 0.37 -5.37 7.35
CA GLN L 217 0.66 -5.94 8.66
C GLN L 217 0.56 -7.45 8.66
N GLY L 218 -0.19 -8.02 7.73
CA GLY L 218 -0.28 -9.45 7.61
C GLY L 218 -1.40 -10.04 8.41
N LEU L 219 -1.47 -11.37 8.38
CA LEU L 219 -2.53 -12.11 9.04
C LEU L 219 -2.40 -12.08 10.55
N GLU L 220 -1.30 -11.58 11.09
CA GLU L 220 -1.21 -11.39 12.54
C GLU L 220 -2.29 -10.44 13.05
N ARG L 221 -2.84 -9.59 12.18
CA ARG L 221 -3.91 -8.69 12.58
C ARG L 221 -5.24 -9.42 12.66
N LEU L 222 -5.46 -10.42 11.81
CA LEU L 222 -6.72 -11.13 11.74
C LEU L 222 -6.78 -12.36 12.64
N LEU L 223 -5.70 -12.72 13.30
CA LEU L 223 -5.61 -14.02 13.94
C LEU L 223 -5.09 -13.95 15.36
N VAL L 224 -4.67 -12.79 15.83
CA VAL L 224 -4.31 -12.56 17.23
C VAL L 224 -5.50 -11.89 17.90
N PRO L 225 -6.04 -12.45 18.98
CA PRO L 225 -7.25 -11.88 19.57
C PRO L 225 -7.06 -10.41 19.95
N LYS L 226 -8.09 -9.61 19.68
CA LYS L 226 -8.11 -8.22 20.09
C LYS L 226 -9.55 -7.78 20.26
N CYS L 227 -9.76 -6.79 21.12
CA CYS L 227 -11.09 -6.36 21.46
C CYS L 227 -11.74 -5.62 20.29
N VAL L 228 -13.06 -5.66 20.25
CA VAL L 228 -13.84 -4.85 19.32
C VAL L 228 -14.06 -3.50 19.99
N MET L 229 -13.20 -2.54 19.68
CA MET L 229 -13.26 -1.22 20.30
C MET L 229 -14.41 -0.46 19.67
N LEU L 230 -15.51 -0.36 20.41
CA LEU L 230 -16.75 0.22 19.87
C LEU L 230 -16.86 1.67 20.35
N LYS L 231 -15.90 2.48 19.93
CA LYS L 231 -15.90 3.91 20.20
C LYS L 231 -16.14 4.17 21.69
N SER L 232 -16.42 5.41 22.06
CA SER L 232 -16.83 5.73 23.42
C SER L 232 -18.35 5.83 23.52
N ARG L 233 -19.05 4.76 23.14
CA ARG L 233 -20.51 4.76 23.22
C ARG L 233 -21.03 4.76 24.64
N GLY L 234 -20.18 4.48 25.62
CA GLY L 234 -20.57 4.58 27.01
C GLY L 234 -19.98 5.82 27.65
N SER L 235 -19.75 6.85 26.85
CA SER L 235 -19.10 8.09 27.30
C SER L 235 -17.66 7.71 27.67
N ARG L 236 -17.19 8.03 28.87
CA ARG L 236 -15.81 7.72 29.24
C ARG L 236 -15.49 6.25 29.07
N GLY L 237 -16.46 5.37 29.30
CA GLY L 237 -16.25 3.95 29.20
C GLY L 237 -16.86 3.36 27.93
N HIS L 238 -16.23 2.30 27.42
CA HIS L 238 -16.73 1.59 26.27
C HIS L 238 -17.96 0.76 26.66
N VAL L 239 -18.69 0.31 25.64
CA VAL L 239 -19.86 -0.52 25.90
C VAL L 239 -19.41 -1.90 26.37
N ARG L 240 -20.13 -2.44 27.35
CA ARG L 240 -19.84 -3.76 27.90
C ARG L 240 -21.00 -4.69 27.52
N PHE L 241 -20.67 -5.81 26.92
CA PHE L 241 -21.65 -6.75 26.41
C PHE L 241 -21.92 -7.86 27.41
N GLN L 242 -23.17 -8.31 27.45
CA GLN L 242 -23.57 -9.41 28.30
C GLN L 242 -23.79 -10.70 27.53
N ASP L 243 -24.02 -10.63 26.21
CA ASP L 243 -24.20 -11.81 25.39
C ASP L 243 -23.68 -11.48 24.00
N ALA L 244 -23.22 -12.52 23.30
CA ALA L 244 -22.70 -12.36 21.95
C ALA L 244 -23.06 -13.59 21.16
N PHE L 245 -23.51 -13.39 19.94
CA PHE L 245 -23.93 -14.46 19.06
C PHE L 245 -23.25 -14.30 17.72
N CYS L 246 -23.43 -15.29 16.86
CA CYS L 246 -22.76 -15.30 15.57
C CYS L 246 -23.63 -16.04 14.57
N GLY L 247 -24.00 -15.35 13.50
CA GLY L 247 -24.47 -16.00 12.31
C GLY L 247 -23.28 -16.47 11.49
N ALA L 248 -23.54 -16.79 10.23
CA ALA L 248 -22.47 -17.31 9.39
C ALA L 248 -21.35 -16.29 9.23
N TYR L 249 -21.71 -15.03 8.98
CA TYR L 249 -20.75 -14.02 8.59
C TYR L 249 -20.93 -12.72 9.35
N PHE L 250 -21.82 -12.69 10.34
CA PHE L 250 -22.09 -11.48 11.08
C PHE L 250 -22.23 -11.83 12.56
N THR L 251 -22.04 -10.82 13.39
CA THR L 251 -22.04 -10.98 14.83
C THR L 251 -23.07 -10.04 15.43
N PHE L 252 -23.79 -10.53 16.43
CA PHE L 252 -24.69 -9.71 17.24
C PHE L 252 -24.17 -9.70 18.66
N ALA L 253 -23.95 -8.51 19.20
CA ALA L 253 -23.53 -8.35 20.58
C ALA L 253 -24.57 -7.53 21.31
N ILE L 254 -25.30 -8.17 22.23
CA ILE L 254 -26.30 -7.48 23.03
C ILE L 254 -25.59 -6.83 24.20
N SER L 255 -25.79 -5.53 24.36
CA SER L 255 -25.11 -4.77 25.39
C SER L 255 -25.77 -4.99 26.76
N HIS L 256 -25.15 -4.44 27.79
CA HIS L 256 -25.76 -4.47 29.11
C HIS L 256 -27.10 -3.74 29.13
N GLU L 257 -27.22 -2.64 28.38
CA GLU L 257 -28.42 -1.84 28.38
C GLU L 257 -29.52 -2.44 27.50
N GLY L 258 -29.24 -3.53 26.78
CA GLY L 258 -30.20 -4.14 25.90
C GLY L 258 -29.97 -3.85 24.44
N HIS L 259 -29.16 -2.86 24.11
CA HIS L 259 -28.91 -2.52 22.72
C HIS L 259 -28.26 -3.66 21.99
N VAL L 260 -28.64 -3.85 20.73
CA VAL L 260 -28.11 -4.91 19.89
C VAL L 260 -27.17 -4.28 18.88
N TYR L 261 -25.90 -4.66 18.94
CA TYR L 261 -24.90 -4.21 17.99
C TYR L 261 -24.62 -5.32 17.00
N GLY L 262 -24.62 -4.98 15.72
CA GLY L 262 -24.38 -5.95 14.68
C GLY L 262 -23.30 -5.54 13.72
N PHE L 263 -22.24 -6.31 13.64
CA PHE L 263 -21.17 -6.09 12.69
C PHE L 263 -21.01 -7.33 11.82
N GLY L 264 -20.95 -7.13 10.52
CA GLY L 264 -20.79 -8.22 9.60
C GLY L 264 -21.45 -7.98 8.26
N LEU L 265 -21.91 -9.05 7.63
CA LEU L 265 -22.53 -8.98 6.32
C LEU L 265 -23.99 -8.54 6.45
N SER L 266 -24.39 -7.58 5.62
CA SER L 266 -25.78 -7.12 5.62
C SER L 266 -26.27 -6.88 4.21
N ASN L 267 -25.79 -7.65 3.24
CA ASN L 267 -26.21 -7.46 1.87
C ASN L 267 -27.69 -7.76 1.66
N TYR L 268 -28.29 -8.58 2.53
CA TYR L 268 -29.72 -8.87 2.48
C TYR L 268 -30.46 -8.30 3.67
N HIS L 269 -29.89 -7.31 4.34
CA HIS L 269 -30.51 -6.69 5.52
C HIS L 269 -30.67 -7.69 6.65
N GLN L 270 -29.77 -8.66 6.75
CA GLN L 270 -29.81 -9.64 7.82
C GLN L 270 -29.26 -9.10 9.13
N LEU L 271 -28.68 -7.91 9.12
CA LEU L 271 -28.30 -7.21 10.34
C LEU L 271 -29.36 -6.24 10.81
N GLY L 272 -30.45 -6.10 10.09
CA GLY L 272 -31.45 -5.10 10.41
C GLY L 272 -31.11 -3.72 9.93
N THR L 273 -30.04 -3.56 9.16
CA THR L 273 -29.65 -2.26 8.65
C THR L 273 -30.59 -1.83 7.52
N PRO L 274 -30.66 -0.53 7.22
CA PRO L 274 -31.53 -0.08 6.13
C PRO L 274 -30.94 -0.27 4.76
N GLY L 275 -29.63 -0.43 4.65
CA GLY L 275 -28.99 -0.62 3.36
C GLY L 275 -28.37 -1.99 3.22
N THR L 276 -27.57 -2.18 2.17
CA THR L 276 -26.97 -3.48 1.87
C THR L 276 -25.46 -3.48 2.12
N GLU L 277 -24.90 -2.44 2.71
CA GLU L 277 -23.48 -2.37 2.93
C GLU L 277 -23.06 -3.25 4.10
N SER L 278 -21.87 -3.83 3.99
CA SER L 278 -21.30 -4.62 5.08
C SER L 278 -20.83 -3.69 6.18
N CYS L 279 -21.24 -3.97 7.42
CA CYS L 279 -20.88 -3.14 8.56
C CYS L 279 -19.55 -3.63 9.10
N PHE L 280 -18.48 -2.85 8.85
CA PHE L 280 -17.15 -3.23 9.26
C PHE L 280 -16.78 -2.74 10.66
N ILE L 281 -17.60 -1.88 11.25
CA ILE L 281 -17.46 -1.52 12.66
C ILE L 281 -18.82 -1.76 13.30
N PRO L 282 -18.90 -2.10 14.58
CA PRO L 282 -20.20 -2.41 15.17
C PRO L 282 -21.14 -1.22 15.04
N GLN L 283 -22.39 -1.52 14.71
CA GLN L 283 -23.40 -0.51 14.42
C GLN L 283 -24.62 -0.78 15.30
N ASN L 284 -25.02 0.22 16.07
CA ASN L 284 -26.25 0.13 16.86
C ASN L 284 -27.43 0.05 15.92
N LEU L 285 -28.06 -1.12 15.84
CA LEU L 285 -29.10 -1.37 14.86
C LEU L 285 -30.41 -0.77 15.34
N THR L 286 -30.87 0.29 14.66
CA THR L 286 -32.11 0.95 15.05
C THR L 286 -33.32 0.05 14.83
N SER L 287 -33.17 -0.99 14.03
CA SER L 287 -34.31 -1.91 13.74
C SER L 287 -34.75 -2.60 15.04
N PHE L 288 -33.81 -2.99 15.88
CA PHE L 288 -34.10 -3.68 17.13
C PHE L 288 -34.32 -2.74 18.30
N LYS L 289 -34.07 -1.45 18.13
CA LYS L 289 -34.11 -0.52 19.24
C LYS L 289 -35.52 -0.39 19.80
N ASN L 290 -35.73 -0.91 21.00
CA ASN L 290 -37.03 -0.89 21.64
C ASN L 290 -36.83 -0.92 23.15
N SER L 291 -37.90 -0.56 23.88
CA SER L 291 -37.88 -0.55 25.33
C SER L 291 -38.98 -1.38 25.97
N THR L 292 -40.07 -1.69 25.26
CA THR L 292 -41.12 -2.52 25.84
C THR L 292 -40.74 -3.98 25.92
N LYS L 293 -39.75 -4.41 25.14
CA LYS L 293 -39.28 -5.79 25.14
C LYS L 293 -37.76 -5.78 25.13
N SER L 294 -37.18 -6.97 25.31
CA SER L 294 -35.73 -7.13 25.30
C SER L 294 -35.36 -8.30 24.40
N TRP L 295 -34.18 -8.20 23.79
CA TRP L 295 -33.68 -9.24 22.91
C TRP L 295 -32.74 -10.14 23.69
N VAL L 296 -33.05 -11.43 23.73
CA VAL L 296 -32.33 -12.39 24.54
C VAL L 296 -31.80 -13.57 23.74
N GLY L 297 -31.88 -13.53 22.41
CA GLY L 297 -31.37 -14.63 21.63
C GLY L 297 -31.23 -14.27 20.16
N PHE L 298 -30.18 -14.76 19.52
CA PHE L 298 -29.93 -14.48 18.12
C PHE L 298 -29.33 -15.71 17.47
N SER L 299 -29.49 -15.78 16.15
CA SER L 299 -28.97 -16.89 15.36
C SER L 299 -29.22 -16.56 13.91
N GLY L 300 -28.23 -16.83 13.08
CA GLY L 300 -28.33 -16.49 11.68
C GLY L 300 -27.65 -17.51 10.80
N GLY L 301 -28.09 -17.57 9.55
CA GLY L 301 -27.37 -18.28 8.52
C GLY L 301 -26.51 -17.29 7.77
N GLN L 302 -26.42 -17.44 6.45
CA GLN L 302 -25.69 -16.45 5.68
C GLN L 302 -26.49 -15.16 5.54
N HIS L 303 -27.80 -15.29 5.33
CA HIS L 303 -28.60 -14.19 4.83
C HIS L 303 -29.90 -13.98 5.59
N HIS L 304 -30.10 -14.66 6.72
CA HIS L 304 -31.29 -14.46 7.53
C HIS L 304 -30.91 -14.52 9.00
N THR L 305 -31.74 -13.88 9.82
CA THR L 305 -31.53 -13.83 11.26
C THR L 305 -32.84 -14.16 11.96
N VAL L 306 -32.77 -15.01 12.98
CA VAL L 306 -33.90 -15.30 13.84
C VAL L 306 -33.52 -14.91 15.25
N CYS L 307 -34.38 -14.14 15.90
CA CYS L 307 -34.14 -13.64 17.25
C CYS L 307 -35.40 -13.75 18.08
N MET L 308 -35.24 -14.02 19.36
CA MET L 308 -36.33 -14.13 20.30
C MET L 308 -36.23 -13.01 21.33
N ASP L 309 -37.35 -12.68 21.95
CA ASP L 309 -37.40 -11.66 22.97
C ASP L 309 -37.84 -12.26 24.30
N SER L 310 -37.73 -11.45 25.35
CA SER L 310 -38.03 -11.94 26.70
C SER L 310 -39.45 -12.44 26.81
N GLU L 311 -40.37 -11.95 25.96
CA GLU L 311 -41.74 -12.44 25.97
C GLU L 311 -41.86 -13.84 25.41
N GLY L 312 -40.83 -14.34 24.74
CA GLY L 312 -40.90 -15.66 24.14
C GLY L 312 -41.42 -15.69 22.73
N LYS L 313 -41.40 -14.56 22.03
CA LYS L 313 -41.82 -14.49 20.64
C LYS L 313 -40.59 -14.48 19.74
N ALA L 314 -40.69 -15.16 18.61
CA ALA L 314 -39.57 -15.29 17.68
C ALA L 314 -39.80 -14.41 16.47
N TYR L 315 -38.79 -13.63 16.12
CA TYR L 315 -38.83 -12.77 14.93
C TYR L 315 -37.80 -13.25 13.92
N SER L 316 -37.97 -12.81 12.69
CA SER L 316 -37.01 -13.09 11.62
C SER L 316 -36.82 -11.84 10.77
N LEU L 317 -35.63 -11.74 10.17
CA LEU L 317 -35.34 -10.67 9.23
C LEU L 317 -34.27 -11.14 8.27
N GLY L 318 -34.20 -10.47 7.13
CA GLY L 318 -33.20 -10.76 6.13
C GLY L 318 -33.77 -11.40 4.89
N ARG L 319 -32.93 -12.07 4.11
CA ARG L 319 -33.37 -12.74 2.90
C ARG L 319 -34.62 -13.55 3.18
N ALA L 320 -35.54 -13.53 2.22
CA ALA L 320 -36.82 -14.21 2.38
C ALA L 320 -36.99 -15.43 1.50
N GLU L 321 -35.95 -15.85 0.79
CA GLU L 321 -36.08 -16.94 -0.16
C GLU L 321 -36.07 -18.29 0.55
N TYR L 322 -36.95 -19.18 0.12
CA TYR L 322 -37.11 -20.53 0.66
C TYR L 322 -37.64 -20.53 2.10
N GLY L 323 -38.29 -19.45 2.52
CA GLY L 323 -38.92 -19.43 3.82
C GLY L 323 -37.97 -19.26 4.98
N ARG L 324 -36.78 -18.71 4.74
CA ARG L 324 -35.83 -18.54 5.83
C ARG L 324 -36.46 -17.82 7.01
N LEU L 325 -37.29 -16.82 6.73
CA LEU L 325 -37.83 -15.95 7.77
C LEU L 325 -38.96 -16.60 8.54
N GLY L 326 -39.64 -17.58 7.97
CA GLY L 326 -40.70 -18.25 8.67
C GLY L 326 -42.02 -17.54 8.50
N LEU L 327 -41.95 -16.29 8.07
CA LEU L 327 -43.16 -15.55 7.75
C LEU L 327 -43.90 -16.26 6.62
N GLY L 328 -45.22 -16.24 6.70
CA GLY L 328 -46.03 -17.03 5.78
C GLY L 328 -45.60 -16.92 4.33
N GLU L 329 -45.96 -17.94 3.54
CA GLU L 329 -45.59 -17.99 2.13
C GLU L 329 -45.84 -16.64 1.46
N GLY L 330 -44.98 -16.28 0.51
CA GLY L 330 -45.07 -15.00 -0.15
C GLY L 330 -44.38 -13.85 0.55
N ALA L 331 -43.76 -14.11 1.70
CA ALA L 331 -43.06 -13.04 2.40
C ALA L 331 -41.88 -12.55 1.57
N GLU L 332 -41.62 -11.25 1.66
CA GLU L 332 -40.53 -10.62 0.94
C GLU L 332 -39.43 -10.24 1.92
N GLU L 333 -38.29 -9.84 1.37
CA GLU L 333 -37.13 -9.51 2.18
C GLU L 333 -37.49 -8.48 3.23
N LYS L 334 -37.06 -8.74 4.47
CA LYS L 334 -37.37 -7.88 5.60
C LYS L 334 -36.10 -7.25 6.13
N SER L 335 -36.13 -5.93 6.28
CA SER L 335 -35.04 -5.19 6.90
C SER L 335 -35.33 -4.82 8.35
N ILE L 336 -36.46 -5.25 8.88
CA ILE L 336 -36.81 -5.03 10.28
C ILE L 336 -37.26 -6.36 10.89
N PRO L 337 -37.13 -6.56 12.19
CA PRO L 337 -37.60 -7.82 12.79
C PRO L 337 -39.10 -7.98 12.62
N THR L 338 -39.50 -9.07 11.97
CA THR L 338 -40.89 -9.40 11.73
C THR L 338 -41.30 -10.56 12.62
N LEU L 339 -42.51 -10.49 13.18
CA LEU L 339 -42.99 -11.53 14.06
C LEU L 339 -43.31 -12.80 13.28
N ILE L 340 -42.85 -13.94 13.78
CA ILE L 340 -43.26 -15.25 13.26
C ILE L 340 -44.51 -15.62 14.04
N SER L 341 -45.67 -15.17 13.54
CA SER L 341 -46.90 -15.30 14.30
C SER L 341 -47.27 -16.76 14.56
N ARG L 342 -46.90 -17.65 13.65
CA ARG L 342 -47.36 -19.04 13.75
C ARG L 342 -46.80 -19.78 14.96
N LEU L 343 -45.73 -19.28 15.58
CA LEU L 343 -45.11 -20.01 16.67
C LEU L 343 -45.82 -19.76 18.00
N PRO L 344 -45.79 -20.74 18.90
CA PRO L 344 -46.12 -20.46 20.30
C PRO L 344 -44.92 -19.87 21.03
N ALA L 345 -45.02 -19.72 22.35
CA ALA L 345 -43.88 -19.21 23.11
C ALA L 345 -42.66 -20.08 22.86
N VAL L 346 -41.51 -19.43 22.68
CA VAL L 346 -40.28 -20.11 22.31
C VAL L 346 -39.22 -19.82 23.38
N SER L 347 -38.45 -20.85 23.72
CA SER L 347 -37.35 -20.72 24.68
C SER L 347 -36.00 -20.53 24.01
N SER L 348 -35.81 -21.07 22.81
CA SER L 348 -34.55 -20.90 22.09
C SER L 348 -34.82 -20.95 20.59
N VAL L 349 -33.98 -20.25 19.83
CA VAL L 349 -34.05 -20.21 18.38
C VAL L 349 -32.66 -20.52 17.82
N ALA L 350 -32.64 -21.24 16.71
CA ALA L 350 -31.39 -21.59 16.07
C ALA L 350 -31.54 -21.44 14.57
N CYS L 351 -30.41 -21.18 13.90
CA CYS L 351 -30.37 -20.97 12.46
C CYS L 351 -29.31 -21.86 11.85
N GLY L 352 -29.63 -22.43 10.69
CA GLY L 352 -28.66 -23.06 9.83
C GLY L 352 -28.29 -22.15 8.69
N ALA L 353 -27.75 -22.75 7.63
CA ALA L 353 -27.40 -21.97 6.45
C ALA L 353 -28.63 -21.32 5.84
N SER L 354 -29.71 -22.08 5.70
CA SER L 354 -30.94 -21.56 5.11
C SER L 354 -32.18 -22.01 5.87
N VAL L 355 -32.06 -22.32 7.15
CA VAL L 355 -33.16 -22.82 7.94
C VAL L 355 -33.21 -22.06 9.26
N GLY L 356 -34.26 -22.31 10.02
CA GLY L 356 -34.40 -21.73 11.34
C GLY L 356 -35.25 -22.62 12.19
N TYR L 357 -34.97 -22.62 13.50
CA TYR L 357 -35.65 -23.48 14.44
C TYR L 357 -36.10 -22.65 15.64
N ALA L 358 -37.13 -23.16 16.31
CA ALA L 358 -37.60 -22.57 17.55
C ALA L 358 -38.03 -23.70 18.47
N VAL L 359 -37.50 -23.71 19.68
CA VAL L 359 -37.83 -24.71 20.68
C VAL L 359 -38.89 -24.12 21.58
N THR L 360 -40.05 -24.75 21.63
CA THR L 360 -41.14 -24.24 22.45
C THR L 360 -40.82 -24.44 23.92
N LYS L 361 -41.38 -23.57 24.77
CA LYS L 361 -41.03 -23.59 26.19
C LYS L 361 -41.43 -24.89 26.86
N ASP L 362 -42.29 -25.68 26.23
CA ASP L 362 -42.71 -26.97 26.77
C ASP L 362 -41.95 -28.14 26.15
N GLY L 363 -40.91 -27.86 25.37
CA GLY L 363 -40.01 -28.90 24.88
C GLY L 363 -40.12 -29.19 23.40
N ARG L 364 -41.21 -28.84 22.74
CA ARG L 364 -41.34 -29.09 21.32
C ARG L 364 -40.44 -28.16 20.52
N VAL L 365 -40.12 -28.57 19.30
CA VAL L 365 -39.23 -27.81 18.43
C VAL L 365 -39.91 -27.64 17.07
N PHE L 366 -39.92 -26.41 16.56
CA PHE L 366 -40.48 -26.07 15.26
C PHE L 366 -39.35 -25.72 14.30
N ALA L 367 -39.58 -25.97 13.01
CA ALA L 367 -38.58 -25.73 11.99
C ALA L 367 -39.20 -25.02 10.79
N TRP L 368 -38.38 -24.26 10.08
CA TRP L 368 -38.80 -23.61 8.85
C TRP L 368 -37.56 -23.36 7.99
N GLY L 369 -37.80 -23.12 6.71
CA GLY L 369 -36.74 -22.74 5.80
C GLY L 369 -36.49 -23.72 4.69
N MET L 370 -35.29 -23.69 4.12
CA MET L 370 -34.91 -24.64 3.10
C MET L 370 -34.97 -26.06 3.62
N GLY L 371 -35.54 -26.96 2.84
CA GLY L 371 -35.73 -28.33 3.26
C GLY L 371 -34.98 -29.36 2.45
N THR L 372 -34.23 -28.91 1.44
CA THR L 372 -33.50 -29.85 0.60
C THR L 372 -32.35 -30.51 1.35
N ASN L 373 -31.96 -29.95 2.49
CA ASN L 373 -31.02 -30.60 3.40
C ASN L 373 -31.71 -31.57 4.34
N TYR L 374 -33.03 -31.71 4.26
CA TYR L 374 -33.81 -32.52 5.18
C TYR L 374 -33.57 -32.08 6.62
N GLN L 375 -33.33 -30.80 6.81
CA GLN L 375 -33.06 -30.21 8.12
C GLN L 375 -34.34 -29.95 8.91
N LEU L 376 -35.50 -30.01 8.27
CA LEU L 376 -36.73 -29.55 8.92
C LEU L 376 -37.39 -30.60 9.80
N GLY L 377 -36.92 -31.85 9.77
CA GLY L 377 -37.57 -32.86 10.56
C GLY L 377 -38.98 -33.15 10.13
N THR L 378 -39.36 -32.77 8.92
CA THR L 378 -40.69 -33.01 8.39
C THR L 378 -40.77 -34.27 7.55
N GLY L 379 -39.63 -34.78 7.06
CA GLY L 379 -39.62 -35.93 6.21
C GLY L 379 -39.68 -35.64 4.73
N GLN L 380 -39.84 -34.38 4.35
CA GLN L 380 -39.94 -33.97 2.95
C GLN L 380 -38.90 -32.91 2.65
N ASP L 381 -38.47 -32.86 1.39
CA ASP L 381 -37.48 -31.88 0.96
C ASP L 381 -38.09 -30.51 0.68
N GLU L 382 -39.41 -30.38 0.74
CA GLU L 382 -40.06 -29.11 0.45
C GLU L 382 -39.67 -28.05 1.48
N ASP L 383 -39.69 -26.80 1.04
CA ASP L 383 -39.35 -25.69 1.91
C ASP L 383 -40.58 -25.30 2.72
N ALA L 384 -40.42 -25.21 4.02
CA ALA L 384 -41.51 -24.83 4.91
C ALA L 384 -41.46 -23.33 5.13
N TRP L 385 -42.41 -22.61 4.51
CA TRP L 385 -42.45 -21.17 4.67
C TRP L 385 -43.05 -20.77 6.02
N SER L 386 -43.96 -21.56 6.55
CA SER L 386 -44.48 -21.35 7.89
C SER L 386 -43.88 -22.36 8.86
N PRO L 387 -43.59 -21.98 10.11
CA PRO L 387 -43.02 -22.94 11.05
C PRO L 387 -43.92 -24.15 11.24
N VAL L 388 -43.30 -25.33 11.29
CA VAL L 388 -43.98 -26.58 11.55
C VAL L 388 -43.24 -27.33 12.64
N GLU L 389 -43.97 -28.15 13.39
CA GLU L 389 -43.40 -28.94 14.47
C GLU L 389 -42.61 -30.13 13.91
N MET L 390 -41.55 -30.50 14.62
CA MET L 390 -40.78 -31.69 14.30
C MET L 390 -41.31 -32.86 15.11
N MET L 391 -41.40 -34.02 14.48
CA MET L 391 -41.90 -35.22 15.11
C MET L 391 -40.97 -36.38 14.81
N GLY L 392 -41.23 -37.51 15.44
CA GLY L 392 -40.44 -38.71 15.25
C GLY L 392 -40.43 -39.55 16.51
N LYS L 393 -40.09 -40.82 16.34
CA LYS L 393 -40.08 -41.73 17.48
C LYS L 393 -39.07 -41.29 18.53
N GLN L 394 -38.05 -40.54 18.14
CA GLN L 394 -37.01 -40.10 19.05
C GLN L 394 -37.33 -38.77 19.70
N LEU L 395 -38.50 -38.20 19.43
CA LEU L 395 -38.98 -37.01 20.13
C LEU L 395 -40.21 -37.27 20.98
N GLU L 396 -40.93 -38.36 20.72
CA GLU L 396 -42.08 -38.70 21.54
C GLU L 396 -41.65 -39.04 22.96
N ASN L 397 -42.40 -38.55 23.93
CA ASN L 397 -42.09 -38.72 25.35
C ASN L 397 -40.77 -38.05 25.73
N ARG L 398 -40.32 -37.09 24.95
CA ARG L 398 -39.06 -36.41 25.22
C ARG L 398 -39.25 -34.90 25.06
N VAL L 399 -38.37 -34.16 25.72
CA VAL L 399 -38.37 -32.70 25.69
C VAL L 399 -37.06 -32.25 25.07
N VAL L 400 -37.15 -31.38 24.07
CA VAL L 400 -35.95 -30.86 23.42
C VAL L 400 -35.35 -29.78 24.32
N LEU L 401 -34.08 -29.94 24.64
CA LEU L 401 -33.38 -28.97 25.48
C LEU L 401 -32.70 -27.88 24.66
N SER L 402 -32.13 -28.24 23.52
CA SER L 402 -31.55 -27.26 22.63
C SER L 402 -31.49 -27.83 21.23
N VAL L 403 -31.36 -26.93 20.25
CA VAL L 403 -31.23 -27.31 18.86
C VAL L 403 -30.14 -26.42 18.24
N SER L 404 -29.28 -27.03 17.44
CA SER L 404 -28.29 -26.31 16.68
C SER L 404 -28.25 -26.90 15.27
N SER L 405 -27.87 -26.08 14.30
CA SER L 405 -27.82 -26.50 12.93
C SER L 405 -26.57 -25.94 12.26
N GLY L 406 -26.10 -26.65 11.25
CA GLY L 406 -25.00 -26.19 10.45
C GLY L 406 -25.41 -26.02 9.01
N GLY L 407 -24.49 -26.27 8.08
CA GLY L 407 -24.84 -26.16 6.68
C GLY L 407 -25.84 -27.21 6.23
N GLN L 408 -25.69 -28.43 6.73
CA GLN L 408 -26.46 -29.54 6.17
C GLN L 408 -26.95 -30.55 7.21
N HIS L 409 -26.92 -30.23 8.49
CA HIS L 409 -27.41 -31.17 9.49
C HIS L 409 -27.92 -30.39 10.70
N THR L 410 -28.74 -31.06 11.50
CA THR L 410 -29.28 -30.49 12.72
C THR L 410 -29.01 -31.44 13.88
N VAL L 411 -28.47 -30.89 14.97
CA VAL L 411 -28.10 -31.67 16.16
C VAL L 411 -29.05 -31.29 17.29
N LEU L 412 -29.74 -32.28 17.83
CA LEU L 412 -30.76 -32.06 18.85
C LEU L 412 -30.30 -32.63 20.18
N LEU L 413 -30.54 -31.88 21.25
CA LEU L 413 -30.30 -32.32 22.62
C LEU L 413 -31.65 -32.52 23.30
N VAL L 414 -31.93 -33.74 23.72
CA VAL L 414 -33.25 -34.11 24.23
C VAL L 414 -33.12 -34.74 25.61
N LYS L 415 -34.25 -34.82 26.29
CA LYS L 415 -34.35 -35.31 27.65
C LYS L 415 -35.54 -36.24 27.76
N ASP L 416 -35.37 -37.34 28.48
CA ASP L 416 -36.49 -38.22 28.74
C ASP L 416 -37.50 -37.52 29.64
N LYS L 417 -38.78 -37.68 29.34
CA LYS L 417 -39.82 -37.04 30.13
C LYS L 417 -40.21 -37.93 31.30
N GLU L 418 -40.61 -37.29 32.40
CA GLU L 418 -41.00 -38.00 33.60
C GLU L 418 -42.13 -38.98 33.33
#